data_2KJ4
#
_entry.id   2KJ4
#
loop_
_entity.id
_entity.type
_entity.pdbx_description
1 polymer plasminogen
2 polymer VEK-30
#
loop_
_entity_poly.entity_id
_entity_poly.type
_entity_poly.pdbx_seq_one_letter_code
_entity_poly.pdbx_strand_id
1 'polypeptide(L)'
;YVEFSEECMHGSGENYDGKISKTMSGLECQAWDSQSPHAHGYIPSKFPNKNLKKNYCRNPDRDLRPWCFTTDPNKRWEYC
DIPRCAA
;
A
2 'polypeptide(L)' GSVEKLTADAELQRLKNERHEEAELERLKSEY B
#
# COMPACT_ATOMS: atom_id res chain seq x y z
N TYR A 1 -12.26 -11.60 19.75
CA TYR A 1 -13.06 -10.38 19.70
C TYR A 1 -12.58 -9.52 18.52
N VAL A 2 -11.53 -9.99 17.81
CA VAL A 2 -10.98 -9.29 16.65
C VAL A 2 -11.89 -9.41 15.42
N GLU A 3 -13.05 -10.06 15.61
CA GLU A 3 -14.10 -10.17 14.60
C GLU A 3 -14.49 -8.77 14.12
N PHE A 4 -14.47 -7.84 15.05
CA PHE A 4 -14.68 -6.47 14.76
C PHE A 4 -13.32 -5.87 14.43
N SER A 5 -12.98 -5.86 13.16
CA SER A 5 -11.67 -5.46 12.71
C SER A 5 -11.44 -3.95 12.87
N GLU A 6 -12.54 -3.21 12.70
CA GLU A 6 -12.57 -1.76 12.75
C GLU A 6 -11.92 -1.18 11.50
N GLU A 7 -12.53 -0.17 10.96
CA GLU A 7 -12.11 0.35 9.69
C GLU A 7 -11.44 1.70 9.79
N CYS A 8 -10.78 1.95 10.90
CA CYS A 8 -10.00 3.15 11.05
C CYS A 8 -8.54 2.81 11.05
N MET A 9 -7.73 3.81 11.08
CA MET A 9 -6.31 3.61 11.15
C MET A 9 -5.89 3.66 12.57
N HIS A 10 -5.37 2.56 12.99
CA HIS A 10 -4.75 2.43 14.26
C HIS A 10 -3.28 2.22 14.02
N GLY A 11 -2.46 3.00 14.68
CA GLY A 11 -1.05 3.03 14.39
C GLY A 11 -0.82 3.68 13.03
N SER A 12 0.02 3.09 12.19
CA SER A 12 0.21 3.59 10.84
C SER A 12 -0.86 2.97 9.92
N GLY A 13 -1.65 2.07 10.48
CA GLY A 13 -2.63 1.37 9.70
C GLY A 13 -2.11 0.06 9.19
N GLU A 14 -0.92 -0.31 9.64
CA GLU A 14 -0.29 -1.58 9.28
C GLU A 14 -1.17 -2.74 9.72
N ASN A 15 -1.82 -2.55 10.85
CA ASN A 15 -2.64 -3.57 11.45
C ASN A 15 -4.08 -3.49 10.99
N TYR A 16 -4.34 -2.69 9.96
CA TYR A 16 -5.66 -2.65 9.36
C TYR A 16 -5.80 -3.89 8.51
N ASP A 17 -6.52 -4.87 8.97
CA ASP A 17 -6.62 -6.12 8.24
C ASP A 17 -8.03 -6.26 7.73
N GLY A 18 -8.60 -5.11 7.41
CA GLY A 18 -9.91 -5.05 6.82
C GLY A 18 -9.92 -5.60 5.40
N LYS A 19 -11.07 -5.68 4.80
CA LYS A 19 -11.18 -6.28 3.49
C LYS A 19 -11.52 -5.25 2.41
N ILE A 20 -11.17 -4.00 2.67
CA ILE A 20 -11.36 -2.96 1.68
C ILE A 20 -10.34 -3.08 0.57
N SER A 21 -10.88 -3.28 -0.59
CA SER A 21 -10.12 -3.51 -1.79
C SER A 21 -10.23 -2.33 -2.77
N LYS A 22 -10.89 -1.29 -2.35
CA LYS A 22 -11.08 -0.13 -3.19
C LYS A 22 -10.36 1.04 -2.56
N THR A 23 -9.72 1.84 -3.37
CA THR A 23 -8.80 2.84 -2.89
C THR A 23 -9.52 4.15 -2.51
N MET A 24 -8.76 5.24 -2.28
CA MET A 24 -9.33 6.51 -1.86
C MET A 24 -10.27 7.07 -2.92
N SER A 25 -10.00 6.75 -4.17
CA SER A 25 -10.84 7.18 -5.23
C SER A 25 -11.85 6.09 -5.61
N GLY A 26 -11.77 4.97 -4.90
CA GLY A 26 -12.66 3.86 -5.13
C GLY A 26 -12.22 3.01 -6.28
N LEU A 27 -10.95 3.05 -6.58
CA LEU A 27 -10.40 2.26 -7.64
C LEU A 27 -10.17 0.86 -7.12
N GLU A 28 -10.00 -0.06 -8.02
CA GLU A 28 -9.79 -1.45 -7.68
C GLU A 28 -8.32 -1.64 -7.33
N CYS A 29 -8.03 -2.18 -6.18
CA CYS A 29 -6.68 -2.45 -5.81
C CYS A 29 -6.18 -3.71 -6.47
N GLN A 30 -4.91 -3.71 -6.73
CA GLN A 30 -4.19 -4.82 -7.29
C GLN A 30 -3.79 -5.76 -6.16
N ALA A 31 -4.09 -7.02 -6.33
CA ALA A 31 -3.71 -8.03 -5.38
C ALA A 31 -2.19 -8.04 -5.18
N TRP A 32 -1.77 -8.06 -3.94
CA TRP A 32 -0.37 -8.04 -3.56
C TRP A 32 0.34 -9.27 -4.11
N ASP A 33 -0.42 -10.34 -4.26
CA ASP A 33 0.10 -11.61 -4.74
C ASP A 33 0.06 -11.68 -6.27
N SER A 34 -0.31 -10.59 -6.91
CA SER A 34 -0.38 -10.54 -8.33
C SER A 34 0.63 -9.53 -8.85
N GLN A 35 1.04 -9.71 -10.09
CA GLN A 35 1.96 -8.79 -10.74
C GLN A 35 1.27 -8.18 -11.93
N SER A 36 -0.02 -8.32 -11.98
CA SER A 36 -0.85 -7.77 -13.00
C SER A 36 -1.77 -6.77 -12.35
N PRO A 37 -1.86 -5.55 -12.88
CA PRO A 37 -1.10 -5.12 -14.08
C PRO A 37 0.34 -4.73 -13.72
N HIS A 38 0.49 -4.24 -12.52
CA HIS A 38 1.73 -3.68 -12.07
C HIS A 38 2.69 -4.69 -11.46
N ALA A 39 3.85 -4.82 -12.07
CA ALA A 39 4.89 -5.69 -11.58
C ALA A 39 5.53 -5.00 -10.39
N HIS A 40 5.38 -5.57 -9.24
CA HIS A 40 5.81 -4.90 -8.04
C HIS A 40 6.69 -5.78 -7.19
N GLY A 41 7.45 -5.17 -6.33
CA GLY A 41 8.29 -5.90 -5.44
C GLY A 41 7.64 -6.18 -4.12
N TYR A 42 6.32 -5.98 -4.01
CA TYR A 42 5.66 -6.24 -2.76
C TYR A 42 5.12 -7.63 -2.79
N ILE A 43 6.03 -8.55 -2.68
CA ILE A 43 5.70 -9.95 -2.70
C ILE A 43 5.33 -10.34 -1.26
N PRO A 44 4.15 -10.95 -1.04
CA PRO A 44 3.72 -11.38 0.31
C PRO A 44 4.63 -12.45 0.92
N SER A 45 5.51 -13.01 0.10
CA SER A 45 6.43 -14.00 0.52
C SER A 45 7.65 -13.35 1.17
N LYS A 46 7.97 -12.14 0.75
CA LYS A 46 9.10 -11.45 1.27
C LYS A 46 8.69 -10.53 2.40
N PHE A 47 7.39 -10.22 2.45
CA PHE A 47 6.84 -9.42 3.55
C PHE A 47 5.62 -10.17 4.15
N PRO A 48 5.82 -11.41 4.68
CA PRO A 48 4.71 -12.24 5.17
C PRO A 48 4.14 -11.71 6.47
N ASN A 49 5.03 -11.19 7.29
CA ASN A 49 4.71 -10.67 8.60
C ASN A 49 3.85 -9.42 8.54
N LYS A 50 3.75 -8.80 7.37
CA LYS A 50 3.00 -7.60 7.24
C LYS A 50 1.55 -7.89 6.84
N ASN A 51 1.20 -9.19 6.77
CA ASN A 51 -0.15 -9.64 6.41
C ASN A 51 -0.59 -9.05 5.09
N LEU A 52 0.32 -9.08 4.18
CA LEU A 52 0.14 -8.55 2.85
C LEU A 52 -0.72 -9.55 2.10
N LYS A 53 -2.01 -9.28 2.02
CA LYS A 53 -2.93 -10.27 1.48
C LYS A 53 -3.95 -9.64 0.57
N LYS A 54 -4.40 -10.46 -0.36
CA LYS A 54 -5.43 -10.11 -1.36
C LYS A 54 -5.12 -8.78 -2.03
N ASN A 55 -6.13 -8.04 -2.35
CA ASN A 55 -6.00 -6.71 -2.90
C ASN A 55 -6.55 -5.73 -1.87
N TYR A 56 -6.30 -6.04 -0.63
CA TYR A 56 -6.79 -5.26 0.45
C TYR A 56 -5.82 -4.16 0.79
N CYS A 57 -6.34 -2.99 1.12
CA CYS A 57 -5.51 -1.85 1.46
C CYS A 57 -4.73 -2.13 2.70
N ARG A 58 -3.45 -2.23 2.58
CA ARG A 58 -2.61 -2.59 3.69
C ARG A 58 -1.52 -1.56 3.79
N ASN A 59 -0.77 -1.61 4.85
CA ASN A 59 0.33 -0.70 5.03
C ASN A 59 1.49 -1.52 5.55
N PRO A 60 2.36 -2.01 4.66
CA PRO A 60 3.51 -2.81 5.05
C PRO A 60 4.77 -1.98 5.31
N ASP A 61 4.97 -1.00 4.49
CA ASP A 61 6.16 -0.20 4.47
C ASP A 61 6.07 1.03 5.34
N ARG A 62 4.96 1.18 6.01
CA ARG A 62 4.69 2.29 6.92
C ARG A 62 4.64 3.58 6.16
N ASP A 63 3.71 3.65 5.25
CA ASP A 63 3.45 4.86 4.55
C ASP A 63 2.60 5.73 5.48
N LEU A 64 2.22 6.91 5.05
CA LEU A 64 1.49 7.86 5.90
C LEU A 64 0.06 7.40 6.13
N ARG A 65 -0.38 6.51 5.30
CA ARG A 65 -1.70 5.96 5.33
C ARG A 65 -1.67 4.69 4.51
N PRO A 66 -2.45 3.64 4.88
CA PRO A 66 -2.58 2.45 4.06
C PRO A 66 -2.96 2.79 2.65
N TRP A 67 -2.62 1.93 1.79
CA TRP A 67 -2.64 2.21 0.41
C TRP A 67 -2.75 0.89 -0.32
N CYS A 68 -2.71 0.95 -1.61
CA CYS A 68 -2.83 -0.21 -2.40
C CYS A 68 -2.29 0.08 -3.79
N PHE A 69 -2.00 -0.95 -4.54
CA PHE A 69 -1.59 -0.75 -5.91
C PHE A 69 -2.83 -0.65 -6.75
N THR A 70 -2.78 0.08 -7.80
CA THR A 70 -3.93 0.23 -8.58
C THR A 70 -3.94 -0.76 -9.74
N THR A 71 -5.12 -1.20 -10.09
CA THR A 71 -5.34 -2.04 -11.22
C THR A 71 -5.45 -1.15 -12.50
N ASP A 72 -5.44 0.16 -12.30
CA ASP A 72 -5.51 1.09 -13.40
C ASP A 72 -4.14 1.15 -14.02
N PRO A 73 -4.01 0.97 -15.33
CA PRO A 73 -2.71 0.96 -16.02
C PRO A 73 -1.91 2.25 -15.81
N ASN A 74 -2.61 3.35 -15.68
CA ASN A 74 -2.01 4.63 -15.51
C ASN A 74 -1.57 4.85 -14.07
N LYS A 75 -2.35 4.40 -13.13
CA LYS A 75 -2.04 4.64 -11.76
C LYS A 75 -1.30 3.48 -11.18
N ARG A 76 -0.07 3.68 -10.79
CA ARG A 76 0.72 2.61 -10.25
C ARG A 76 0.20 2.25 -8.87
N TRP A 77 0.11 3.24 -8.02
CA TRP A 77 -0.43 3.03 -6.70
C TRP A 77 -1.43 4.09 -6.31
N GLU A 78 -2.20 3.77 -5.31
CA GLU A 78 -3.27 4.60 -4.85
C GLU A 78 -3.25 4.60 -3.33
N TYR A 79 -3.70 5.66 -2.74
CA TYR A 79 -3.88 5.70 -1.31
C TYR A 79 -5.22 5.13 -1.00
N CYS A 80 -5.39 4.67 0.18
CA CYS A 80 -6.64 4.17 0.61
C CYS A 80 -7.17 5.07 1.71
N ASP A 81 -8.38 5.57 1.54
CA ASP A 81 -8.90 6.56 2.44
C ASP A 81 -9.59 5.90 3.60
N ILE A 82 -8.82 5.61 4.58
CA ILE A 82 -9.28 4.98 5.75
C ILE A 82 -9.32 6.01 6.86
N PRO A 83 -10.40 6.03 7.67
CA PRO A 83 -10.51 6.87 8.87
C PRO A 83 -9.30 6.75 9.80
N ARG A 84 -9.20 7.62 10.74
CA ARG A 84 -8.12 7.59 11.67
C ARG A 84 -8.65 7.47 13.06
N CYS A 85 -8.12 6.54 13.81
CA CYS A 85 -8.47 6.42 15.18
C CYS A 85 -7.47 7.18 16.02
N ALA A 86 -7.84 7.45 17.26
CA ALA A 86 -6.99 8.17 18.19
C ALA A 86 -5.69 7.42 18.50
N ALA A 87 -5.75 6.10 18.48
CA ALA A 87 -4.60 5.27 18.77
C ALA A 87 -4.46 4.19 17.71
N GLY B 1 26.45 -6.92 -3.28
CA GLY B 1 26.03 -8.09 -2.55
C GLY B 1 24.75 -8.65 -3.09
N SER B 2 23.73 -8.67 -2.28
CA SER B 2 22.45 -9.19 -2.67
C SER B 2 21.56 -8.04 -3.18
N VAL B 3 20.43 -8.38 -3.78
CA VAL B 3 19.50 -7.39 -4.34
C VAL B 3 18.54 -6.84 -3.26
N GLU B 4 19.04 -6.77 -2.05
CA GLU B 4 18.35 -6.38 -0.93
C GLU B 4 19.41 -5.92 0.01
N LYS B 5 19.06 -5.04 0.85
CA LYS B 5 19.94 -4.51 1.89
C LYS B 5 19.94 -5.47 3.11
N LEU B 6 19.47 -6.71 2.88
CA LEU B 6 19.50 -7.83 3.83
C LEU B 6 18.56 -7.63 5.02
N THR B 7 17.60 -6.77 4.85
CA THR B 7 16.60 -6.51 5.85
C THR B 7 15.32 -6.07 5.15
N ALA B 8 14.20 -6.59 5.63
CA ALA B 8 12.90 -6.33 5.02
C ALA B 8 12.52 -4.87 5.17
N ASP B 9 12.83 -4.30 6.32
CA ASP B 9 12.52 -2.88 6.65
C ASP B 9 13.17 -1.96 5.64
N ALA B 10 14.40 -2.26 5.29
CA ALA B 10 15.11 -1.45 4.31
C ALA B 10 14.50 -1.59 2.93
N GLU B 11 14.09 -2.80 2.58
CA GLU B 11 13.44 -3.06 1.29
C GLU B 11 12.10 -2.34 1.27
N LEU B 12 11.39 -2.41 2.41
CA LEU B 12 10.14 -1.72 2.63
C LEU B 12 10.29 -0.23 2.33
N GLN B 13 11.28 0.37 2.97
CA GLN B 13 11.59 1.78 2.76
C GLN B 13 11.96 2.08 1.32
N ARG B 14 12.76 1.24 0.72
CA ARG B 14 13.25 1.44 -0.64
C ARG B 14 12.08 1.41 -1.62
N LEU B 15 11.24 0.41 -1.50
CA LEU B 15 10.08 0.28 -2.38
C LEU B 15 9.10 1.43 -2.15
N LYS B 16 8.99 1.87 -0.91
CA LYS B 16 8.14 2.96 -0.54
C LYS B 16 8.68 4.22 -1.21
N ASN B 17 9.96 4.42 -1.04
CA ASN B 17 10.72 5.53 -1.63
C ASN B 17 10.60 5.51 -3.14
N GLU B 18 10.66 4.33 -3.72
CA GLU B 18 10.49 4.11 -5.15
C GLU B 18 9.15 4.66 -5.60
N ARG B 19 8.11 4.17 -4.97
CA ARG B 19 6.74 4.62 -5.22
C ARG B 19 6.60 6.12 -5.02
N HIS B 20 7.30 6.63 -4.05
CA HIS B 20 7.27 8.04 -3.73
C HIS B 20 7.93 8.87 -4.79
N GLU B 21 9.01 8.35 -5.35
CA GLU B 21 9.60 8.95 -6.52
C GLU B 21 8.61 8.89 -7.67
N GLU B 22 7.99 7.73 -7.85
CA GLU B 22 6.97 7.51 -8.91
C GLU B 22 5.89 8.56 -8.88
N ALA B 23 5.43 8.90 -7.69
CA ALA B 23 4.38 9.88 -7.52
C ALA B 23 4.82 11.25 -8.00
N GLU B 24 6.01 11.63 -7.61
CA GLU B 24 6.58 12.91 -8.00
C GLU B 24 6.91 12.92 -9.49
N LEU B 25 7.40 11.80 -9.96
CA LEU B 25 7.67 11.59 -11.37
C LEU B 25 6.38 11.64 -12.19
N GLU B 26 5.32 11.04 -11.68
CA GLU B 26 4.01 11.03 -12.31
C GLU B 26 3.43 12.44 -12.31
N ARG B 27 3.63 13.14 -11.21
CA ARG B 27 3.19 14.52 -11.07
C ARG B 27 3.91 15.43 -12.07
N LEU B 28 5.18 15.16 -12.29
CA LEU B 28 5.99 15.90 -13.24
C LEU B 28 5.54 15.54 -14.66
N LYS B 29 5.22 14.29 -14.83
CA LYS B 29 4.76 13.70 -16.08
C LYS B 29 3.40 14.25 -16.50
N SER B 30 2.53 14.45 -15.56
CA SER B 30 1.21 14.91 -15.86
C SER B 30 1.10 16.42 -15.85
N GLU B 31 1.07 17.01 -17.03
CA GLU B 31 0.87 18.43 -17.15
C GLU B 31 -0.62 18.68 -17.23
N TYR B 32 -1.24 18.13 -18.24
CA TYR B 32 -2.65 18.24 -18.42
C TYR B 32 -3.33 16.98 -17.88
N TYR A 1 -23.57 -1.76 4.83
CA TYR A 1 -22.69 -2.45 5.76
C TYR A 1 -23.46 -2.76 7.04
N VAL A 2 -23.78 -4.02 7.25
CA VAL A 2 -24.51 -4.44 8.46
C VAL A 2 -23.68 -5.42 9.26
N GLU A 3 -22.68 -5.96 8.64
CA GLU A 3 -21.77 -6.89 9.28
C GLU A 3 -20.69 -6.08 9.94
N PHE A 4 -19.89 -5.46 9.13
CA PHE A 4 -18.82 -4.63 9.60
C PHE A 4 -18.76 -3.41 8.71
N SER A 5 -18.98 -2.27 9.29
CA SER A 5 -18.98 -1.01 8.57
C SER A 5 -17.60 -0.41 8.55
N GLU A 6 -16.77 -0.83 9.52
CA GLU A 6 -15.43 -0.34 9.78
C GLU A 6 -15.52 0.92 10.59
N GLU A 7 -15.07 0.83 11.81
CA GLU A 7 -15.15 1.90 12.75
C GLU A 7 -14.11 2.96 12.42
N CYS A 8 -12.90 2.69 12.79
CA CYS A 8 -11.77 3.52 12.49
C CYS A 8 -10.52 2.79 12.84
N MET A 9 -9.44 3.24 12.31
CA MET A 9 -8.15 2.66 12.63
C MET A 9 -7.13 3.72 12.82
N HIS A 10 -6.11 3.33 13.56
CA HIS A 10 -4.96 4.17 13.86
C HIS A 10 -4.35 4.69 12.55
N GLY A 11 -4.04 5.98 12.53
CA GLY A 11 -3.61 6.75 11.35
C GLY A 11 -2.69 6.07 10.35
N SER A 12 -1.67 5.41 10.83
CA SER A 12 -0.73 4.73 9.97
C SER A 12 -1.41 3.61 9.18
N GLY A 13 -2.31 2.90 9.84
CA GLY A 13 -3.04 1.82 9.21
C GLY A 13 -2.18 0.62 8.91
N GLU A 14 -1.06 0.54 9.57
CA GLU A 14 -0.16 -0.59 9.41
C GLU A 14 -0.77 -1.79 10.14
N ASN A 15 -1.60 -1.50 11.12
CA ASN A 15 -2.25 -2.53 11.91
C ASN A 15 -3.67 -2.78 11.34
N TYR A 16 -3.93 -2.29 10.14
CA TYR A 16 -5.22 -2.43 9.52
C TYR A 16 -5.40 -3.83 8.91
N ASP A 17 -6.30 -4.59 9.48
CA ASP A 17 -6.58 -5.96 9.04
C ASP A 17 -7.93 -6.03 8.28
N GLY A 18 -8.54 -4.87 8.12
CA GLY A 18 -9.85 -4.78 7.48
C GLY A 18 -9.85 -5.12 5.99
N LYS A 19 -11.02 -5.14 5.40
CA LYS A 19 -11.20 -5.62 4.04
C LYS A 19 -11.53 -4.51 3.03
N ILE A 20 -11.03 -3.30 3.21
CA ILE A 20 -11.25 -2.30 2.17
C ILE A 20 -10.35 -2.66 0.98
N SER A 21 -10.86 -2.55 -0.20
CA SER A 21 -10.12 -3.00 -1.34
C SER A 21 -10.20 -2.02 -2.53
N LYS A 22 -10.64 -0.82 -2.24
CA LYS A 22 -10.76 0.21 -3.25
C LYS A 22 -10.00 1.41 -2.76
N THR A 23 -9.39 2.15 -3.66
CA THR A 23 -8.47 3.20 -3.26
C THR A 23 -9.21 4.46 -2.84
N MET A 24 -8.46 5.52 -2.58
CA MET A 24 -9.02 6.79 -2.18
C MET A 24 -9.91 7.39 -3.27
N SER A 25 -9.64 7.05 -4.53
CA SER A 25 -10.47 7.51 -5.61
C SER A 25 -11.59 6.48 -5.85
N GLY A 26 -11.37 5.28 -5.32
CA GLY A 26 -12.31 4.21 -5.45
C GLY A 26 -11.97 3.28 -6.58
N LEU A 27 -10.71 3.27 -6.96
CA LEU A 27 -10.23 2.37 -7.96
C LEU A 27 -10.11 1.01 -7.35
N GLU A 28 -10.09 0.03 -8.17
CA GLU A 28 -10.01 -1.33 -7.72
C GLU A 28 -8.55 -1.66 -7.44
N CYS A 29 -8.29 -2.20 -6.27
CA CYS A 29 -6.94 -2.54 -5.91
C CYS A 29 -6.48 -3.84 -6.54
N GLN A 30 -5.21 -3.85 -6.86
CA GLN A 30 -4.55 -4.99 -7.40
C GLN A 30 -4.05 -5.83 -6.24
N ALA A 31 -4.33 -7.11 -6.29
CA ALA A 31 -3.94 -8.04 -5.25
C ALA A 31 -2.42 -8.04 -5.05
N TRP A 32 -2.03 -8.08 -3.81
CA TRP A 32 -0.63 -8.08 -3.42
C TRP A 32 0.07 -9.33 -3.94
N ASP A 33 -0.72 -10.36 -4.10
CA ASP A 33 -0.26 -11.66 -4.60
C ASP A 33 -0.10 -11.63 -6.12
N SER A 34 -0.65 -10.60 -6.74
CA SER A 34 -0.67 -10.50 -8.16
C SER A 34 0.41 -9.55 -8.68
N GLN A 35 1.03 -9.96 -9.76
CA GLN A 35 2.03 -9.16 -10.46
C GLN A 35 1.39 -8.60 -11.72
N SER A 36 0.10 -8.70 -11.79
CA SER A 36 -0.63 -8.27 -12.94
C SER A 36 -1.83 -7.42 -12.53
N PRO A 37 -1.87 -6.16 -12.96
CA PRO A 37 -1.18 -5.72 -14.21
C PRO A 37 0.21 -5.13 -13.93
N HIS A 38 0.38 -4.61 -12.74
CA HIS A 38 1.63 -3.97 -12.34
C HIS A 38 2.54 -4.95 -11.64
N ALA A 39 3.77 -4.99 -12.08
CA ALA A 39 4.75 -5.88 -11.51
C ALA A 39 5.34 -5.23 -10.30
N HIS A 40 5.42 -5.94 -9.20
CA HIS A 40 5.90 -5.34 -7.98
C HIS A 40 6.75 -6.27 -7.16
N GLY A 41 7.42 -5.71 -6.18
CA GLY A 41 8.20 -6.50 -5.29
C GLY A 41 7.54 -6.69 -3.96
N TYR A 42 6.27 -6.26 -3.83
CA TYR A 42 5.57 -6.40 -2.58
C TYR A 42 4.88 -7.73 -2.58
N ILE A 43 5.67 -8.73 -2.43
CA ILE A 43 5.19 -10.07 -2.39
C ILE A 43 4.90 -10.44 -0.93
N PRO A 44 3.69 -10.89 -0.62
CA PRO A 44 3.26 -11.21 0.75
C PRO A 44 4.07 -12.34 1.42
N SER A 45 4.86 -13.05 0.65
CA SER A 45 5.65 -14.12 1.17
C SER A 45 6.93 -13.55 1.78
N LYS A 46 7.42 -12.48 1.19
CA LYS A 46 8.63 -11.88 1.63
C LYS A 46 8.36 -10.82 2.70
N PHE A 47 7.16 -10.26 2.69
CA PHE A 47 6.72 -9.35 3.77
C PHE A 47 5.41 -9.91 4.37
N PRO A 48 5.49 -11.05 5.13
CA PRO A 48 4.30 -11.73 5.65
C PRO A 48 3.72 -11.07 6.91
N ASN A 49 4.61 -10.44 7.63
CA ASN A 49 4.34 -9.79 8.90
C ASN A 49 3.34 -8.65 8.79
N LYS A 50 3.17 -8.11 7.61
CA LYS A 50 2.29 -6.99 7.41
C LYS A 50 0.88 -7.44 6.98
N ASN A 51 0.70 -8.76 6.89
CA ASN A 51 -0.57 -9.40 6.48
C ASN A 51 -1.04 -8.83 5.15
N LEU A 52 -0.15 -8.90 4.21
CA LEU A 52 -0.34 -8.35 2.89
C LEU A 52 -1.26 -9.28 2.07
N LYS A 53 -2.51 -9.37 2.45
CA LYS A 53 -3.40 -10.34 1.84
C LYS A 53 -4.39 -9.72 0.90
N LYS A 54 -4.77 -10.56 -0.07
CA LYS A 54 -5.74 -10.24 -1.10
C LYS A 54 -5.38 -8.93 -1.79
N ASN A 55 -6.35 -8.09 -1.97
CA ASN A 55 -6.18 -6.79 -2.57
C ASN A 55 -6.74 -5.77 -1.61
N TYR A 56 -6.53 -6.06 -0.33
CA TYR A 56 -6.97 -5.24 0.76
C TYR A 56 -5.98 -4.13 0.96
N CYS A 57 -6.45 -2.93 1.27
CA CYS A 57 -5.54 -1.83 1.48
C CYS A 57 -4.71 -2.11 2.72
N ARG A 58 -3.43 -1.96 2.58
CA ARG A 58 -2.52 -2.25 3.64
C ARG A 58 -1.48 -1.16 3.71
N ASN A 59 -0.75 -1.14 4.76
CA ASN A 59 0.36 -0.25 4.92
C ASN A 59 1.49 -1.09 5.47
N PRO A 60 2.28 -1.69 4.60
CA PRO A 60 3.35 -2.58 5.01
C PRO A 60 4.67 -1.87 5.31
N ASP A 61 4.92 -0.86 4.54
CA ASP A 61 6.19 -0.19 4.53
C ASP A 61 6.21 1.11 5.30
N ARG A 62 5.12 1.42 5.94
CA ARG A 62 4.95 2.64 6.73
C ARG A 62 4.89 3.88 5.82
N ASP A 63 3.92 3.87 4.91
CA ASP A 63 3.65 5.03 4.06
C ASP A 63 2.79 6.01 4.90
N LEU A 64 2.32 7.07 4.30
CA LEU A 64 1.57 8.12 5.03
C LEU A 64 0.27 7.57 5.62
N ARG A 65 -0.34 6.69 4.91
CA ARG A 65 -1.55 6.01 5.31
C ARG A 65 -1.60 4.77 4.44
N PRO A 66 -2.46 3.77 4.73
CA PRO A 66 -2.57 2.57 3.89
C PRO A 66 -2.87 2.90 2.45
N TRP A 67 -2.41 2.06 1.62
CA TRP A 67 -2.46 2.26 0.24
C TRP A 67 -2.72 0.94 -0.42
N CYS A 68 -2.77 0.93 -1.72
CA CYS A 68 -3.01 -0.28 -2.44
C CYS A 68 -2.56 -0.06 -3.85
N PHE A 69 -2.21 -1.12 -4.55
CA PHE A 69 -1.86 -0.99 -5.93
C PHE A 69 -3.11 -0.89 -6.76
N THR A 70 -3.06 -0.16 -7.80
CA THR A 70 -4.20 -0.01 -8.64
C THR A 70 -4.17 -0.98 -9.80
N THR A 71 -5.33 -1.40 -10.24
CA THR A 71 -5.40 -2.20 -11.44
C THR A 71 -5.51 -1.25 -12.66
N ASP A 72 -5.66 0.05 -12.36
CA ASP A 72 -5.72 1.09 -13.37
C ASP A 72 -4.33 1.25 -13.97
N PRO A 73 -4.19 1.18 -15.31
CA PRO A 73 -2.86 1.24 -15.96
C PRO A 73 -2.11 2.56 -15.78
N ASN A 74 -2.80 3.62 -15.42
CA ASN A 74 -2.15 4.90 -15.24
C ASN A 74 -1.55 4.98 -13.88
N LYS A 75 -2.30 4.54 -12.90
CA LYS A 75 -1.83 4.58 -11.56
C LYS A 75 -1.06 3.37 -11.20
N ARG A 76 0.06 3.57 -10.61
CA ARG A 76 0.87 2.47 -10.17
C ARG A 76 0.31 2.00 -8.86
N TRP A 77 0.03 2.97 -8.04
CA TRP A 77 -0.60 2.76 -6.77
C TRP A 77 -1.32 4.02 -6.38
N GLU A 78 -2.13 3.91 -5.37
CA GLU A 78 -2.82 5.04 -4.78
C GLU A 78 -2.97 4.79 -3.31
N TYR A 79 -3.34 5.82 -2.60
CA TYR A 79 -3.62 5.69 -1.21
C TYR A 79 -5.01 5.18 -1.04
N CYS A 80 -5.26 4.62 0.09
CA CYS A 80 -6.56 4.14 0.39
C CYS A 80 -7.09 5.02 1.50
N ASP A 81 -8.36 5.23 1.55
CA ASP A 81 -8.92 6.09 2.57
C ASP A 81 -9.53 5.24 3.66
N ILE A 82 -8.82 5.16 4.74
CA ILE A 82 -9.22 4.37 5.87
C ILE A 82 -9.91 5.27 6.88
N PRO A 83 -11.06 4.82 7.44
CA PRO A 83 -11.72 5.47 8.58
C PRO A 83 -10.68 5.82 9.66
N ARG A 84 -10.58 7.08 9.98
CA ARG A 84 -9.51 7.59 10.77
C ARG A 84 -9.78 7.61 12.26
N CYS A 85 -8.83 7.11 12.99
CA CYS A 85 -8.71 7.28 14.39
C CYS A 85 -7.23 7.51 14.65
N ALA A 86 -6.88 8.28 15.62
CA ALA A 86 -5.48 8.59 15.81
C ALA A 86 -5.00 8.19 17.19
N ALA A 87 -5.71 7.30 17.82
CA ALA A 87 -5.35 6.83 19.12
C ALA A 87 -4.97 5.37 18.99
N GLY B 1 16.42 3.33 6.24
CA GLY B 1 17.77 2.87 5.99
C GLY B 1 17.79 1.74 5.00
N SER B 2 18.75 1.73 4.12
CA SER B 2 18.88 0.69 3.14
C SER B 2 20.37 0.59 2.80
N VAL B 3 21.18 0.69 3.85
CA VAL B 3 22.64 0.71 3.72
C VAL B 3 23.20 -0.64 3.27
N GLU B 4 22.44 -1.68 3.45
CA GLU B 4 22.83 -3.01 3.08
C GLU B 4 21.95 -3.59 1.96
N LYS B 5 20.64 -3.28 2.02
CA LYS B 5 19.65 -3.74 1.07
C LYS B 5 19.48 -5.28 1.18
N LEU B 6 19.78 -5.81 2.34
CA LEU B 6 19.75 -7.23 2.57
C LEU B 6 18.48 -7.63 3.30
N THR B 7 18.08 -6.83 4.27
CA THR B 7 16.86 -7.13 4.99
C THR B 7 15.64 -6.69 4.18
N ALA B 8 14.56 -7.47 4.30
CA ALA B 8 13.30 -7.22 3.61
C ALA B 8 12.78 -5.83 3.93
N ASP B 9 13.02 -5.38 5.15
CA ASP B 9 12.54 -4.08 5.60
C ASP B 9 13.25 -2.97 4.82
N ALA B 10 14.55 -3.11 4.69
CA ALA B 10 15.38 -2.14 3.98
C ALA B 10 15.07 -2.16 2.49
N GLU B 11 14.61 -3.29 2.03
CA GLU B 11 14.24 -3.47 0.67
C GLU B 11 12.87 -2.85 0.39
N LEU B 12 11.95 -3.03 1.33
CA LEU B 12 10.63 -2.48 1.23
C LEU B 12 10.68 -0.97 1.34
N GLN B 13 11.61 -0.53 2.16
CA GLN B 13 11.89 0.88 2.34
C GLN B 13 12.29 1.52 1.02
N ARG B 14 13.11 0.82 0.29
CA ARG B 14 13.63 1.33 -0.96
C ARG B 14 12.54 1.32 -2.02
N LEU B 15 11.67 0.33 -1.96
CA LEU B 15 10.51 0.27 -2.86
C LEU B 15 9.53 1.38 -2.50
N LYS B 16 9.41 1.65 -1.22
CA LYS B 16 8.52 2.67 -0.73
C LYS B 16 8.99 4.03 -1.16
N ASN B 17 10.27 4.27 -1.02
CA ASN B 17 10.87 5.55 -1.38
C ASN B 17 10.78 5.71 -2.89
N GLU B 18 10.91 4.59 -3.59
CA GLU B 18 10.72 4.50 -5.03
C GLU B 18 9.33 4.98 -5.38
N ARG B 19 8.35 4.30 -4.82
CA ARG B 19 6.93 4.65 -5.01
C ARG B 19 6.65 6.10 -4.65
N HIS B 20 7.31 6.59 -3.62
CA HIS B 20 7.16 7.97 -3.20
C HIS B 20 7.70 8.92 -4.25
N GLU B 21 8.79 8.50 -4.89
CA GLU B 21 9.34 9.23 -6.02
C GLU B 21 8.34 9.16 -7.18
N GLU B 22 7.89 7.95 -7.47
CA GLU B 22 6.91 7.66 -8.55
C GLU B 22 5.68 8.56 -8.42
N ALA B 23 5.20 8.71 -7.21
CA ALA B 23 4.03 9.52 -6.94
C ALA B 23 4.30 10.97 -7.29
N GLU B 24 5.47 11.45 -6.95
CA GLU B 24 5.88 12.81 -7.25
C GLU B 24 6.09 12.97 -8.74
N LEU B 25 6.70 11.97 -9.33
CA LEU B 25 6.96 11.93 -10.76
C LEU B 25 5.66 11.94 -11.57
N GLU B 26 4.67 11.20 -11.11
CA GLU B 26 3.40 11.12 -11.79
C GLU B 26 2.69 12.47 -11.64
N ARG B 27 2.77 13.01 -10.45
CA ARG B 27 2.23 14.31 -10.09
C ARG B 27 2.85 15.41 -10.97
N LEU B 28 4.17 15.38 -11.05
CA LEU B 28 4.96 16.34 -11.81
C LEU B 28 4.63 16.25 -13.31
N LYS B 29 4.43 15.04 -13.78
CA LYS B 29 4.11 14.80 -15.18
C LYS B 29 2.74 15.39 -15.50
N SER B 30 1.77 15.06 -14.64
CA SER B 30 0.37 15.45 -14.78
C SER B 30 -0.27 14.80 -16.02
N GLU B 31 0.04 15.33 -17.19
CA GLU B 31 -0.47 14.80 -18.43
C GLU B 31 0.34 13.61 -18.84
N TYR B 32 -0.29 12.47 -18.87
CA TYR B 32 0.32 11.27 -19.27
C TYR B 32 0.06 11.04 -20.76
N TYR A 1 -20.35 -8.96 18.07
CA TYR A 1 -20.96 -7.67 18.33
C TYR A 1 -19.91 -6.69 18.83
N VAL A 2 -18.92 -7.17 19.52
CA VAL A 2 -17.84 -6.32 19.97
C VAL A 2 -16.60 -6.58 19.14
N GLU A 3 -16.54 -5.92 18.01
CA GLU A 3 -15.44 -6.06 17.09
C GLU A 3 -14.55 -4.84 17.15
N PHE A 4 -13.41 -4.96 16.57
CA PHE A 4 -12.52 -3.87 16.37
C PHE A 4 -11.66 -4.24 15.20
N SER A 5 -12.27 -4.22 14.06
CA SER A 5 -11.63 -4.64 12.85
C SER A 5 -11.32 -3.43 11.98
N GLU A 6 -12.34 -2.94 11.33
CA GLU A 6 -12.18 -1.85 10.39
C GLU A 6 -12.95 -0.65 10.91
N GLU A 7 -12.95 -0.51 12.23
CA GLU A 7 -13.65 0.60 12.90
C GLU A 7 -12.96 1.89 12.48
N CYS A 8 -11.68 1.77 12.42
CA CYS A 8 -10.77 2.79 12.05
C CYS A 8 -9.49 2.06 11.73
N MET A 9 -8.43 2.76 11.56
CA MET A 9 -7.20 2.10 11.19
C MET A 9 -6.41 1.71 12.39
N HIS A 10 -5.62 0.72 12.20
CA HIS A 10 -4.81 0.14 13.24
C HIS A 10 -3.48 0.85 13.29
N GLY A 11 -3.40 1.90 14.07
CA GLY A 11 -2.17 2.67 14.25
C GLY A 11 -1.66 3.26 12.96
N SER A 12 -0.48 2.85 12.56
CA SER A 12 0.13 3.31 11.32
C SER A 12 -0.62 2.73 10.13
N GLY A 13 -1.25 1.59 10.34
CA GLY A 13 -1.98 0.95 9.30
C GLY A 13 -1.28 -0.28 8.81
N GLU A 14 -0.08 -0.49 9.31
CA GLU A 14 0.73 -1.64 8.93
C GLU A 14 0.05 -2.93 9.34
N ASN A 15 -0.66 -2.85 10.44
CA ASN A 15 -1.33 -4.01 11.00
C ASN A 15 -2.84 -3.88 10.78
N TYR A 16 -3.21 -3.01 9.85
CA TYR A 16 -4.60 -2.79 9.49
C TYR A 16 -5.14 -4.00 8.76
N ASP A 17 -6.32 -4.41 9.11
CA ASP A 17 -6.93 -5.52 8.45
C ASP A 17 -8.34 -5.18 8.12
N GLY A 18 -8.49 -4.44 7.08
CA GLY A 18 -9.77 -4.03 6.62
C GLY A 18 -10.11 -4.73 5.34
N LYS A 19 -11.35 -4.69 4.98
CA LYS A 19 -11.86 -5.47 3.85
C LYS A 19 -11.98 -4.58 2.63
N ILE A 20 -11.47 -3.40 2.73
CA ILE A 20 -11.55 -2.42 1.67
C ILE A 20 -10.56 -2.79 0.55
N SER A 21 -11.01 -2.70 -0.68
CA SER A 21 -10.19 -3.03 -1.82
C SER A 21 -10.25 -1.93 -2.87
N LYS A 22 -10.68 -0.77 -2.45
CA LYS A 22 -10.89 0.33 -3.36
C LYS A 22 -10.14 1.53 -2.85
N THR A 23 -9.54 2.26 -3.75
CA THR A 23 -8.62 3.31 -3.38
C THR A 23 -9.35 4.60 -3.02
N MET A 24 -8.62 5.69 -2.81
CA MET A 24 -9.23 6.96 -2.51
C MET A 24 -10.01 7.47 -3.73
N SER A 25 -9.58 7.03 -4.90
CA SER A 25 -10.24 7.31 -6.14
C SER A 25 -11.37 6.29 -6.40
N GLY A 26 -11.44 5.30 -5.52
CA GLY A 26 -12.45 4.28 -5.60
C GLY A 26 -12.16 3.28 -6.67
N LEU A 27 -10.92 3.19 -7.03
CA LEU A 27 -10.46 2.26 -8.04
C LEU A 27 -10.27 0.91 -7.42
N GLU A 28 -10.20 -0.07 -8.26
CA GLU A 28 -10.02 -1.45 -7.85
C GLU A 28 -8.55 -1.65 -7.51
N CYS A 29 -8.27 -2.25 -6.38
CA CYS A 29 -6.91 -2.54 -6.02
C CYS A 29 -6.42 -3.82 -6.64
N GLN A 30 -5.16 -3.82 -6.93
CA GLN A 30 -4.46 -4.94 -7.48
C GLN A 30 -4.01 -5.83 -6.33
N ALA A 31 -4.35 -7.11 -6.41
CA ALA A 31 -4.02 -8.06 -5.37
C ALA A 31 -2.53 -8.12 -5.14
N TRP A 32 -2.15 -8.14 -3.90
CA TRP A 32 -0.75 -8.11 -3.47
C TRP A 32 0.05 -9.28 -4.04
N ASP A 33 -0.60 -10.38 -4.34
CA ASP A 33 0.08 -11.55 -4.91
C ASP A 33 0.18 -11.43 -6.43
N SER A 34 -0.64 -10.57 -7.00
CA SER A 34 -0.73 -10.43 -8.43
C SER A 34 0.37 -9.50 -8.92
N GLN A 35 1.17 -9.97 -9.85
CA GLN A 35 2.29 -9.21 -10.40
C GLN A 35 1.85 -8.47 -11.67
N SER A 36 0.57 -8.53 -11.94
CA SER A 36 -0.05 -7.90 -13.05
C SER A 36 -1.33 -7.25 -12.55
N PRO A 37 -1.63 -6.02 -12.98
CA PRO A 37 -0.99 -5.39 -14.17
C PRO A 37 0.38 -4.80 -13.85
N HIS A 38 0.53 -4.35 -12.63
CA HIS A 38 1.74 -3.69 -12.22
C HIS A 38 2.69 -4.57 -11.47
N ALA A 39 3.91 -4.63 -11.95
CA ALA A 39 4.95 -5.36 -11.31
C ALA A 39 5.38 -4.62 -10.07
N HIS A 40 5.47 -5.31 -8.97
CA HIS A 40 5.75 -4.70 -7.71
C HIS A 40 6.61 -5.64 -6.89
N GLY A 41 7.53 -5.11 -6.13
CA GLY A 41 8.38 -5.95 -5.30
C GLY A 41 7.84 -6.19 -3.93
N TYR A 42 6.55 -6.05 -3.77
CA TYR A 42 5.94 -6.28 -2.48
C TYR A 42 5.32 -7.62 -2.50
N ILE A 43 6.16 -8.59 -2.39
CA ILE A 43 5.74 -9.97 -2.38
C ILE A 43 5.22 -10.31 -0.97
N PRO A 44 3.97 -10.79 -0.84
CA PRO A 44 3.36 -11.09 0.48
C PRO A 44 3.99 -12.30 1.15
N SER A 45 4.76 -13.04 0.40
CA SER A 45 5.39 -14.22 0.90
C SER A 45 6.66 -13.84 1.68
N LYS A 46 7.31 -12.76 1.26
CA LYS A 46 8.51 -12.36 1.89
C LYS A 46 8.28 -11.19 2.84
N PHE A 47 7.12 -10.56 2.71
CA PHE A 47 6.67 -9.55 3.66
C PHE A 47 5.35 -10.03 4.29
N PRO A 48 5.40 -10.99 5.22
CA PRO A 48 4.16 -11.55 5.82
C PRO A 48 3.59 -10.65 6.91
N ASN A 49 4.49 -9.94 7.56
CA ASN A 49 4.22 -9.07 8.70
C ASN A 49 3.27 -7.92 8.37
N LYS A 50 3.29 -7.47 7.14
CA LYS A 50 2.55 -6.29 6.75
C LYS A 50 1.11 -6.59 6.33
N ASN A 51 0.70 -7.82 6.58
CA ASN A 51 -0.68 -8.28 6.42
C ASN A 51 -1.22 -8.05 4.99
N LEU A 52 -0.43 -8.37 3.99
CA LEU A 52 -0.87 -8.20 2.63
C LEU A 52 -1.89 -9.28 2.27
N LYS A 53 -3.16 -8.94 2.44
CA LYS A 53 -4.25 -9.84 2.15
C LYS A 53 -4.99 -9.37 0.93
N LYS A 54 -5.42 -10.33 0.17
CA LYS A 54 -6.14 -10.15 -1.11
C LYS A 54 -5.63 -8.96 -1.92
N ASN A 55 -6.46 -7.96 -2.01
CA ASN A 55 -6.20 -6.70 -2.67
C ASN A 55 -6.75 -5.63 -1.74
N TYR A 56 -6.64 -5.92 -0.48
CA TYR A 56 -7.15 -5.07 0.55
C TYR A 56 -6.10 -4.04 0.88
N CYS A 57 -6.53 -2.83 1.22
CA CYS A 57 -5.58 -1.74 1.44
C CYS A 57 -4.75 -2.02 2.65
N ARG A 58 -3.47 -1.98 2.50
CA ARG A 58 -2.55 -2.30 3.55
C ARG A 58 -1.44 -1.30 3.61
N ASN A 59 -0.63 -1.38 4.63
CA ASN A 59 0.48 -0.48 4.81
C ASN A 59 1.73 -1.29 5.15
N PRO A 60 2.55 -1.56 4.18
CA PRO A 60 3.81 -2.25 4.41
C PRO A 60 4.99 -1.29 4.68
N ASP A 61 4.93 -0.17 4.03
CA ASP A 61 6.01 0.80 3.93
C ASP A 61 6.07 1.81 5.06
N ARG A 62 5.11 1.74 5.96
CA ARG A 62 5.01 2.60 7.14
C ARG A 62 4.66 4.03 6.77
N ASP A 63 4.10 4.26 5.57
CA ASP A 63 3.66 5.61 5.16
C ASP A 63 2.51 6.13 6.09
N LEU A 64 1.90 7.24 5.76
CA LEU A 64 0.93 7.87 6.63
C LEU A 64 -0.40 7.15 6.58
N ARG A 65 -0.71 6.61 5.43
CA ARG A 65 -1.95 5.95 5.23
C ARG A 65 -1.76 4.70 4.44
N PRO A 66 -2.50 3.62 4.77
CA PRO A 66 -2.54 2.44 3.94
C PRO A 66 -2.98 2.77 2.53
N TRP A 67 -2.53 2.00 1.64
CA TRP A 67 -2.71 2.22 0.26
C TRP A 67 -2.87 0.89 -0.41
N CYS A 68 -2.91 0.88 -1.70
CA CYS A 68 -3.05 -0.32 -2.43
C CYS A 68 -2.53 -0.10 -3.84
N PHE A 69 -2.23 -1.16 -4.56
CA PHE A 69 -1.78 -1.01 -5.92
C PHE A 69 -2.97 -0.83 -6.83
N THR A 70 -2.81 -0.07 -7.86
CA THR A 70 -3.89 0.22 -8.71
C THR A 70 -3.92 -0.75 -9.89
N THR A 71 -5.12 -1.16 -10.23
CA THR A 71 -5.36 -1.98 -11.35
C THR A 71 -5.49 -1.09 -12.62
N ASP A 72 -5.44 0.23 -12.42
CA ASP A 72 -5.60 1.18 -13.48
C ASP A 72 -4.26 1.36 -14.17
N PRO A 73 -4.20 1.14 -15.50
CA PRO A 73 -2.96 1.14 -16.31
C PRO A 73 -1.90 2.18 -15.95
N ASN A 74 -2.29 3.40 -15.76
CA ASN A 74 -1.34 4.46 -15.54
C ASN A 74 -0.97 4.63 -14.08
N LYS A 75 -1.80 4.18 -13.17
CA LYS A 75 -1.54 4.40 -11.77
C LYS A 75 -0.91 3.19 -11.18
N ARG A 76 0.20 3.34 -10.54
CA ARG A 76 0.90 2.18 -10.00
C ARG A 76 0.31 1.83 -8.66
N TRP A 77 0.27 2.81 -7.79
CA TRP A 77 -0.35 2.64 -6.49
C TRP A 77 -1.19 3.84 -6.19
N GLU A 78 -2.05 3.68 -5.26
CA GLU A 78 -3.00 4.68 -4.86
C GLU A 78 -3.25 4.61 -3.37
N TYR A 79 -3.42 5.76 -2.75
CA TYR A 79 -3.76 5.83 -1.35
C TYR A 79 -5.15 5.29 -1.13
N CYS A 80 -5.38 4.76 0.01
CA CYS A 80 -6.68 4.29 0.33
C CYS A 80 -7.21 5.21 1.42
N ASP A 81 -8.48 5.49 1.39
CA ASP A 81 -9.03 6.40 2.39
C ASP A 81 -9.55 5.59 3.53
N ILE A 82 -8.68 5.35 4.45
CA ILE A 82 -8.96 4.51 5.58
C ILE A 82 -9.47 5.34 6.73
N PRO A 83 -10.58 4.91 7.35
CA PRO A 83 -11.08 5.45 8.62
C PRO A 83 -9.94 5.68 9.62
N ARG A 84 -9.88 6.83 10.22
CA ARG A 84 -8.79 7.19 11.08
C ARG A 84 -9.30 7.52 12.47
N CYS A 85 -8.77 6.86 13.48
CA CYS A 85 -9.11 7.16 14.86
C CYS A 85 -8.15 8.18 15.39
N ALA A 86 -8.63 9.11 16.19
CA ALA A 86 -7.76 10.09 16.81
C ALA A 86 -7.03 9.44 17.98
N ALA A 87 -6.18 8.54 17.63
CA ALA A 87 -5.38 7.76 18.50
C ALA A 87 -4.20 7.33 17.69
N GLY B 1 19.87 -11.85 -6.80
CA GLY B 1 20.84 -12.74 -6.16
C GLY B 1 20.58 -12.80 -4.68
N SER B 2 21.54 -13.27 -3.90
CA SER B 2 21.38 -13.33 -2.47
C SER B 2 21.88 -12.04 -1.82
N VAL B 3 21.16 -10.98 -2.11
CA VAL B 3 21.41 -9.65 -1.61
C VAL B 3 20.08 -8.93 -1.50
N GLU B 4 19.60 -8.87 -0.32
CA GLU B 4 18.38 -8.17 -0.06
C GLU B 4 18.66 -6.66 -0.02
N LYS B 5 18.87 -6.14 1.17
CA LYS B 5 19.21 -4.75 1.45
C LYS B 5 18.94 -4.58 2.92
N LEU B 6 19.89 -5.05 3.72
CA LEU B 6 19.78 -5.13 5.18
C LEU B 6 18.77 -6.21 5.58
N THR B 7 17.50 -5.91 5.44
CA THR B 7 16.44 -6.84 5.74
C THR B 7 15.19 -6.41 4.93
N ALA B 8 14.17 -7.27 4.86
CA ALA B 8 12.95 -7.02 4.10
C ALA B 8 12.30 -5.69 4.43
N ASP B 9 12.26 -5.34 5.69
CA ASP B 9 11.58 -4.11 6.12
C ASP B 9 12.37 -2.89 5.61
N ALA B 10 13.67 -3.07 5.49
CA ALA B 10 14.55 -2.05 4.96
C ALA B 10 14.42 -1.98 3.43
N GLU B 11 14.27 -3.15 2.81
CA GLU B 11 14.09 -3.26 1.38
C GLU B 11 12.77 -2.59 0.96
N LEU B 12 11.72 -2.85 1.72
CA LEU B 12 10.40 -2.32 1.45
C LEU B 12 10.38 -0.81 1.57
N GLN B 13 11.26 -0.32 2.40
CA GLN B 13 11.47 1.12 2.58
C GLN B 13 11.98 1.78 1.30
N ARG B 14 12.91 1.13 0.62
CA ARG B 14 13.43 1.65 -0.64
C ARG B 14 12.37 1.56 -1.68
N LEU B 15 11.62 0.49 -1.63
CA LEU B 15 10.48 0.32 -2.51
C LEU B 15 9.43 1.42 -2.24
N LYS B 16 9.36 1.88 -0.98
CA LYS B 16 8.50 2.98 -0.61
C LYS B 16 8.98 4.20 -1.31
N ASN B 17 10.27 4.42 -1.20
CA ASN B 17 10.98 5.55 -1.81
C ASN B 17 10.74 5.53 -3.33
N GLU B 18 10.89 4.36 -3.92
CA GLU B 18 10.68 4.12 -5.35
C GLU B 18 9.29 4.54 -5.77
N ARG B 19 8.33 3.93 -5.15
CA ARG B 19 6.93 4.24 -5.39
C ARG B 19 6.59 5.67 -5.06
N HIS B 20 7.24 6.21 -4.07
CA HIS B 20 7.04 7.59 -3.69
C HIS B 20 7.56 8.49 -4.77
N GLU B 21 8.65 8.09 -5.39
CA GLU B 21 9.13 8.75 -6.56
C GLU B 21 8.14 8.55 -7.71
N GLU B 22 7.64 7.32 -7.88
CA GLU B 22 6.61 6.99 -8.91
C GLU B 22 5.40 7.92 -8.81
N ALA B 23 5.00 8.20 -7.59
CA ALA B 23 3.86 9.07 -7.34
C ALA B 23 4.18 10.48 -7.76
N GLU B 24 5.29 10.99 -7.27
CA GLU B 24 5.74 12.33 -7.60
C GLU B 24 6.02 12.45 -9.08
N LEU B 25 6.63 11.45 -9.64
CA LEU B 25 6.93 11.38 -11.07
C LEU B 25 5.66 11.43 -11.92
N GLU B 26 4.65 10.70 -11.51
CA GLU B 26 3.36 10.64 -12.20
C GLU B 26 2.65 11.99 -12.02
N ARG B 27 2.76 12.54 -10.84
CA ARG B 27 2.16 13.80 -10.51
C ARG B 27 2.89 14.94 -11.25
N LEU B 28 4.20 14.82 -11.36
CA LEU B 28 5.03 15.83 -12.04
C LEU B 28 4.82 15.73 -13.56
N LYS B 29 4.49 14.53 -14.01
CA LYS B 29 4.14 14.26 -15.40
C LYS B 29 2.89 15.07 -15.77
N SER B 30 2.10 15.38 -14.76
CA SER B 30 0.89 16.11 -14.92
C SER B 30 1.12 17.62 -14.66
N GLU B 31 1.77 17.93 -13.57
CA GLU B 31 2.04 19.31 -13.18
C GLU B 31 3.40 19.41 -12.50
N TYR B 32 4.03 20.56 -12.57
CA TYR B 32 5.35 20.73 -11.99
C TYR B 32 5.26 20.83 -10.47
N TYR A 1 -23.21 10.60 13.69
CA TYR A 1 -24.04 9.39 13.76
C TYR A 1 -23.22 8.20 13.29
N VAL A 2 -22.82 8.22 12.01
CA VAL A 2 -22.03 7.18 11.32
C VAL A 2 -22.58 5.75 11.48
N GLU A 3 -23.45 5.38 10.54
CA GLU A 3 -24.08 4.05 10.52
C GLU A 3 -23.01 2.97 10.38
N PHE A 4 -22.21 3.10 9.35
CA PHE A 4 -21.18 2.14 9.09
C PHE A 4 -19.90 2.61 9.75
N SER A 5 -19.74 2.20 10.99
CA SER A 5 -18.59 2.56 11.80
C SER A 5 -17.45 1.56 11.61
N GLU A 6 -17.56 0.78 10.58
CA GLU A 6 -16.61 -0.25 10.31
C GLU A 6 -15.48 0.26 9.45
N GLU A 7 -14.36 -0.41 9.58
CA GLU A 7 -13.13 -0.16 8.84
C GLU A 7 -12.52 1.20 9.16
N CYS A 8 -11.65 1.19 10.12
CA CYS A 8 -10.92 2.38 10.49
C CYS A 8 -9.50 2.03 10.83
N MET A 9 -8.65 3.00 10.75
CA MET A 9 -7.21 2.78 10.93
C MET A 9 -6.82 3.04 12.34
N HIS A 10 -6.13 2.09 12.92
CA HIS A 10 -5.66 2.17 14.30
C HIS A 10 -4.57 3.24 14.48
N GLY A 11 -3.79 3.47 13.46
CA GLY A 11 -2.73 4.46 13.51
C GLY A 11 -2.36 4.87 12.12
N SER A 12 -1.10 4.65 11.76
CA SER A 12 -0.66 4.93 10.39
C SER A 12 -1.21 3.89 9.42
N GLY A 13 -1.81 2.84 9.96
CA GLY A 13 -2.50 1.89 9.16
C GLY A 13 -1.74 0.63 8.90
N GLU A 14 -0.57 0.48 9.51
CA GLU A 14 0.18 -0.75 9.33
C GLU A 14 -0.58 -1.88 10.05
N ASN A 15 -1.31 -1.49 11.10
CA ASN A 15 -2.12 -2.42 11.87
C ASN A 15 -3.56 -2.45 11.30
N TYR A 16 -3.72 -1.99 10.08
CA TYR A 16 -5.00 -2.05 9.45
C TYR A 16 -5.13 -3.35 8.67
N ASP A 17 -6.13 -4.10 8.97
CA ASP A 17 -6.39 -5.34 8.29
C ASP A 17 -7.87 -5.41 7.98
N GLY A 18 -8.25 -4.65 6.99
CA GLY A 18 -9.65 -4.54 6.60
C GLY A 18 -9.92 -5.20 5.28
N LYS A 19 -11.16 -5.22 4.89
CA LYS A 19 -11.57 -5.87 3.66
C LYS A 19 -11.80 -4.86 2.54
N ILE A 20 -11.32 -3.64 2.74
CA ILE A 20 -11.48 -2.59 1.74
C ILE A 20 -10.55 -2.87 0.56
N SER A 21 -11.04 -2.70 -0.63
CA SER A 21 -10.27 -3.00 -1.81
C SER A 21 -10.34 -1.86 -2.82
N LYS A 22 -10.75 -0.70 -2.36
CA LYS A 22 -10.90 0.45 -3.22
C LYS A 22 -10.13 1.62 -2.70
N THR A 23 -9.65 2.45 -3.59
CA THR A 23 -8.74 3.51 -3.22
C THR A 23 -9.51 4.76 -2.80
N MET A 24 -8.81 5.84 -2.52
CA MET A 24 -9.44 7.11 -2.19
C MET A 24 -10.23 7.66 -3.38
N SER A 25 -9.86 7.24 -4.56
CA SER A 25 -10.53 7.60 -5.77
C SER A 25 -11.63 6.58 -6.11
N GLY A 26 -11.70 5.52 -5.30
CA GLY A 26 -12.68 4.48 -5.48
C GLY A 26 -12.31 3.52 -6.57
N LEU A 27 -11.05 3.48 -6.89
CA LEU A 27 -10.53 2.59 -7.89
C LEU A 27 -10.27 1.27 -7.23
N GLU A 28 -10.11 0.25 -8.00
CA GLU A 28 -9.91 -1.05 -7.43
C GLU A 28 -8.42 -1.32 -7.25
N CYS A 29 -8.10 -1.87 -6.12
CA CYS A 29 -6.75 -2.22 -5.80
C CYS A 29 -6.36 -3.54 -6.41
N GLN A 30 -5.12 -3.64 -6.70
CA GLN A 30 -4.50 -4.82 -7.25
C GLN A 30 -3.98 -5.69 -6.09
N ALA A 31 -4.20 -6.98 -6.19
CA ALA A 31 -3.76 -7.92 -5.19
C ALA A 31 -2.25 -7.88 -5.00
N TRP A 32 -1.83 -7.82 -3.76
CA TRP A 32 -0.43 -7.75 -3.39
C TRP A 32 0.32 -9.01 -3.84
N ASP A 33 -0.36 -10.10 -4.01
CA ASP A 33 0.29 -11.33 -4.45
C ASP A 33 0.29 -11.43 -5.97
N SER A 34 -0.31 -10.47 -6.63
CA SER A 34 -0.40 -10.47 -8.06
C SER A 34 0.62 -9.49 -8.63
N GLN A 35 1.21 -9.86 -9.76
CA GLN A 35 2.16 -8.99 -10.45
C GLN A 35 1.51 -8.40 -11.68
N SER A 36 0.21 -8.51 -11.74
CA SER A 36 -0.55 -8.00 -12.82
C SER A 36 -1.72 -7.23 -12.24
N PRO A 37 -1.94 -5.99 -12.71
CA PRO A 37 -1.27 -5.45 -13.93
C PRO A 37 0.13 -4.89 -13.63
N HIS A 38 0.31 -4.40 -12.43
CA HIS A 38 1.57 -3.80 -12.03
C HIS A 38 2.48 -4.77 -11.35
N ALA A 39 3.71 -4.73 -11.75
CA ALA A 39 4.73 -5.58 -11.18
C ALA A 39 5.26 -4.94 -9.93
N HIS A 40 5.58 -5.74 -8.94
CA HIS A 40 6.11 -5.19 -7.69
C HIS A 40 6.93 -6.21 -6.92
N GLY A 41 7.61 -5.75 -5.90
CA GLY A 41 8.37 -6.62 -5.08
C GLY A 41 7.71 -6.84 -3.75
N TYR A 42 6.41 -6.54 -3.67
CA TYR A 42 5.72 -6.72 -2.42
C TYR A 42 5.12 -8.07 -2.43
N ILE A 43 5.96 -8.99 -2.16
CA ILE A 43 5.57 -10.37 -2.10
C ILE A 43 5.11 -10.68 -0.67
N PRO A 44 3.88 -11.20 -0.51
CA PRO A 44 3.31 -11.50 0.82
C PRO A 44 3.99 -12.69 1.49
N SER A 45 4.82 -13.37 0.74
CA SER A 45 5.53 -14.49 1.24
C SER A 45 6.72 -14.01 2.06
N LYS A 46 7.26 -12.86 1.66
CA LYS A 46 8.42 -12.33 2.30
C LYS A 46 8.04 -11.25 3.31
N PHE A 47 6.87 -10.62 3.12
CA PHE A 47 6.39 -9.60 4.05
C PHE A 47 5.00 -9.97 4.62
N PRO A 48 4.85 -11.13 5.31
CA PRO A 48 3.54 -11.53 5.85
C PRO A 48 3.22 -10.75 7.12
N ASN A 49 4.28 -10.30 7.75
CA ASN A 49 4.27 -9.57 8.99
C ASN A 49 3.55 -8.23 8.89
N LYS A 50 3.47 -7.67 7.70
CA LYS A 50 2.79 -6.42 7.52
C LYS A 50 1.36 -6.64 7.04
N ASN A 51 0.92 -7.90 7.03
CA ASN A 51 -0.42 -8.30 6.58
C ASN A 51 -0.65 -7.93 5.15
N LEU A 52 0.31 -8.23 4.33
CA LEU A 52 0.23 -7.95 2.93
C LEU A 52 -0.70 -8.99 2.28
N LYS A 53 -2.01 -8.76 2.30
CA LYS A 53 -2.93 -9.79 1.81
C LYS A 53 -3.95 -9.24 0.82
N LYS A 54 -4.30 -10.08 -0.12
CA LYS A 54 -5.29 -9.81 -1.18
C LYS A 54 -5.07 -8.45 -1.83
N ASN A 55 -6.11 -7.71 -2.05
CA ASN A 55 -6.02 -6.39 -2.66
C ASN A 55 -6.57 -5.37 -1.69
N TYR A 56 -6.37 -5.64 -0.43
CA TYR A 56 -6.87 -4.82 0.62
C TYR A 56 -5.85 -3.76 0.96
N CYS A 57 -6.31 -2.54 1.20
CA CYS A 57 -5.41 -1.41 1.42
C CYS A 57 -4.57 -1.62 2.65
N ARG A 58 -3.29 -1.70 2.46
CA ARG A 58 -2.40 -1.95 3.55
C ARG A 58 -1.33 -0.89 3.60
N ASN A 59 -0.60 -0.91 4.66
CA ASN A 59 0.53 -0.04 4.84
C ASN A 59 1.68 -0.93 5.27
N PRO A 60 2.38 -1.55 4.30
CA PRO A 60 3.45 -2.49 4.59
C PRO A 60 4.81 -1.84 4.71
N ASP A 61 5.05 -0.90 3.86
CA ASP A 61 6.31 -0.25 3.73
C ASP A 61 6.46 0.95 4.64
N ARG A 62 5.41 1.27 5.36
CA ARG A 62 5.39 2.34 6.34
C ARG A 62 5.31 3.74 5.74
N ASP A 63 4.26 4.01 5.02
CA ASP A 63 3.91 5.36 4.60
C ASP A 63 3.08 5.99 5.75
N LEU A 64 2.37 7.06 5.50
CA LEU A 64 1.61 7.78 6.52
C LEU A 64 0.23 7.18 6.65
N ARG A 65 -0.27 6.63 5.56
CA ARG A 65 -1.55 5.99 5.50
C ARG A 65 -1.47 4.79 4.60
N PRO A 66 -2.34 3.78 4.80
CA PRO A 66 -2.45 2.65 3.90
C PRO A 66 -2.80 3.08 2.50
N TRP A 67 -2.38 2.32 1.60
CA TRP A 67 -2.49 2.60 0.24
C TRP A 67 -2.64 1.30 -0.48
N CYS A 68 -2.70 1.33 -1.77
CA CYS A 68 -2.88 0.15 -2.52
C CYS A 68 -2.43 0.36 -3.94
N PHE A 69 -2.03 -0.71 -4.61
CA PHE A 69 -1.67 -0.62 -6.01
C PHE A 69 -2.92 -0.54 -6.80
N THR A 70 -2.93 0.26 -7.81
CA THR A 70 -4.10 0.38 -8.60
C THR A 70 -4.09 -0.66 -9.68
N THR A 71 -5.25 -1.12 -10.08
CA THR A 71 -5.33 -2.06 -11.16
C THR A 71 -5.46 -1.27 -12.49
N ASP A 72 -5.14 0.02 -12.43
CA ASP A 72 -5.23 0.91 -13.54
C ASP A 72 -3.84 1.01 -14.14
N PRO A 73 -3.70 0.79 -15.46
CA PRO A 73 -2.38 0.78 -16.13
C PRO A 73 -1.63 2.12 -16.09
N ASN A 74 -2.33 3.19 -15.84
CA ASN A 74 -1.71 4.50 -15.73
C ASN A 74 -1.30 4.74 -14.30
N LYS A 75 -2.18 4.40 -13.39
CA LYS A 75 -2.00 4.72 -12.02
C LYS A 75 -1.09 3.72 -11.36
N ARG A 76 -0.05 4.21 -10.75
CA ARG A 76 0.90 3.35 -10.09
C ARG A 76 0.27 2.84 -8.81
N TRP A 77 -0.08 3.76 -7.96
CA TRP A 77 -0.71 3.43 -6.72
C TRP A 77 -1.53 4.59 -6.23
N GLU A 78 -2.38 4.31 -5.29
CA GLU A 78 -3.28 5.28 -4.71
C GLU A 78 -3.36 5.07 -3.22
N TYR A 79 -3.69 6.13 -2.53
CA TYR A 79 -3.95 6.07 -1.12
C TYR A 79 -5.30 5.49 -0.89
N CYS A 80 -5.50 4.98 0.26
CA CYS A 80 -6.78 4.53 0.64
C CYS A 80 -7.30 5.51 1.67
N ASP A 81 -8.51 5.93 1.54
CA ASP A 81 -9.05 6.93 2.43
C ASP A 81 -9.95 6.28 3.42
N ILE A 82 -9.35 5.85 4.46
CA ILE A 82 -10.01 5.11 5.48
C ILE A 82 -10.04 5.95 6.74
N PRO A 83 -11.17 5.97 7.46
CA PRO A 83 -11.27 6.58 8.80
C PRO A 83 -10.15 6.14 9.73
N ARG A 84 -9.96 6.86 10.79
CA ARG A 84 -8.97 6.51 11.75
C ARG A 84 -9.63 6.33 13.12
N CYS A 85 -9.50 5.16 13.70
CA CYS A 85 -9.99 4.90 15.01
C CYS A 85 -8.84 4.91 15.96
N ALA A 86 -9.06 5.36 17.17
CA ALA A 86 -7.99 5.41 18.14
C ALA A 86 -7.67 4.02 18.68
N ALA A 87 -8.70 3.21 18.83
CA ALA A 87 -8.55 1.87 19.34
C ALA A 87 -8.82 0.87 18.23
N GLY B 1 23.23 -16.28 4.23
CA GLY B 1 23.45 -15.23 3.25
C GLY B 1 22.79 -13.95 3.70
N SER B 2 22.75 -12.96 2.83
CA SER B 2 22.17 -11.68 3.17
C SER B 2 20.64 -11.73 3.09
N VAL B 3 20.12 -12.51 2.13
CA VAL B 3 18.68 -12.76 1.90
C VAL B 3 17.94 -11.53 1.34
N GLU B 4 18.06 -10.43 2.02
CA GLU B 4 17.36 -9.26 1.72
C GLU B 4 18.41 -8.15 1.48
N LYS B 5 18.15 -7.03 2.05
CA LYS B 5 18.96 -5.86 2.01
C LYS B 5 19.17 -5.50 3.47
N LEU B 6 19.73 -6.47 4.16
CA LEU B 6 19.98 -6.49 5.60
C LEU B 6 18.72 -6.72 6.41
N THR B 7 17.64 -6.07 6.05
CA THR B 7 16.39 -6.21 6.74
C THR B 7 15.23 -6.03 5.75
N ALA B 8 14.11 -6.72 5.99
CA ALA B 8 12.92 -6.68 5.13
C ALA B 8 12.33 -5.27 5.04
N ASP B 9 12.13 -4.64 6.18
CA ASP B 9 11.56 -3.27 6.26
C ASP B 9 12.47 -2.27 5.58
N ALA B 10 13.75 -2.57 5.64
CA ALA B 10 14.79 -1.76 4.99
C ALA B 10 14.64 -1.82 3.46
N GLU B 11 14.37 -3.01 2.95
CA GLU B 11 14.15 -3.22 1.51
C GLU B 11 12.87 -2.49 1.13
N LEU B 12 11.85 -2.66 1.98
CA LEU B 12 10.57 -1.99 1.84
C LEU B 12 10.73 -0.49 1.72
N GLN B 13 11.62 0.07 2.50
CA GLN B 13 11.86 1.51 2.46
C GLN B 13 12.38 1.98 1.10
N ARG B 14 13.26 1.21 0.50
CA ARG B 14 13.82 1.56 -0.81
C ARG B 14 12.74 1.44 -1.85
N LEU B 15 12.05 0.34 -1.79
CA LEU B 15 10.95 0.06 -2.70
C LEU B 15 9.83 1.13 -2.57
N LYS B 16 9.58 1.53 -1.37
CA LYS B 16 8.59 2.53 -1.06
C LYS B 16 9.01 3.87 -1.60
N ASN B 17 10.25 4.23 -1.35
CA ASN B 17 10.80 5.52 -1.74
C ASN B 17 10.82 5.62 -3.24
N GLU B 18 10.95 4.47 -3.87
CA GLU B 18 10.87 4.31 -5.31
C GLU B 18 9.51 4.78 -5.76
N ARG B 19 8.50 4.10 -5.27
CA ARG B 19 7.12 4.46 -5.52
C ARG B 19 6.75 5.84 -5.10
N HIS B 20 7.47 6.40 -4.17
CA HIS B 20 7.24 7.74 -3.76
C HIS B 20 7.79 8.70 -4.78
N GLU B 21 8.95 8.39 -5.31
CA GLU B 21 9.49 9.10 -6.43
C GLU B 21 8.58 8.95 -7.64
N GLU B 22 8.19 7.71 -7.90
CA GLU B 22 7.29 7.38 -9.00
C GLU B 22 5.96 8.10 -8.89
N ALA B 23 5.43 8.19 -7.69
CA ALA B 23 4.16 8.89 -7.43
C ALA B 23 4.30 10.37 -7.70
N GLU B 24 5.44 10.94 -7.37
CA GLU B 24 5.67 12.32 -7.62
C GLU B 24 5.94 12.55 -9.08
N LEU B 25 6.58 11.58 -9.67
CA LEU B 25 6.86 11.56 -11.09
C LEU B 25 5.53 11.41 -11.86
N GLU B 26 4.60 10.70 -11.24
CA GLU B 26 3.26 10.49 -11.75
C GLU B 26 2.49 11.80 -11.74
N ARG B 27 2.65 12.55 -10.68
CA ARG B 27 2.08 13.88 -10.55
C ARG B 27 2.66 14.78 -11.65
N LEU B 28 3.96 14.64 -11.84
CA LEU B 28 4.71 15.39 -12.83
C LEU B 28 4.29 15.04 -14.27
N LYS B 29 4.11 13.76 -14.56
CA LYS B 29 3.79 13.30 -15.92
C LYS B 29 2.38 13.71 -16.33
N SER B 30 1.53 13.95 -15.31
CA SER B 30 0.11 14.26 -15.46
C SER B 30 -0.67 12.96 -15.80
N GLU B 31 -1.90 12.87 -15.35
CA GLU B 31 -2.66 11.65 -15.50
C GLU B 31 -3.53 11.64 -16.74
N TYR B 32 -3.23 10.73 -17.63
CA TYR B 32 -3.99 10.53 -18.81
C TYR B 32 -4.73 9.21 -18.69
N TYR A 1 -22.70 -5.43 1.67
CA TYR A 1 -22.72 -4.52 0.55
C TYR A 1 -22.78 -3.06 1.04
N VAL A 2 -23.37 -2.83 2.22
CA VAL A 2 -23.52 -1.47 2.70
C VAL A 2 -22.22 -0.99 3.35
N GLU A 3 -21.93 0.27 3.15
CA GLU A 3 -20.75 0.86 3.70
C GLU A 3 -20.97 1.16 5.19
N PHE A 4 -20.10 0.66 6.02
CA PHE A 4 -20.16 0.90 7.42
C PHE A 4 -19.23 2.05 7.74
N SER A 5 -19.74 3.06 8.39
CA SER A 5 -18.96 4.24 8.70
C SER A 5 -17.94 3.93 9.80
N GLU A 6 -18.23 2.94 10.63
CA GLU A 6 -17.32 2.61 11.68
C GLU A 6 -16.47 1.41 11.30
N GLU A 7 -15.51 1.66 10.46
CA GLU A 7 -14.47 0.69 10.14
C GLU A 7 -13.18 1.46 10.14
N CYS A 8 -12.72 1.75 11.31
CA CYS A 8 -11.59 2.59 11.51
C CYS A 8 -10.56 1.95 12.37
N MET A 9 -9.34 2.22 12.03
CA MET A 9 -8.21 1.59 12.73
C MET A 9 -7.11 2.56 13.10
N HIS A 10 -6.23 2.09 13.94
CA HIS A 10 -5.14 2.83 14.54
C HIS A 10 -3.98 3.24 13.60
N GLY A 11 -3.74 4.55 13.61
CA GLY A 11 -2.57 5.22 13.03
C GLY A 11 -2.07 4.78 11.66
N SER A 12 -0.95 4.04 11.68
CA SER A 12 -0.23 3.67 10.47
C SER A 12 -1.03 2.74 9.57
N GLY A 13 -1.86 1.90 10.17
CA GLY A 13 -2.66 0.98 9.40
C GLY A 13 -1.87 -0.20 8.85
N GLU A 14 -0.75 -0.48 9.46
CA GLU A 14 0.06 -1.64 9.08
C GLU A 14 -0.57 -2.89 9.66
N ASN A 15 -1.31 -2.69 10.73
CA ASN A 15 -2.00 -3.75 11.42
C ASN A 15 -3.47 -3.76 10.96
N TYR A 16 -3.74 -3.03 9.89
CA TYR A 16 -5.07 -2.94 9.34
C TYR A 16 -5.41 -4.26 8.67
N ASP A 17 -6.52 -4.83 9.04
CA ASP A 17 -6.93 -6.08 8.45
C ASP A 17 -8.39 -5.99 8.05
N GLY A 18 -8.83 -4.78 7.83
CA GLY A 18 -10.18 -4.53 7.37
C GLY A 18 -10.28 -4.83 5.89
N LYS A 19 -11.47 -4.89 5.37
CA LYS A 19 -11.63 -5.29 3.99
C LYS A 19 -12.00 -4.12 3.10
N ILE A 20 -11.09 -3.21 2.94
CA ILE A 20 -11.28 -2.15 1.99
C ILE A 20 -10.44 -2.48 0.76
N SER A 21 -10.97 -2.28 -0.40
CA SER A 21 -10.23 -2.59 -1.58
C SER A 21 -10.33 -1.46 -2.59
N LYS A 22 -10.77 -0.33 -2.12
CA LYS A 22 -10.95 0.81 -2.98
C LYS A 22 -10.09 1.94 -2.47
N THR A 23 -9.45 2.65 -3.37
CA THR A 23 -8.46 3.64 -3.01
C THR A 23 -9.13 4.92 -2.51
N MET A 24 -8.38 5.99 -2.32
CA MET A 24 -8.96 7.23 -1.86
C MET A 24 -9.85 7.87 -2.92
N SER A 25 -9.61 7.52 -4.19
CA SER A 25 -10.47 7.93 -5.26
C SER A 25 -11.54 6.87 -5.51
N GLY A 26 -11.47 5.78 -4.76
CA GLY A 26 -12.46 4.73 -4.88
C GLY A 26 -12.19 3.78 -6.00
N LEU A 27 -10.96 3.67 -6.41
CA LEU A 27 -10.60 2.75 -7.46
C LEU A 27 -10.35 1.39 -6.85
N GLU A 28 -10.46 0.36 -7.62
CA GLU A 28 -10.34 -0.99 -7.10
C GLU A 28 -8.86 -1.39 -7.06
N CYS A 29 -8.49 -2.04 -5.99
CA CYS A 29 -7.12 -2.45 -5.75
C CYS A 29 -6.77 -3.76 -6.42
N GLN A 30 -5.50 -3.86 -6.73
CA GLN A 30 -4.87 -5.02 -7.33
C GLN A 30 -4.30 -5.88 -6.22
N ALA A 31 -4.51 -7.18 -6.33
CA ALA A 31 -4.01 -8.12 -5.35
C ALA A 31 -2.49 -8.05 -5.23
N TRP A 32 -2.02 -7.93 -4.00
CA TRP A 32 -0.60 -7.84 -3.65
C TRP A 32 0.17 -9.05 -4.16
N ASP A 33 -0.53 -10.15 -4.26
CA ASP A 33 0.05 -11.42 -4.66
C ASP A 33 0.25 -11.46 -6.16
N SER A 34 -0.55 -10.70 -6.85
CA SER A 34 -0.54 -10.67 -8.27
C SER A 34 0.39 -9.58 -8.74
N GLN A 35 1.36 -9.94 -9.56
CA GLN A 35 2.29 -8.99 -10.09
C GLN A 35 1.78 -8.48 -11.46
N SER A 36 0.52 -8.72 -11.68
CA SER A 36 -0.16 -8.33 -12.86
C SER A 36 -1.39 -7.55 -12.41
N PRO A 37 -1.59 -6.33 -12.95
CA PRO A 37 -0.77 -5.79 -14.06
C PRO A 37 0.57 -5.23 -13.56
N HIS A 38 0.53 -4.61 -12.40
CA HIS A 38 1.66 -3.87 -11.88
C HIS A 38 2.75 -4.72 -11.32
N ALA A 39 3.93 -4.58 -11.90
CA ALA A 39 5.10 -5.29 -11.48
C ALA A 39 5.59 -4.63 -10.22
N HIS A 40 5.82 -5.41 -9.21
CA HIS A 40 6.14 -4.85 -7.93
C HIS A 40 6.76 -5.90 -7.07
N GLY A 41 7.54 -5.49 -6.13
CA GLY A 41 8.24 -6.41 -5.31
C GLY A 41 7.62 -6.57 -3.96
N TYR A 42 6.34 -6.36 -3.85
CA TYR A 42 5.68 -6.51 -2.58
C TYR A 42 5.05 -7.84 -2.58
N ILE A 43 5.87 -8.82 -2.40
CA ILE A 43 5.41 -10.16 -2.38
C ILE A 43 4.94 -10.49 -0.96
N PRO A 44 3.68 -10.94 -0.79
CA PRO A 44 3.06 -11.14 0.52
C PRO A 44 3.64 -12.29 1.32
N SER A 45 4.40 -13.13 0.67
CA SER A 45 4.99 -14.23 1.32
C SER A 45 6.31 -13.81 1.98
N LYS A 46 6.94 -12.78 1.43
CA LYS A 46 8.16 -12.32 1.97
C LYS A 46 7.91 -11.25 3.04
N PHE A 47 6.77 -10.55 2.94
CA PHE A 47 6.40 -9.59 3.96
C PHE A 47 5.00 -9.94 4.51
N PRO A 48 4.88 -11.04 5.29
CA PRO A 48 3.58 -11.51 5.82
C PRO A 48 3.11 -10.71 7.04
N ASN A 49 4.10 -10.19 7.74
CA ASN A 49 3.95 -9.44 8.99
C ASN A 49 3.13 -8.17 8.81
N LYS A 50 3.12 -7.64 7.63
CA LYS A 50 2.45 -6.40 7.35
C LYS A 50 1.03 -6.64 6.85
N ASN A 51 0.57 -7.88 7.03
CA ASN A 51 -0.78 -8.30 6.65
C ASN A 51 -1.02 -8.06 5.20
N LEU A 52 -0.05 -8.34 4.38
CA LEU A 52 -0.18 -8.11 2.98
C LEU A 52 -1.08 -9.21 2.40
N LYS A 53 -2.38 -9.01 2.47
CA LYS A 53 -3.31 -10.03 2.06
C LYS A 53 -4.23 -9.53 0.97
N LYS A 54 -4.52 -10.42 0.07
CA LYS A 54 -5.37 -10.20 -1.10
C LYS A 54 -5.14 -8.89 -1.82
N ASN A 55 -6.11 -8.04 -1.79
CA ASN A 55 -6.08 -6.76 -2.49
C ASN A 55 -6.66 -5.72 -1.58
N TYR A 56 -6.50 -5.96 -0.30
CA TYR A 56 -7.00 -5.06 0.69
C TYR A 56 -5.94 -4.05 1.03
N CYS A 57 -6.33 -2.80 1.24
CA CYS A 57 -5.37 -1.71 1.46
C CYS A 57 -4.55 -1.94 2.70
N ARG A 58 -3.26 -2.07 2.53
CA ARG A 58 -2.39 -2.38 3.64
C ARG A 58 -1.24 -1.40 3.69
N ASN A 59 -0.44 -1.48 4.72
CA ASN A 59 0.72 -0.61 4.87
C ASN A 59 1.93 -1.45 5.28
N PRO A 60 2.68 -1.97 4.32
CA PRO A 60 3.91 -2.69 4.63
C PRO A 60 5.15 -1.79 4.73
N ASP A 61 5.14 -0.81 3.87
CA ASP A 61 6.22 0.16 3.62
C ASP A 61 6.61 1.03 4.80
N ARG A 62 5.73 1.15 5.81
CA ARG A 62 5.87 2.16 6.90
C ARG A 62 5.45 3.52 6.35
N ASP A 63 4.70 3.46 5.24
CA ASP A 63 4.14 4.60 4.50
C ASP A 63 3.23 5.43 5.43
N LEU A 64 2.83 6.56 4.99
CA LEU A 64 2.07 7.51 5.80
C LEU A 64 0.67 6.98 6.10
N ARG A 65 0.13 6.25 5.17
CA ARG A 65 -1.21 5.74 5.28
C ARG A 65 -1.29 4.53 4.40
N PRO A 66 -2.09 3.49 4.76
CA PRO A 66 -2.26 2.32 3.91
C PRO A 66 -2.71 2.70 2.53
N TRP A 67 -2.30 1.94 1.61
CA TRP A 67 -2.48 2.21 0.26
C TRP A 67 -2.75 0.92 -0.46
N CYS A 68 -2.88 0.96 -1.75
CA CYS A 68 -3.10 -0.21 -2.50
C CYS A 68 -2.67 0.04 -3.94
N PHE A 69 -2.37 -1.02 -4.65
CA PHE A 69 -2.08 -0.89 -6.06
C PHE A 69 -3.37 -0.83 -6.80
N THR A 70 -3.43 -0.08 -7.84
CA THR A 70 -4.65 0.04 -8.57
C THR A 70 -4.75 -1.03 -9.64
N THR A 71 -5.97 -1.32 -10.03
CA THR A 71 -6.23 -2.25 -11.10
C THR A 71 -6.12 -1.56 -12.47
N ASP A 72 -6.11 -0.23 -12.46
CA ASP A 72 -6.04 0.52 -13.68
C ASP A 72 -4.60 0.59 -14.16
N PRO A 73 -4.34 0.32 -15.45
CA PRO A 73 -2.98 0.32 -16.01
C PRO A 73 -2.30 1.70 -16.00
N ASN A 74 -3.05 2.75 -15.83
CA ASN A 74 -2.48 4.07 -15.76
C ASN A 74 -2.23 4.44 -14.31
N LYS A 75 -3.14 4.08 -13.44
CA LYS A 75 -2.98 4.40 -12.05
C LYS A 75 -2.08 3.37 -11.42
N ARG A 76 -0.93 3.78 -10.99
CA ARG A 76 0.03 2.82 -10.47
C ARG A 76 -0.36 2.37 -9.07
N TRP A 77 -0.44 3.32 -8.19
CA TRP A 77 -0.90 3.07 -6.85
C TRP A 77 -1.59 4.30 -6.38
N GLU A 78 -2.26 4.17 -5.28
CA GLU A 78 -2.93 5.28 -4.68
C GLU A 78 -3.10 5.00 -3.20
N TYR A 79 -3.11 6.06 -2.41
CA TYR A 79 -3.40 5.95 -1.01
C TYR A 79 -4.80 5.50 -0.82
N CYS A 80 -5.03 4.80 0.22
CA CYS A 80 -6.33 4.33 0.52
C CYS A 80 -6.82 5.14 1.68
N ASP A 81 -8.07 5.46 1.70
CA ASP A 81 -8.57 6.29 2.78
C ASP A 81 -9.08 5.43 3.88
N ILE A 82 -8.20 5.13 4.78
CA ILE A 82 -8.51 4.32 5.91
C ILE A 82 -8.94 5.22 7.03
N PRO A 83 -10.18 5.08 7.47
CA PRO A 83 -10.66 5.71 8.68
C PRO A 83 -9.75 5.40 9.87
N ARG A 84 -9.39 6.41 10.61
CA ARG A 84 -8.53 6.24 11.73
C ARG A 84 -9.30 6.37 13.03
N CYS A 85 -9.14 5.39 13.89
CA CYS A 85 -9.77 5.34 15.17
C CYS A 85 -8.79 4.80 16.20
N ALA A 86 -9.20 4.75 17.44
CA ALA A 86 -8.40 4.15 18.50
C ALA A 86 -8.74 2.66 18.58
N ALA A 87 -8.65 2.01 17.45
CA ALA A 87 -8.97 0.62 17.32
C ALA A 87 -7.81 -0.08 16.68
N GLY B 1 18.99 -7.62 -2.26
CA GLY B 1 19.95 -6.83 -3.03
C GLY B 1 21.26 -6.67 -2.29
N SER B 2 22.32 -6.35 -3.01
CA SER B 2 23.64 -6.18 -2.42
C SER B 2 23.75 -4.84 -1.69
N VAL B 3 23.62 -3.76 -2.43
CA VAL B 3 23.67 -2.40 -1.87
C VAL B 3 22.27 -1.96 -1.44
N GLU B 4 21.50 -2.94 -1.04
CA GLU B 4 20.15 -2.79 -0.57
C GLU B 4 20.13 -1.86 0.63
N LYS B 5 20.71 -2.37 1.72
CA LYS B 5 20.81 -1.74 3.04
C LYS B 5 20.91 -2.89 4.02
N LEU B 6 20.40 -4.05 3.56
CA LEU B 6 20.42 -5.32 4.26
C LEU B 6 19.37 -5.42 5.34
N THR B 7 18.13 -5.64 4.91
CA THR B 7 16.96 -5.91 5.75
C THR B 7 15.68 -5.75 4.94
N ALA B 8 14.66 -6.55 5.26
CA ALA B 8 13.36 -6.54 4.60
C ALA B 8 12.73 -5.16 4.70
N ASP B 9 12.94 -4.52 5.84
CA ASP B 9 12.41 -3.19 6.13
C ASP B 9 13.04 -2.15 5.23
N ALA B 10 14.25 -2.41 4.78
CA ALA B 10 14.96 -1.48 3.92
C ALA B 10 14.44 -1.59 2.52
N GLU B 11 14.22 -2.83 2.08
CA GLU B 11 13.67 -3.08 0.77
C GLU B 11 12.29 -2.42 0.72
N LEU B 12 11.52 -2.63 1.78
CA LEU B 12 10.22 -2.01 1.98
C LEU B 12 10.31 -0.49 1.87
N GLN B 13 11.25 0.09 2.60
CA GLN B 13 11.41 1.53 2.62
C GLN B 13 11.85 2.06 1.26
N ARG B 14 12.73 1.36 0.60
CA ARG B 14 13.23 1.79 -0.67
C ARG B 14 12.17 1.63 -1.74
N LEU B 15 11.40 0.56 -1.68
CA LEU B 15 10.29 0.36 -2.62
C LEU B 15 9.23 1.44 -2.39
N LYS B 16 9.01 1.76 -1.11
CA LYS B 16 8.13 2.85 -0.70
C LYS B 16 8.60 4.12 -1.36
N ASN B 17 9.84 4.45 -1.08
CA ASN B 17 10.53 5.62 -1.62
C ASN B 17 10.49 5.63 -3.12
N GLU B 18 10.65 4.47 -3.72
CA GLU B 18 10.57 4.31 -5.16
C GLU B 18 9.24 4.76 -5.66
N ARG B 19 8.19 4.12 -5.16
CA ARG B 19 6.81 4.50 -5.51
C ARG B 19 6.54 5.97 -5.25
N HIS B 20 7.12 6.48 -4.19
CA HIS B 20 6.95 7.87 -3.79
C HIS B 20 7.61 8.79 -4.78
N GLU B 21 8.80 8.42 -5.20
CA GLU B 21 9.50 9.15 -6.24
C GLU B 21 8.77 9.01 -7.55
N GLU B 22 8.43 7.78 -7.92
CA GLU B 22 7.69 7.47 -9.14
C GLU B 22 6.41 8.27 -9.24
N ALA B 23 5.68 8.35 -8.15
CA ALA B 23 4.43 9.07 -8.13
C ALA B 23 4.65 10.54 -8.36
N GLU B 24 5.60 11.10 -7.66
CA GLU B 24 5.90 12.51 -7.78
C GLU B 24 6.49 12.82 -9.15
N LEU B 25 7.39 11.97 -9.58
CA LEU B 25 8.02 12.07 -10.87
C LEU B 25 7.01 11.95 -11.99
N GLU B 26 6.07 11.05 -11.85
CA GLU B 26 5.08 10.83 -12.86
C GLU B 26 4.03 11.94 -12.84
N ARG B 27 3.83 12.52 -11.66
CA ARG B 27 2.91 13.64 -11.45
C ARG B 27 3.51 14.85 -12.16
N LEU B 28 4.79 15.08 -11.92
CA LEU B 28 5.53 16.17 -12.53
C LEU B 28 5.63 15.98 -14.04
N LYS B 29 5.90 14.74 -14.44
CA LYS B 29 6.02 14.36 -15.86
C LYS B 29 4.64 14.48 -16.54
N SER B 30 3.59 14.42 -15.70
CA SER B 30 2.19 14.60 -16.07
C SER B 30 1.67 13.41 -16.91
N GLU B 31 2.33 12.27 -16.79
CA GLU B 31 1.95 11.12 -17.59
C GLU B 31 0.87 10.26 -16.96
N TYR B 32 0.61 10.43 -15.68
CA TYR B 32 -0.45 9.72 -15.02
C TYR B 32 -1.47 10.70 -14.51
N TYR A 1 -13.11 -0.99 19.83
CA TYR A 1 -11.81 -1.34 20.39
C TYR A 1 -10.80 -0.23 20.07
N VAL A 2 -9.99 0.16 21.06
CA VAL A 2 -8.99 1.23 20.96
C VAL A 2 -8.07 1.07 19.71
N GLU A 3 -7.90 2.17 18.98
CA GLU A 3 -7.10 2.25 17.74
C GLU A 3 -7.70 1.45 16.59
N PHE A 4 -7.73 0.16 16.71
CA PHE A 4 -8.17 -0.69 15.64
C PHE A 4 -9.21 -1.66 16.10
N SER A 5 -10.42 -1.43 15.68
CA SER A 5 -11.46 -2.36 15.93
C SER A 5 -11.48 -3.35 14.76
N GLU A 6 -11.81 -2.81 13.61
CA GLU A 6 -11.87 -3.49 12.34
C GLU A 6 -12.40 -2.39 11.44
N GLU A 7 -12.30 -2.52 10.12
CA GLU A 7 -12.78 -1.51 9.12
C GLU A 7 -11.93 -0.23 9.11
N CYS A 8 -11.58 0.25 10.27
CA CYS A 8 -10.93 1.52 10.44
C CYS A 8 -9.51 1.35 10.77
N MET A 9 -8.78 2.43 10.65
CA MET A 9 -7.38 2.35 10.82
C MET A 9 -6.90 2.65 12.21
N HIS A 10 -5.86 1.90 12.54
CA HIS A 10 -5.13 1.94 13.81
C HIS A 10 -4.33 3.23 13.88
N GLY A 11 -4.02 3.77 12.72
CA GLY A 11 -3.24 4.95 12.62
C GLY A 11 -2.27 4.83 11.47
N SER A 12 -1.07 4.36 11.77
CA SER A 12 -0.01 4.20 10.80
C SER A 12 -0.42 3.24 9.67
N GLY A 13 -1.04 2.12 10.01
CA GLY A 13 -1.53 1.27 8.98
C GLY A 13 -0.99 -0.12 8.96
N GLU A 14 0.20 -0.32 9.52
CA GLU A 14 0.81 -1.66 9.57
C GLU A 14 -0.07 -2.67 10.33
N ASN A 15 -0.87 -2.17 11.26
CA ASN A 15 -1.75 -3.00 12.07
C ASN A 15 -3.13 -3.14 11.41
N TYR A 16 -3.32 -2.51 10.27
CA TYR A 16 -4.61 -2.54 9.61
C TYR A 16 -4.78 -3.80 8.78
N ASP A 17 -5.61 -4.70 9.26
CA ASP A 17 -5.88 -5.92 8.53
C ASP A 17 -7.33 -5.96 8.06
N GLY A 18 -7.88 -4.77 7.87
CA GLY A 18 -9.25 -4.64 7.37
C GLY A 18 -9.37 -5.07 5.92
N LYS A 19 -10.58 -5.20 5.45
CA LYS A 19 -10.81 -5.78 4.12
C LYS A 19 -11.21 -4.73 3.06
N ILE A 20 -10.73 -3.51 3.21
CA ILE A 20 -11.00 -2.49 2.21
C ILE A 20 -10.12 -2.77 0.99
N SER A 21 -10.67 -2.67 -0.19
CA SER A 21 -9.93 -2.95 -1.38
C SER A 21 -10.09 -1.86 -2.43
N LYS A 22 -10.52 -0.70 -2.00
CA LYS A 22 -10.66 0.43 -2.89
C LYS A 22 -9.81 1.57 -2.38
N THR A 23 -9.25 2.35 -3.28
CA THR A 23 -8.30 3.38 -2.92
C THR A 23 -9.04 4.67 -2.49
N MET A 24 -8.34 5.79 -2.36
CA MET A 24 -8.96 7.03 -1.92
C MET A 24 -9.96 7.55 -2.96
N SER A 25 -9.75 7.21 -4.21
CA SER A 25 -10.66 7.57 -5.25
C SER A 25 -11.70 6.48 -5.43
N GLY A 26 -11.49 5.36 -4.75
CA GLY A 26 -12.38 4.26 -4.83
C GLY A 26 -12.07 3.34 -5.98
N LEU A 27 -10.84 3.40 -6.46
CA LEU A 27 -10.40 2.52 -7.50
C LEU A 27 -10.17 1.15 -6.92
N GLU A 28 -10.14 0.18 -7.75
CA GLU A 28 -10.02 -1.18 -7.31
C GLU A 28 -8.55 -1.52 -7.13
N CYS A 29 -8.21 -2.01 -5.97
CA CYS A 29 -6.86 -2.39 -5.70
C CYS A 29 -6.50 -3.71 -6.35
N GLN A 30 -5.27 -3.77 -6.73
CA GLN A 30 -4.65 -4.93 -7.32
C GLN A 30 -4.05 -5.75 -6.20
N ALA A 31 -4.34 -7.03 -6.21
CA ALA A 31 -3.87 -7.94 -5.20
C ALA A 31 -2.35 -7.95 -5.09
N TRP A 32 -1.87 -7.94 -3.86
CA TRP A 32 -0.45 -7.92 -3.55
C TRP A 32 0.24 -9.14 -4.14
N ASP A 33 -0.48 -10.24 -4.14
CA ASP A 33 0.03 -11.52 -4.64
C ASP A 33 -0.08 -11.62 -6.14
N SER A 34 -0.77 -10.67 -6.73
CA SER A 34 -0.95 -10.65 -8.15
C SER A 34 -0.02 -9.63 -8.75
N GLN A 35 0.83 -10.06 -9.63
CA GLN A 35 1.79 -9.17 -10.22
C GLN A 35 1.30 -8.72 -11.62
N SER A 36 0.00 -8.74 -11.78
CA SER A 36 -0.63 -8.32 -12.98
C SER A 36 -1.84 -7.45 -12.64
N PRO A 37 -1.89 -6.23 -13.19
CA PRO A 37 -1.07 -5.83 -14.36
C PRO A 37 0.29 -5.26 -13.95
N HIS A 38 0.32 -4.67 -12.78
CA HIS A 38 1.51 -4.01 -12.30
C HIS A 38 2.52 -4.94 -11.65
N ALA A 39 3.71 -4.95 -12.21
CA ALA A 39 4.82 -5.69 -11.70
C ALA A 39 5.37 -4.93 -10.52
N HIS A 40 5.63 -5.62 -9.45
CA HIS A 40 6.01 -4.95 -8.21
C HIS A 40 6.64 -5.97 -7.28
N GLY A 41 7.42 -5.50 -6.35
CA GLY A 41 8.10 -6.38 -5.45
C GLY A 41 7.49 -6.44 -4.08
N TYR A 42 6.19 -6.27 -3.99
CA TYR A 42 5.55 -6.37 -2.69
C TYR A 42 4.92 -7.71 -2.62
N ILE A 43 5.75 -8.66 -2.38
CA ILE A 43 5.33 -10.03 -2.33
C ILE A 43 4.93 -10.41 -0.90
N PRO A 44 3.68 -10.91 -0.71
CA PRO A 44 3.10 -11.26 0.61
C PRO A 44 3.86 -12.33 1.36
N SER A 45 4.59 -13.16 0.66
CA SER A 45 5.27 -14.23 1.27
C SER A 45 6.57 -13.76 1.91
N LYS A 46 7.17 -12.73 1.32
CA LYS A 46 8.41 -12.25 1.82
C LYS A 46 8.18 -11.15 2.86
N PHE A 47 6.98 -10.57 2.84
CA PHE A 47 6.57 -9.58 3.85
C PHE A 47 5.29 -10.10 4.53
N PRO A 48 5.37 -11.21 5.29
CA PRO A 48 4.19 -11.86 5.85
C PRO A 48 3.62 -11.12 7.05
N ASN A 49 4.49 -10.60 7.88
CA ASN A 49 4.12 -9.91 9.10
C ASN A 49 3.43 -8.57 8.84
N LYS A 50 3.43 -8.11 7.59
CA LYS A 50 2.78 -6.88 7.26
C LYS A 50 1.35 -7.15 6.75
N ASN A 51 0.98 -8.44 6.75
CA ASN A 51 -0.38 -8.92 6.44
C ASN A 51 -0.81 -8.53 5.01
N LEU A 52 0.10 -8.64 4.07
CA LEU A 52 -0.22 -8.36 2.67
C LEU A 52 -1.06 -9.47 2.11
N LYS A 53 -2.35 -9.30 2.14
CA LYS A 53 -3.23 -10.31 1.63
C LYS A 53 -4.23 -9.69 0.73
N LYS A 54 -4.57 -10.46 -0.26
CA LYS A 54 -5.50 -10.10 -1.30
C LYS A 54 -5.16 -8.74 -1.88
N ASN A 55 -6.15 -7.92 -2.05
CA ASN A 55 -6.00 -6.59 -2.60
C ASN A 55 -6.49 -5.61 -1.55
N TYR A 56 -6.26 -5.96 -0.32
CA TYR A 56 -6.68 -5.16 0.79
C TYR A 56 -5.64 -4.11 1.10
N CYS A 57 -6.08 -2.90 1.45
CA CYS A 57 -5.14 -1.80 1.68
C CYS A 57 -4.27 -2.09 2.88
N ARG A 58 -2.99 -2.02 2.68
CA ARG A 58 -2.02 -2.33 3.69
C ARG A 58 -0.98 -1.26 3.75
N ASN A 59 -0.16 -1.32 4.76
CA ASN A 59 0.97 -0.43 4.89
C ASN A 59 2.16 -1.24 5.39
N PRO A 60 2.87 -1.90 4.48
CA PRO A 60 4.06 -2.67 4.85
C PRO A 60 5.28 -1.77 5.00
N ASP A 61 5.32 -0.80 4.14
CA ASP A 61 6.38 0.17 3.96
C ASP A 61 6.70 0.95 5.19
N ARG A 62 5.69 1.18 6.03
CA ARG A 62 5.75 2.13 7.16
C ARG A 62 5.63 3.52 6.59
N ASP A 63 4.84 3.59 5.53
CA ASP A 63 4.49 4.80 4.82
C ASP A 63 3.55 5.63 5.71
N LEU A 64 3.00 6.69 5.21
CA LEU A 64 2.20 7.58 6.02
C LEU A 64 0.84 6.99 6.38
N ARG A 65 0.31 6.17 5.52
CA ARG A 65 -0.94 5.52 5.76
C ARG A 65 -1.04 4.38 4.77
N PRO A 66 -1.95 3.41 4.98
CA PRO A 66 -2.16 2.32 4.04
C PRO A 66 -2.50 2.81 2.64
N TRP A 67 -2.14 2.03 1.72
CA TRP A 67 -2.29 2.34 0.35
C TRP A 67 -2.54 1.03 -0.35
N CYS A 68 -2.67 1.06 -1.64
CA CYS A 68 -2.90 -0.14 -2.37
C CYS A 68 -2.51 0.09 -3.81
N PHE A 69 -2.22 -0.98 -4.54
CA PHE A 69 -1.91 -0.86 -5.94
C PHE A 69 -3.19 -0.75 -6.72
N THR A 70 -3.16 -0.03 -7.78
CA THR A 70 -4.32 0.16 -8.60
C THR A 70 -4.42 -0.86 -9.72
N THR A 71 -5.63 -1.20 -10.10
CA THR A 71 -5.87 -2.03 -11.24
C THR A 71 -5.96 -1.16 -12.50
N ASP A 72 -5.93 0.17 -12.29
CA ASP A 72 -5.94 1.11 -13.37
C ASP A 72 -4.57 1.07 -14.02
N PRO A 73 -4.48 0.72 -15.32
CA PRO A 73 -3.20 0.58 -16.02
C PRO A 73 -2.29 1.80 -15.95
N ASN A 74 -2.86 2.97 -15.79
CA ASN A 74 -2.08 4.18 -15.74
C ASN A 74 -1.59 4.45 -14.32
N LYS A 75 -2.40 4.16 -13.35
CA LYS A 75 -2.06 4.44 -11.97
C LYS A 75 -1.26 3.29 -11.38
N ARG A 76 -0.09 3.58 -10.84
CA ARG A 76 0.72 2.50 -10.30
C ARG A 76 0.19 2.12 -8.95
N TRP A 77 -0.03 3.12 -8.13
CA TRP A 77 -0.61 2.92 -6.83
C TRP A 77 -1.35 4.16 -6.42
N GLU A 78 -2.07 4.06 -5.35
CA GLU A 78 -2.78 5.18 -4.78
C GLU A 78 -2.86 4.97 -3.29
N TYR A 79 -2.86 6.05 -2.53
CA TYR A 79 -3.08 5.97 -1.12
C TYR A 79 -4.49 5.50 -0.88
N CYS A 80 -4.67 4.81 0.16
CA CYS A 80 -5.95 4.31 0.48
C CYS A 80 -6.45 5.12 1.62
N ASP A 81 -7.68 5.42 1.60
CA ASP A 81 -8.27 6.20 2.65
C ASP A 81 -8.98 5.25 3.53
N ILE A 82 -8.42 5.01 4.64
CA ILE A 82 -8.99 4.09 5.56
C ILE A 82 -9.86 4.85 6.53
N PRO A 83 -11.04 4.31 6.87
CA PRO A 83 -11.86 4.83 7.94
C PRO A 83 -11.06 5.21 9.19
N ARG A 84 -11.41 6.29 9.75
CA ARG A 84 -10.69 6.88 10.82
C ARG A 84 -11.29 6.49 12.15
N CYS A 85 -10.56 5.75 12.91
CA CYS A 85 -11.00 5.40 14.23
C CYS A 85 -10.35 6.28 15.27
N ALA A 86 -11.17 7.05 15.93
CA ALA A 86 -10.71 7.95 16.97
C ALA A 86 -10.87 7.29 18.32
N ALA A 87 -10.53 6.03 18.34
CA ALA A 87 -10.67 5.21 19.50
C ALA A 87 -9.38 5.24 20.30
N GLY B 1 22.67 -9.54 -3.65
CA GLY B 1 21.80 -8.42 -3.94
C GLY B 1 20.80 -8.26 -2.85
N SER B 2 19.87 -7.38 -3.03
CA SER B 2 18.87 -7.14 -2.03
C SER B 2 17.84 -8.26 -2.05
N VAL B 3 17.91 -9.14 -1.09
CA VAL B 3 16.89 -10.16 -0.94
C VAL B 3 16.01 -9.80 0.27
N GLU B 4 16.60 -9.03 1.15
CA GLU B 4 15.96 -8.58 2.37
C GLU B 4 16.48 -7.18 2.66
N LYS B 5 17.80 -7.05 2.52
CA LYS B 5 18.54 -5.80 2.65
C LYS B 5 18.61 -5.38 4.13
N LEU B 6 18.90 -6.38 4.98
CA LEU B 6 19.01 -6.21 6.44
C LEU B 6 17.66 -5.86 7.03
N THR B 7 16.83 -6.88 7.17
CA THR B 7 15.47 -6.80 7.63
C THR B 7 14.55 -6.15 6.57
N ALA B 8 13.46 -6.85 6.26
CA ALA B 8 12.52 -6.53 5.18
C ALA B 8 12.08 -5.06 5.11
N ASP B 9 12.00 -4.39 6.24
CA ASP B 9 11.61 -2.98 6.33
C ASP B 9 12.58 -2.09 5.56
N ALA B 10 13.81 -2.55 5.42
CA ALA B 10 14.82 -1.79 4.72
C ALA B 10 14.62 -1.90 3.21
N GLU B 11 14.19 -3.08 2.77
CA GLU B 11 13.86 -3.26 1.36
C GLU B 11 12.60 -2.47 1.06
N LEU B 12 11.67 -2.54 2.00
CA LEU B 12 10.43 -1.80 1.95
C LEU B 12 10.67 -0.31 1.86
N GLN B 13 11.68 0.18 2.55
CA GLN B 13 12.06 1.60 2.48
C GLN B 13 12.41 1.98 1.04
N ARG B 14 13.20 1.15 0.39
CA ARG B 14 13.69 1.37 -0.97
C ARG B 14 12.50 1.28 -1.94
N LEU B 15 11.62 0.34 -1.68
CA LEU B 15 10.40 0.16 -2.48
C LEU B 15 9.45 1.35 -2.27
N LYS B 16 9.34 1.79 -1.02
CA LYS B 16 8.52 2.93 -0.65
C LYS B 16 9.03 4.13 -1.42
N ASN B 17 10.34 4.31 -1.34
CA ASN B 17 11.07 5.38 -2.03
C ASN B 17 10.86 5.29 -3.54
N GLU B 18 10.89 4.07 -4.07
CA GLU B 18 10.64 3.80 -5.49
C GLU B 18 9.30 4.37 -5.90
N ARG B 19 8.27 3.88 -5.24
CA ARG B 19 6.91 4.32 -5.46
C ARG B 19 6.78 5.80 -5.30
N HIS B 20 7.55 6.34 -4.39
CA HIS B 20 7.54 7.75 -4.13
C HIS B 20 8.14 8.53 -5.25
N GLU B 21 9.23 8.04 -5.81
CA GLU B 21 9.76 8.62 -7.03
C GLU B 21 8.73 8.56 -8.12
N GLU B 22 8.20 7.37 -8.36
CA GLU B 22 7.18 7.12 -9.38
C GLU B 22 6.01 8.10 -9.26
N ALA B 23 5.45 8.19 -8.08
CA ALA B 23 4.27 9.00 -7.84
C ALA B 23 4.57 10.49 -7.80
N GLU B 24 5.75 10.85 -7.38
CA GLU B 24 6.09 12.24 -7.30
C GLU B 24 6.59 12.76 -8.61
N LEU B 25 7.18 11.89 -9.36
CA LEU B 25 7.58 12.19 -10.71
C LEU B 25 6.30 12.31 -11.56
N GLU B 26 5.34 11.45 -11.25
CA GLU B 26 4.00 11.46 -11.86
C GLU B 26 3.32 12.79 -11.56
N ARG B 27 3.60 13.32 -10.37
CA ARG B 27 3.07 14.60 -9.98
C ARG B 27 3.84 15.74 -10.68
N LEU B 28 5.14 15.57 -10.85
CA LEU B 28 6.00 16.55 -11.55
C LEU B 28 5.55 16.65 -13.01
N LYS B 29 5.16 15.51 -13.53
CA LYS B 29 4.62 15.32 -14.86
C LYS B 29 3.30 16.13 -15.02
N SER B 30 2.59 16.29 -13.93
CA SER B 30 1.37 17.04 -13.92
C SER B 30 1.61 18.44 -13.32
N GLU B 31 0.57 19.26 -13.26
CA GLU B 31 0.58 20.62 -12.67
C GLU B 31 1.46 21.59 -13.48
N TYR B 32 1.97 21.11 -14.58
CA TYR B 32 2.87 21.87 -15.41
C TYR B 32 2.32 21.88 -16.82
N TYR A 1 -18.77 13.82 17.73
CA TYR A 1 -18.59 14.27 16.35
C TYR A 1 -19.01 13.19 15.41
N VAL A 2 -18.45 12.02 15.57
CA VAL A 2 -18.79 10.89 14.76
C VAL A 2 -19.54 9.87 15.60
N GLU A 3 -20.46 9.18 14.99
CA GLU A 3 -21.26 8.19 15.68
C GLU A 3 -20.58 6.85 15.63
N PHE A 4 -20.04 6.50 14.49
CA PHE A 4 -19.43 5.22 14.33
C PHE A 4 -18.10 5.32 13.61
N SER A 5 -17.07 5.46 14.38
CA SER A 5 -15.73 5.43 13.94
C SER A 5 -14.95 4.59 14.93
N GLU A 6 -15.46 3.38 15.15
CA GLU A 6 -14.89 2.47 16.14
C GLU A 6 -13.79 1.66 15.52
N GLU A 7 -13.66 1.87 14.29
CA GLU A 7 -12.72 1.22 13.44
C GLU A 7 -11.92 2.21 12.59
N CYS A 8 -11.06 2.92 13.28
CA CYS A 8 -10.16 3.86 12.67
C CYS A 8 -8.76 3.35 12.83
N MET A 9 -7.88 3.80 12.01
CA MET A 9 -6.55 3.28 12.03
C MET A 9 -5.64 4.09 12.87
N HIS A 10 -4.67 3.41 13.41
CA HIS A 10 -3.78 3.97 14.38
C HIS A 10 -2.54 4.47 13.68
N GLY A 11 -2.42 5.78 13.56
CA GLY A 11 -1.25 6.40 12.97
C GLY A 11 -1.05 6.03 11.51
N SER A 12 -0.06 5.18 11.28
CA SER A 12 0.29 4.73 9.94
C SER A 12 -0.78 3.79 9.39
N GLY A 13 -1.38 3.00 10.26
CA GLY A 13 -2.45 2.10 9.84
C GLY A 13 -1.96 0.74 9.41
N GLU A 14 -0.75 0.39 9.83
CA GLU A 14 -0.14 -0.91 9.51
C GLU A 14 -0.98 -2.09 10.00
N ASN A 15 -1.69 -1.88 11.09
CA ASN A 15 -2.47 -2.95 11.74
C ASN A 15 -3.82 -3.18 11.03
N TYR A 16 -4.05 -2.48 9.93
CA TYR A 16 -5.32 -2.60 9.22
C TYR A 16 -5.38 -3.91 8.46
N ASP A 17 -6.21 -4.82 8.93
CA ASP A 17 -6.38 -6.13 8.31
C ASP A 17 -7.74 -6.19 7.61
N GLY A 18 -8.32 -5.03 7.42
CA GLY A 18 -9.65 -4.92 6.84
C GLY A 18 -9.72 -5.33 5.39
N LYS A 19 -10.92 -5.37 4.88
CA LYS A 19 -11.20 -5.96 3.60
C LYS A 19 -11.52 -4.93 2.51
N ILE A 20 -11.11 -3.68 2.70
CA ILE A 20 -11.32 -2.67 1.66
C ILE A 20 -10.40 -3.01 0.48
N SER A 21 -10.88 -2.85 -0.72
CA SER A 21 -10.12 -3.26 -1.87
C SER A 21 -10.14 -2.23 -2.99
N LYS A 22 -10.38 -1.00 -2.60
CA LYS A 22 -10.41 0.10 -3.54
C LYS A 22 -9.63 1.24 -2.96
N THR A 23 -9.14 2.11 -3.79
CA THR A 23 -8.27 3.15 -3.34
C THR A 23 -9.10 4.34 -2.87
N MET A 24 -8.45 5.44 -2.55
CA MET A 24 -9.13 6.64 -2.14
C MET A 24 -10.01 7.20 -3.24
N SER A 25 -9.61 7.01 -4.49
CA SER A 25 -10.41 7.45 -5.60
C SER A 25 -11.46 6.38 -5.94
N GLY A 26 -11.25 5.20 -5.38
CA GLY A 26 -12.16 4.11 -5.59
C GLY A 26 -11.77 3.24 -6.74
N LEU A 27 -10.50 3.29 -7.08
CA LEU A 27 -9.98 2.47 -8.13
C LEU A 27 -9.86 1.06 -7.65
N GLU A 28 -9.79 0.14 -8.55
CA GLU A 28 -9.70 -1.24 -8.19
C GLU A 28 -8.29 -1.49 -7.74
N CYS A 29 -8.15 -2.10 -6.60
CA CYS A 29 -6.85 -2.36 -6.10
C CYS A 29 -6.35 -3.71 -6.53
N GLN A 30 -5.06 -3.78 -6.70
CA GLN A 30 -4.37 -4.94 -7.17
C GLN A 30 -3.83 -5.73 -5.98
N ALA A 31 -4.01 -7.03 -6.06
CA ALA A 31 -3.54 -7.95 -5.06
C ALA A 31 -2.04 -7.90 -4.91
N TRP A 32 -1.60 -7.94 -3.68
CA TRP A 32 -0.19 -7.93 -3.34
C TRP A 32 0.49 -9.17 -3.91
N ASP A 33 -0.25 -10.25 -3.99
CA ASP A 33 0.28 -11.49 -4.53
C ASP A 33 0.31 -11.47 -6.07
N SER A 34 -0.40 -10.54 -6.65
CA SER A 34 -0.48 -10.45 -8.07
C SER A 34 0.66 -9.58 -8.60
N GLN A 35 1.31 -10.04 -9.62
CA GLN A 35 2.42 -9.33 -10.23
C GLN A 35 1.90 -8.56 -11.46
N SER A 36 0.60 -8.57 -11.64
CA SER A 36 -0.04 -7.95 -12.74
C SER A 36 -1.32 -7.26 -12.25
N PRO A 37 -1.65 -6.08 -12.80
CA PRO A 37 -1.01 -5.53 -14.02
C PRO A 37 0.33 -4.88 -13.69
N HIS A 38 0.45 -4.43 -12.47
CA HIS A 38 1.62 -3.73 -12.03
C HIS A 38 2.59 -4.60 -11.25
N ALA A 39 3.78 -4.72 -11.78
CA ALA A 39 4.84 -5.49 -11.19
C ALA A 39 5.36 -4.80 -9.93
N HIS A 40 5.83 -5.58 -9.00
CA HIS A 40 6.32 -5.07 -7.73
C HIS A 40 7.06 -6.14 -6.98
N GLY A 41 7.75 -5.78 -5.91
CA GLY A 41 8.42 -6.76 -5.13
C GLY A 41 7.77 -6.98 -3.80
N TYR A 42 6.47 -6.74 -3.69
CA TYR A 42 5.79 -6.98 -2.44
C TYR A 42 5.14 -8.31 -2.50
N ILE A 43 5.97 -9.30 -2.37
CA ILE A 43 5.52 -10.66 -2.38
C ILE A 43 5.19 -11.07 -0.95
N PRO A 44 3.95 -11.56 -0.68
CA PRO A 44 3.51 -11.93 0.69
C PRO A 44 4.30 -13.07 1.32
N SER A 45 5.12 -13.72 0.53
CA SER A 45 5.92 -14.82 1.01
C SER A 45 7.19 -14.26 1.64
N LYS A 46 7.67 -13.14 1.12
CA LYS A 46 8.88 -12.58 1.59
C LYS A 46 8.60 -11.50 2.63
N PHE A 47 7.39 -10.95 2.60
CA PHE A 47 6.95 -10.02 3.63
C PHE A 47 5.57 -10.47 4.15
N PRO A 48 5.53 -11.57 4.92
CA PRO A 48 4.26 -12.13 5.43
C PRO A 48 3.76 -11.33 6.64
N ASN A 49 4.71 -10.73 7.32
CA ASN A 49 4.52 -10.03 8.56
C ASN A 49 3.59 -8.83 8.46
N LYS A 50 3.53 -8.22 7.30
CA LYS A 50 2.70 -7.06 7.18
C LYS A 50 1.30 -7.38 6.66
N ASN A 51 0.98 -8.68 6.60
CA ASN A 51 -0.37 -9.18 6.25
C ASN A 51 -0.81 -8.73 4.84
N LEU A 52 0.00 -9.01 3.85
CA LEU A 52 -0.30 -8.66 2.47
C LEU A 52 -1.32 -9.60 1.89
N LYS A 53 -2.59 -9.33 2.15
CA LYS A 53 -3.63 -10.21 1.68
C LYS A 53 -4.45 -9.55 0.62
N LYS A 54 -4.82 -10.37 -0.33
CA LYS A 54 -5.56 -10.01 -1.51
C LYS A 54 -5.16 -8.64 -2.04
N ASN A 55 -6.13 -7.85 -2.35
CA ASN A 55 -5.94 -6.52 -2.87
C ASN A 55 -6.45 -5.56 -1.84
N TYR A 56 -6.23 -5.91 -0.61
CA TYR A 56 -6.66 -5.15 0.50
C TYR A 56 -5.68 -4.08 0.85
N CYS A 57 -6.17 -2.89 1.18
CA CYS A 57 -5.29 -1.80 1.52
C CYS A 57 -4.48 -2.13 2.76
N ARG A 58 -3.18 -2.00 2.65
CA ARG A 58 -2.28 -2.31 3.72
C ARG A 58 -1.29 -1.20 3.86
N ASN A 59 -0.53 -1.25 4.90
CA ASN A 59 0.57 -0.34 5.08
C ASN A 59 1.74 -1.20 5.54
N PRO A 60 2.47 -1.76 4.59
CA PRO A 60 3.56 -2.68 4.89
C PRO A 60 4.91 -1.99 5.08
N ASP A 61 5.13 -1.01 4.27
CA ASP A 61 6.37 -0.31 4.16
C ASP A 61 6.43 0.93 5.03
N ARG A 62 5.41 1.09 5.84
CA ARG A 62 5.30 2.12 6.85
C ARG A 62 5.25 3.52 6.23
N ASP A 63 4.25 3.74 5.42
CA ASP A 63 3.99 5.05 4.88
C ASP A 63 3.09 5.84 5.88
N LEU A 64 2.44 6.89 5.44
CA LEU A 64 1.63 7.75 6.30
C LEU A 64 0.26 7.14 6.50
N ARG A 65 -0.26 6.57 5.46
CA ARG A 65 -1.60 6.05 5.45
C ARG A 65 -1.57 4.78 4.63
N PRO A 66 -2.40 3.75 4.93
CA PRO A 66 -2.46 2.54 4.12
C PRO A 66 -2.81 2.84 2.67
N TRP A 67 -2.35 2.00 1.82
CA TRP A 67 -2.45 2.19 0.41
C TRP A 67 -2.38 0.83 -0.23
N CYS A 68 -2.49 0.77 -1.54
CA CYS A 68 -2.31 -0.42 -2.23
C CYS A 68 -2.08 -0.13 -3.69
N PHE A 69 -2.00 -1.16 -4.49
CA PHE A 69 -1.67 -1.03 -5.88
C PHE A 69 -2.91 -0.90 -6.70
N THR A 70 -2.82 -0.24 -7.79
CA THR A 70 -3.95 -0.09 -8.63
C THR A 70 -3.92 -1.01 -9.81
N THR A 71 -5.06 -1.60 -10.09
CA THR A 71 -5.28 -2.38 -11.26
C THR A 71 -5.51 -1.38 -12.43
N ASP A 72 -5.66 -0.12 -12.07
CA ASP A 72 -5.82 0.98 -12.99
C ASP A 72 -4.53 1.17 -13.76
N PRO A 73 -4.60 1.20 -15.10
CA PRO A 73 -3.43 1.28 -15.98
C PRO A 73 -2.43 2.41 -15.68
N ASN A 74 -2.92 3.62 -15.49
CA ASN A 74 -2.04 4.74 -15.32
C ASN A 74 -1.63 4.94 -13.88
N LYS A 75 -2.39 4.43 -12.96
CA LYS A 75 -2.01 4.54 -11.58
C LYS A 75 -1.16 3.36 -11.21
N ARG A 76 -0.03 3.61 -10.63
CA ARG A 76 0.83 2.53 -10.22
C ARG A 76 0.36 2.03 -8.87
N TRP A 77 -0.10 2.95 -8.05
CA TRP A 77 -0.64 2.67 -6.72
C TRP A 77 -1.41 3.84 -6.24
N GLU A 78 -2.13 3.70 -5.16
CA GLU A 78 -2.84 4.84 -4.61
C GLU A 78 -3.12 4.60 -3.14
N TYR A 79 -3.34 5.68 -2.41
CA TYR A 79 -3.65 5.61 -1.01
C TYR A 79 -5.05 5.12 -0.82
N CYS A 80 -5.31 4.61 0.32
CA CYS A 80 -6.61 4.14 0.65
C CYS A 80 -7.14 5.07 1.70
N ASP A 81 -8.36 5.47 1.60
CA ASP A 81 -8.88 6.45 2.53
C ASP A 81 -9.63 5.79 3.66
N ILE A 82 -8.89 5.44 4.66
CA ILE A 82 -9.41 4.78 5.82
C ILE A 82 -9.34 5.75 6.99
N PRO A 83 -10.43 5.86 7.80
CA PRO A 83 -10.47 6.69 9.00
C PRO A 83 -9.20 6.59 9.84
N ARG A 84 -8.70 7.71 10.28
CA ARG A 84 -7.49 7.72 11.04
C ARG A 84 -7.74 8.23 12.45
N CYS A 85 -7.26 7.48 13.41
CA CYS A 85 -7.33 7.85 14.78
C CYS A 85 -5.93 8.07 15.34
N ALA A 86 -5.82 8.87 16.38
CA ALA A 86 -4.55 9.12 17.01
C ALA A 86 -4.20 7.97 17.95
N ALA A 87 -5.19 7.47 18.65
CA ALA A 87 -5.01 6.41 19.61
C ALA A 87 -5.55 5.11 19.03
N GLY B 1 16.74 1.14 12.88
CA GLY B 1 17.78 0.12 12.78
C GLY B 1 19.07 0.68 12.21
N SER B 2 20.18 0.03 12.51
CA SER B 2 21.48 0.41 11.98
C SER B 2 21.78 -0.50 10.79
N VAL B 3 22.38 0.06 9.72
CA VAL B 3 22.61 -0.66 8.45
C VAL B 3 21.22 -1.07 7.93
N GLU B 4 20.32 -0.13 8.14
CA GLU B 4 18.94 -0.24 7.87
C GLU B 4 18.68 -0.15 6.39
N LYS B 5 18.94 -1.22 5.78
CA LYS B 5 18.72 -1.47 4.39
C LYS B 5 18.63 -2.97 4.22
N LEU B 6 19.42 -3.68 5.02
CA LEU B 6 19.39 -5.14 5.09
C LEU B 6 18.29 -5.58 6.07
N THR B 7 17.27 -4.77 6.16
CA THR B 7 16.16 -4.96 7.02
C THR B 7 14.93 -5.07 6.15
N ALA B 8 13.99 -5.94 6.49
CA ALA B 8 12.77 -6.14 5.70
C ALA B 8 12.00 -4.84 5.50
N ASP B 9 11.77 -4.12 6.59
CA ASP B 9 11.06 -2.84 6.56
C ASP B 9 11.85 -1.76 5.83
N ALA B 10 13.15 -1.92 5.79
CA ALA B 10 14.02 -0.96 5.11
C ALA B 10 14.03 -1.23 3.62
N GLU B 11 13.98 -2.51 3.27
CA GLU B 11 13.84 -2.95 1.88
C GLU B 11 12.53 -2.40 1.37
N LEU B 12 11.50 -2.60 2.19
CA LEU B 12 10.18 -2.08 1.96
C LEU B 12 10.21 -0.56 1.79
N GLN B 13 10.95 0.11 2.66
CA GLN B 13 11.07 1.56 2.62
C GLN B 13 11.70 2.05 1.30
N ARG B 14 12.68 1.32 0.82
CA ARG B 14 13.40 1.67 -0.42
C ARG B 14 12.46 1.45 -1.60
N LEU B 15 11.75 0.35 -1.56
CA LEU B 15 10.76 0.02 -2.57
C LEU B 15 9.58 1.01 -2.51
N LYS B 16 9.24 1.43 -1.32
CA LYS B 16 8.21 2.41 -1.09
C LYS B 16 8.65 3.71 -1.71
N ASN B 17 9.92 4.04 -1.48
CA ASN B 17 10.58 5.24 -2.02
C ASN B 17 10.49 5.29 -3.53
N GLU B 18 10.54 4.14 -4.14
CA GLU B 18 10.41 3.97 -5.59
C GLU B 18 9.05 4.48 -6.03
N ARG B 19 8.04 3.87 -5.51
CA ARG B 19 6.68 4.27 -5.72
C ARG B 19 6.40 5.69 -5.28
N HIS B 20 7.13 6.15 -4.30
CA HIS B 20 6.97 7.49 -3.82
C HIS B 20 7.58 8.46 -4.78
N GLU B 21 8.68 8.07 -5.40
CA GLU B 21 9.22 8.82 -6.49
C GLU B 21 8.21 8.85 -7.60
N GLU B 22 7.69 7.67 -7.96
CA GLU B 22 6.64 7.53 -8.98
C GLU B 22 5.45 8.48 -8.76
N ALA B 23 4.99 8.56 -7.53
CA ALA B 23 3.87 9.44 -7.18
C ALA B 23 4.24 10.90 -7.36
N GLU B 24 5.44 11.26 -6.96
CA GLU B 24 5.93 12.62 -7.09
C GLU B 24 6.25 12.94 -8.55
N LEU B 25 6.71 11.95 -9.25
CA LEU B 25 6.92 12.02 -10.68
C LEU B 25 5.57 12.17 -11.40
N GLU B 26 4.56 11.47 -10.92
CA GLU B 26 3.20 11.58 -11.44
C GLU B 26 2.66 12.97 -11.15
N ARG B 27 2.96 13.46 -9.96
CA ARG B 27 2.56 14.79 -9.53
C ARG B 27 3.16 15.85 -10.45
N LEU B 28 4.38 15.61 -10.89
CA LEU B 28 5.08 16.50 -11.82
C LEU B 28 4.37 16.42 -13.20
N LYS B 29 3.97 15.22 -13.57
CA LYS B 29 3.29 14.98 -14.84
C LYS B 29 1.89 15.64 -14.81
N SER B 30 1.22 15.50 -13.69
CA SER B 30 -0.12 16.06 -13.51
C SER B 30 -0.07 17.58 -13.35
N GLU B 31 1.01 18.03 -12.72
CA GLU B 31 1.29 19.43 -12.44
C GLU B 31 0.48 19.98 -11.30
N TYR B 32 1.08 19.94 -10.15
CA TYR B 32 0.50 20.45 -8.93
C TYR B 32 1.67 20.75 -8.01
N TYR A 1 -7.60 -5.19 16.01
CA TYR A 1 -6.64 -5.68 15.03
C TYR A 1 -7.34 -5.69 13.68
N VAL A 2 -8.32 -4.79 13.55
CA VAL A 2 -9.24 -4.73 12.42
C VAL A 2 -10.04 -6.01 12.28
N GLU A 3 -11.20 -5.97 12.87
CA GLU A 3 -12.12 -7.06 12.98
C GLU A 3 -13.48 -6.49 12.70
N PHE A 4 -14.53 -7.25 12.91
CA PHE A 4 -15.88 -6.75 12.69
C PHE A 4 -16.21 -5.58 13.65
N SER A 5 -15.49 -5.52 14.75
CA SER A 5 -15.68 -4.52 15.77
C SER A 5 -14.81 -3.28 15.51
N GLU A 6 -13.82 -3.40 14.64
CA GLU A 6 -12.85 -2.35 14.50
C GLU A 6 -12.46 -2.10 13.08
N GLU A 7 -12.91 -1.01 12.54
CA GLU A 7 -12.49 -0.58 11.24
C GLU A 7 -11.96 0.81 11.29
N CYS A 8 -10.72 0.89 11.61
CA CYS A 8 -9.99 2.09 11.54
C CYS A 8 -8.58 1.69 11.43
N MET A 9 -7.71 2.60 11.26
CA MET A 9 -6.36 2.23 11.14
C MET A 9 -5.65 2.25 12.43
N HIS A 10 -5.18 1.09 12.73
CA HIS A 10 -4.48 0.79 13.96
C HIS A 10 -3.00 1.05 13.72
N GLY A 11 -2.45 1.94 14.52
CA GLY A 11 -1.07 2.34 14.35
C GLY A 11 -0.92 3.17 13.10
N SER A 12 0.08 2.87 12.31
CA SER A 12 0.31 3.55 11.05
C SER A 12 -0.57 2.94 9.95
N GLY A 13 -1.30 1.91 10.31
CA GLY A 13 -2.12 1.24 9.37
C GLY A 13 -1.54 -0.07 8.94
N GLU A 14 -0.36 -0.38 9.49
CA GLU A 14 0.30 -1.65 9.21
C GLU A 14 -0.59 -2.79 9.67
N ASN A 15 -1.29 -2.53 10.76
CA ASN A 15 -2.16 -3.52 11.38
C ASN A 15 -3.59 -3.40 10.83
N TYR A 16 -3.81 -2.49 9.87
CA TYR A 16 -5.12 -2.39 9.28
C TYR A 16 -5.25 -3.45 8.23
N ASP A 17 -5.97 -4.48 8.55
CA ASP A 17 -6.16 -5.58 7.65
C ASP A 17 -7.63 -5.68 7.38
N GLY A 18 -8.10 -4.65 6.75
CA GLY A 18 -9.49 -4.53 6.45
C GLY A 18 -9.78 -5.10 5.11
N LYS A 19 -11.02 -5.14 4.73
CA LYS A 19 -11.38 -5.75 3.47
C LYS A 19 -11.76 -4.70 2.43
N ILE A 20 -11.34 -3.47 2.65
CA ILE A 20 -11.53 -2.40 1.69
C ILE A 20 -10.59 -2.67 0.50
N SER A 21 -11.03 -2.41 -0.69
CA SER A 21 -10.22 -2.72 -1.83
C SER A 21 -10.25 -1.59 -2.84
N LYS A 22 -10.58 -0.42 -2.40
CA LYS A 22 -10.70 0.71 -3.28
C LYS A 22 -9.82 1.82 -2.83
N THR A 23 -9.29 2.58 -3.76
CA THR A 23 -8.36 3.61 -3.42
C THR A 23 -9.10 4.87 -2.98
N MET A 24 -8.37 5.94 -2.72
CA MET A 24 -8.99 7.19 -2.37
C MET A 24 -9.79 7.77 -3.54
N SER A 25 -9.42 7.39 -4.77
CA SER A 25 -10.15 7.78 -5.93
C SER A 25 -11.26 6.77 -6.22
N GLY A 26 -11.20 5.66 -5.50
CA GLY A 26 -12.20 4.64 -5.58
C GLY A 26 -11.93 3.58 -6.60
N LEU A 27 -10.69 3.47 -7.06
CA LEU A 27 -10.33 2.43 -7.99
C LEU A 27 -10.17 1.12 -7.29
N GLU A 28 -10.18 0.07 -8.03
CA GLU A 28 -10.04 -1.25 -7.48
C GLU A 28 -8.55 -1.53 -7.24
N CYS A 29 -8.26 -2.22 -6.19
CA CYS A 29 -6.91 -2.55 -5.85
C CYS A 29 -6.45 -3.87 -6.45
N GLN A 30 -5.17 -3.90 -6.71
CA GLN A 30 -4.45 -5.04 -7.23
C GLN A 30 -3.99 -5.93 -6.08
N ALA A 31 -4.25 -7.22 -6.19
CA ALA A 31 -3.84 -8.18 -5.20
C ALA A 31 -2.33 -8.19 -5.06
N TRP A 32 -1.89 -8.17 -3.82
CA TRP A 32 -0.49 -8.09 -3.49
C TRP A 32 0.35 -9.24 -4.04
N ASP A 33 -0.26 -10.39 -4.29
CA ASP A 33 0.49 -11.53 -4.84
C ASP A 33 0.43 -11.57 -6.36
N SER A 34 -0.38 -10.73 -6.93
CA SER A 34 -0.56 -10.74 -8.35
C SER A 34 0.26 -9.63 -8.98
N GLN A 35 0.94 -9.93 -10.06
CA GLN A 35 1.73 -8.94 -10.76
C GLN A 35 0.90 -8.31 -11.86
N SER A 36 -0.39 -8.48 -11.77
CA SER A 36 -1.30 -7.93 -12.71
C SER A 36 -2.10 -6.85 -12.01
N PRO A 37 -1.99 -5.59 -12.48
CA PRO A 37 -1.33 -5.27 -13.79
C PRO A 37 0.13 -4.82 -13.59
N HIS A 38 0.43 -4.45 -12.38
CA HIS A 38 1.73 -3.91 -12.04
C HIS A 38 2.70 -4.95 -11.54
N ALA A 39 3.86 -4.96 -12.13
CA ALA A 39 4.93 -5.82 -11.69
C ALA A 39 5.58 -5.13 -10.53
N HIS A 40 5.41 -5.69 -9.37
CA HIS A 40 5.80 -5.01 -8.16
C HIS A 40 6.54 -5.96 -7.21
N GLY A 41 7.39 -5.40 -6.39
CA GLY A 41 8.20 -6.19 -5.50
C GLY A 41 7.62 -6.38 -4.11
N TYR A 42 6.32 -6.19 -3.96
CA TYR A 42 5.72 -6.40 -2.66
C TYR A 42 5.16 -7.76 -2.66
N ILE A 43 6.04 -8.70 -2.52
CA ILE A 43 5.68 -10.09 -2.48
C ILE A 43 5.31 -10.46 -1.04
N PRO A 44 4.11 -11.02 -0.83
CA PRO A 44 3.63 -11.42 0.52
C PRO A 44 4.51 -12.48 1.19
N SER A 45 5.34 -13.14 0.40
CA SER A 45 6.21 -14.18 0.88
C SER A 45 7.47 -13.56 1.49
N LYS A 46 7.80 -12.34 1.05
CA LYS A 46 8.96 -11.70 1.55
C LYS A 46 8.60 -10.75 2.67
N PHE A 47 7.31 -10.40 2.73
CA PHE A 47 6.78 -9.57 3.82
C PHE A 47 5.53 -10.25 4.41
N PRO A 48 5.72 -11.33 5.21
CA PRO A 48 4.59 -12.08 5.78
C PRO A 48 4.01 -11.38 7.01
N ASN A 49 4.89 -10.79 7.80
CA ASN A 49 4.58 -10.09 9.05
C ASN A 49 3.72 -8.85 8.82
N LYS A 50 3.62 -8.41 7.60
CA LYS A 50 2.86 -7.25 7.25
C LYS A 50 1.44 -7.64 6.83
N ASN A 51 1.20 -8.97 6.76
CA ASN A 51 -0.10 -9.58 6.38
C ASN A 51 -0.58 -9.02 5.06
N LEU A 52 0.29 -9.08 4.10
CA LEU A 52 0.05 -8.54 2.80
C LEU A 52 -0.88 -9.49 2.01
N LYS A 53 -2.17 -9.39 2.25
CA LYS A 53 -3.10 -10.33 1.65
C LYS A 53 -4.16 -9.68 0.82
N LYS A 54 -4.64 -10.47 -0.13
CA LYS A 54 -5.67 -10.11 -1.08
C LYS A 54 -5.31 -8.81 -1.79
N ASN A 55 -6.29 -7.99 -2.00
CA ASN A 55 -6.13 -6.71 -2.65
C ASN A 55 -6.72 -5.67 -1.70
N TYR A 56 -6.41 -5.88 -0.43
CA TYR A 56 -6.86 -5.06 0.66
C TYR A 56 -5.89 -3.93 0.90
N CYS A 57 -6.39 -2.76 1.31
CA CYS A 57 -5.50 -1.63 1.54
C CYS A 57 -4.64 -1.89 2.75
N ARG A 58 -3.37 -2.05 2.53
CA ARG A 58 -2.47 -2.41 3.60
C ARG A 58 -1.34 -1.41 3.66
N ASN A 59 -0.58 -1.45 4.72
CA ASN A 59 0.57 -0.59 4.88
C ASN A 59 1.71 -1.45 5.34
N PRO A 60 2.46 -2.03 4.42
CA PRO A 60 3.62 -2.81 4.80
C PRO A 60 4.85 -1.92 5.05
N ASP A 61 5.02 -0.98 4.16
CA ASP A 61 6.14 -0.05 4.07
C ASP A 61 6.47 0.69 5.34
N ARG A 62 5.43 1.07 6.06
CA ARG A 62 5.45 2.09 7.12
C ARG A 62 5.33 3.42 6.45
N ASP A 63 4.42 3.45 5.51
CA ASP A 63 4.06 4.64 4.77
C ASP A 63 3.21 5.51 5.70
N LEU A 64 2.69 6.59 5.21
CA LEU A 64 1.93 7.54 6.01
C LEU A 64 0.64 6.90 6.46
N ARG A 65 0.06 6.22 5.54
CA ARG A 65 -1.20 5.55 5.74
C ARG A 65 -1.29 4.44 4.72
N PRO A 66 -2.15 3.42 4.95
CA PRO A 66 -2.33 2.33 3.99
C PRO A 66 -2.73 2.81 2.62
N TRP A 67 -2.40 2.01 1.67
CA TRP A 67 -2.56 2.32 0.31
C TRP A 67 -2.80 1.03 -0.42
N CYS A 68 -2.90 1.08 -1.72
CA CYS A 68 -3.11 -0.10 -2.48
C CYS A 68 -2.67 0.14 -3.90
N PHE A 69 -2.29 -0.92 -4.59
CA PHE A 69 -1.95 -0.82 -5.98
C PHE A 69 -3.22 -0.76 -6.77
N THR A 70 -3.21 -0.06 -7.84
CA THR A 70 -4.39 0.09 -8.64
C THR A 70 -4.50 -1.04 -9.68
N THR A 71 -5.72 -1.34 -10.10
CA THR A 71 -5.91 -2.24 -11.19
C THR A 71 -5.70 -1.48 -12.52
N ASP A 72 -5.69 -0.16 -12.42
CA ASP A 72 -5.45 0.71 -13.52
C ASP A 72 -3.97 0.80 -13.71
N PRO A 73 -3.48 0.60 -14.92
CA PRO A 73 -2.04 0.61 -15.20
C PRO A 73 -1.39 2.00 -15.20
N ASN A 74 -2.20 3.04 -15.36
CA ASN A 74 -1.66 4.41 -15.44
C ASN A 74 -1.20 4.81 -14.08
N LYS A 75 -2.03 4.52 -13.11
CA LYS A 75 -1.67 4.72 -11.75
C LYS A 75 -0.88 3.56 -11.36
N ARG A 76 0.17 3.77 -10.68
CA ARG A 76 0.87 2.65 -10.18
C ARG A 76 0.21 2.27 -8.89
N TRP A 77 -0.21 3.27 -8.18
CA TRP A 77 -0.81 3.11 -6.88
C TRP A 77 -1.50 4.38 -6.51
N GLU A 78 -2.26 4.29 -5.46
CA GLU A 78 -2.92 5.41 -4.85
C GLU A 78 -3.05 5.12 -3.38
N TYR A 79 -3.16 6.17 -2.59
CA TYR A 79 -3.40 6.03 -1.19
C TYR A 79 -4.79 5.50 -1.00
N CYS A 80 -5.01 4.87 0.08
CA CYS A 80 -6.31 4.40 0.37
C CYS A 80 -6.85 5.31 1.44
N ASP A 81 -8.10 5.60 1.38
CA ASP A 81 -8.67 6.50 2.36
C ASP A 81 -9.24 5.68 3.46
N ILE A 82 -8.38 5.39 4.40
CA ILE A 82 -8.69 4.48 5.47
C ILE A 82 -9.33 5.19 6.64
N PRO A 83 -10.44 4.62 7.14
CA PRO A 83 -11.04 4.99 8.41
C PRO A 83 -10.01 5.21 9.50
N ARG A 84 -10.15 6.25 10.22
CA ARG A 84 -9.23 6.53 11.27
C ARG A 84 -10.01 6.65 12.56
N CYS A 85 -9.43 6.15 13.61
CA CYS A 85 -10.03 6.31 14.89
C CYS A 85 -9.57 7.64 15.41
N ALA A 86 -10.51 8.56 15.60
CA ALA A 86 -10.23 9.97 15.93
C ALA A 86 -9.68 10.17 17.34
N ALA A 87 -9.36 9.12 18.01
CA ALA A 87 -8.77 9.17 19.29
C ALA A 87 -7.43 8.46 19.20
N GLY B 1 27.33 -0.62 11.81
CA GLY B 1 27.18 -1.34 10.56
C GLY B 1 26.98 -2.81 10.78
N SER B 2 26.03 -3.39 10.11
CA SER B 2 25.78 -4.83 10.22
C SER B 2 25.43 -5.38 8.84
N VAL B 3 25.72 -4.55 7.80
CA VAL B 3 25.39 -4.80 6.37
C VAL B 3 23.92 -5.08 6.13
N GLU B 4 23.09 -4.73 7.10
CA GLU B 4 21.70 -4.97 7.02
C GLU B 4 21.01 -3.79 6.36
N LYS B 5 21.27 -3.66 5.08
CA LYS B 5 20.60 -2.70 4.25
C LYS B 5 19.46 -3.42 3.59
N LEU B 6 19.45 -4.72 3.79
CA LEU B 6 18.45 -5.57 3.28
C LEU B 6 17.81 -6.30 4.43
N THR B 7 16.63 -5.87 4.74
CA THR B 7 15.80 -6.44 5.76
C THR B 7 14.41 -6.04 5.32
N ALA B 8 13.38 -6.52 5.98
CA ALA B 8 12.01 -6.24 5.54
C ALA B 8 11.73 -4.75 5.43
N ASP B 9 11.97 -4.03 6.49
CA ASP B 9 11.71 -2.57 6.54
C ASP B 9 12.54 -1.85 5.54
N ALA B 10 13.79 -2.23 5.47
CA ALA B 10 14.72 -1.59 4.56
C ALA B 10 14.36 -1.87 3.11
N GLU B 11 13.88 -3.06 2.83
CA GLU B 11 13.52 -3.43 1.47
C GLU B 11 12.24 -2.69 1.10
N LEU B 12 11.36 -2.61 2.08
CA LEU B 12 10.11 -1.89 1.99
C LEU B 12 10.36 -0.42 1.78
N GLN B 13 11.31 0.12 2.51
CA GLN B 13 11.67 1.52 2.45
C GLN B 13 12.10 1.93 1.05
N ARG B 14 12.81 1.04 0.39
CA ARG B 14 13.29 1.27 -0.96
C ARG B 14 12.13 1.27 -1.93
N LEU B 15 11.23 0.35 -1.75
CA LEU B 15 10.05 0.25 -2.60
C LEU B 15 9.11 1.44 -2.34
N LYS B 16 9.03 1.83 -1.08
CA LYS B 16 8.22 2.94 -0.67
C LYS B 16 8.75 4.20 -1.33
N ASN B 17 10.05 4.38 -1.23
CA ASN B 17 10.73 5.57 -1.76
C ASN B 17 10.63 5.58 -3.28
N GLU B 18 10.61 4.38 -3.85
CA GLU B 18 10.44 4.18 -5.29
C GLU B 18 9.10 4.71 -5.72
N ARG B 19 8.05 4.15 -5.12
CA ARG B 19 6.68 4.57 -5.38
C ARG B 19 6.49 6.05 -5.14
N HIS B 20 7.19 6.57 -4.17
CA HIS B 20 7.12 7.97 -3.83
C HIS B 20 7.74 8.82 -4.91
N GLU B 21 8.82 8.34 -5.48
CA GLU B 21 9.40 8.97 -6.66
C GLU B 21 8.38 8.96 -7.78
N GLU B 22 7.81 7.79 -8.03
CA GLU B 22 6.79 7.57 -9.07
C GLU B 22 5.65 8.57 -8.94
N ALA B 23 5.15 8.73 -7.74
CA ALA B 23 4.02 9.62 -7.49
C ALA B 23 4.39 11.09 -7.71
N GLU B 24 5.61 11.44 -7.42
CA GLU B 24 6.07 12.78 -7.65
C GLU B 24 6.35 12.99 -9.13
N LEU B 25 6.83 11.95 -9.75
CA LEU B 25 7.02 11.87 -11.20
C LEU B 25 5.68 11.98 -11.91
N GLU B 26 4.67 11.35 -11.34
CA GLU B 26 3.29 11.43 -11.80
C GLU B 26 2.79 12.86 -11.78
N ARG B 27 3.08 13.54 -10.68
CA ARG B 27 2.73 14.93 -10.53
C ARG B 27 3.46 15.75 -11.56
N LEU B 28 4.77 15.54 -11.63
CA LEU B 28 5.67 16.25 -12.51
C LEU B 28 5.26 16.10 -13.98
N LYS B 29 4.73 14.94 -14.32
CA LYS B 29 4.26 14.64 -15.67
C LYS B 29 3.11 15.59 -16.06
N SER B 30 2.39 16.06 -15.08
CA SER B 30 1.28 16.95 -15.29
C SER B 30 1.62 18.38 -14.82
N GLU B 31 2.90 18.65 -14.69
CA GLU B 31 3.42 19.96 -14.30
C GLU B 31 4.21 20.53 -15.46
N TYR B 32 4.60 21.78 -15.35
CA TYR B 32 5.47 22.38 -16.31
C TYR B 32 6.24 23.49 -15.63
N TYR A 1 -14.74 -7.97 21.14
CA TYR A 1 -14.48 -9.09 20.24
C TYR A 1 -14.23 -8.52 18.86
N VAL A 2 -14.06 -9.39 17.88
CA VAL A 2 -13.95 -8.95 16.50
C VAL A 2 -15.34 -8.68 15.92
N GLU A 3 -15.78 -7.48 16.11
CA GLU A 3 -17.10 -7.04 15.73
C GLU A 3 -16.98 -6.12 14.50
N PHE A 4 -15.91 -5.39 14.47
CA PHE A 4 -15.51 -4.47 13.41
C PHE A 4 -14.19 -3.97 13.88
N SER A 5 -14.22 -3.61 15.15
CA SER A 5 -13.12 -3.32 15.98
C SER A 5 -12.13 -2.32 15.40
N GLU A 6 -12.33 -1.07 15.80
CA GLU A 6 -11.49 0.05 15.45
C GLU A 6 -11.77 0.52 14.03
N GLU A 7 -12.45 1.63 13.96
CA GLU A 7 -12.91 2.20 12.73
C GLU A 7 -11.83 3.07 12.13
N CYS A 8 -11.18 3.82 12.97
CA CYS A 8 -10.11 4.65 12.53
C CYS A 8 -8.83 4.12 12.99
N MET A 9 -7.89 4.15 12.10
CA MET A 9 -6.65 3.48 12.30
C MET A 9 -5.60 4.39 12.85
N HIS A 10 -4.66 3.78 13.56
CA HIS A 10 -3.57 4.47 14.26
C HIS A 10 -2.62 5.07 13.26
N GLY A 11 -2.79 6.36 12.99
CA GLY A 11 -1.92 7.14 12.11
C GLY A 11 -1.63 6.47 10.77
N SER A 12 -0.50 5.76 10.74
CA SER A 12 -0.01 5.07 9.57
C SER A 12 -1.02 4.00 9.09
N GLY A 13 -1.68 3.33 10.01
CA GLY A 13 -2.69 2.35 9.65
C GLY A 13 -2.13 0.99 9.23
N GLU A 14 -0.92 0.68 9.68
CA GLU A 14 -0.27 -0.61 9.37
C GLU A 14 -1.06 -1.78 9.98
N ASN A 15 -1.81 -1.50 11.02
CA ASN A 15 -2.55 -2.55 11.71
C ASN A 15 -3.91 -2.81 11.03
N TYR A 16 -4.13 -2.20 9.88
CA TYR A 16 -5.39 -2.37 9.19
C TYR A 16 -5.45 -3.74 8.50
N ASP A 17 -6.19 -4.64 9.08
CA ASP A 17 -6.34 -5.97 8.55
C ASP A 17 -7.69 -6.10 7.86
N GLY A 18 -8.35 -4.98 7.65
CA GLY A 18 -9.67 -4.95 7.05
C GLY A 18 -9.69 -5.35 5.58
N LYS A 19 -10.88 -5.44 5.03
CA LYS A 19 -11.12 -5.99 3.72
C LYS A 19 -11.46 -4.93 2.65
N ILE A 20 -11.05 -3.68 2.82
CA ILE A 20 -11.33 -2.69 1.79
C ILE A 20 -10.43 -2.97 0.57
N SER A 21 -11.00 -2.87 -0.60
CA SER A 21 -10.28 -3.21 -1.80
C SER A 21 -10.33 -2.11 -2.84
N LYS A 22 -10.70 -0.92 -2.42
CA LYS A 22 -10.80 0.20 -3.30
C LYS A 22 -9.96 1.34 -2.81
N THR A 23 -9.45 2.15 -3.72
CA THR A 23 -8.53 3.19 -3.39
C THR A 23 -9.32 4.46 -3.03
N MET A 24 -8.64 5.59 -2.86
CA MET A 24 -9.30 6.81 -2.47
C MET A 24 -10.29 7.33 -3.53
N SER A 25 -10.06 7.00 -4.79
CA SER A 25 -10.98 7.38 -5.81
C SER A 25 -12.00 6.26 -6.04
N GLY A 26 -11.76 5.13 -5.41
CA GLY A 26 -12.64 4.00 -5.51
C GLY A 26 -12.24 3.04 -6.59
N LEU A 27 -11.01 3.15 -7.03
CA LEU A 27 -10.49 2.23 -8.01
C LEU A 27 -10.25 0.90 -7.34
N GLU A 28 -10.14 -0.11 -8.12
CA GLU A 28 -9.95 -1.42 -7.58
C GLU A 28 -8.47 -1.67 -7.42
N CYS A 29 -8.10 -2.20 -6.30
CA CYS A 29 -6.74 -2.51 -6.04
C CYS A 29 -6.35 -3.82 -6.69
N GLN A 30 -5.09 -3.92 -6.95
CA GLN A 30 -4.47 -5.06 -7.54
C GLN A 30 -3.99 -5.99 -6.42
N ALA A 31 -4.29 -7.27 -6.55
CA ALA A 31 -3.88 -8.26 -5.58
C ALA A 31 -2.36 -8.27 -5.41
N TRP A 32 -1.91 -8.22 -4.17
CA TRP A 32 -0.51 -8.14 -3.82
C TRP A 32 0.28 -9.33 -4.32
N ASP A 33 -0.38 -10.45 -4.48
CA ASP A 33 0.25 -11.69 -4.91
C ASP A 33 0.30 -11.80 -6.43
N SER A 34 -0.15 -10.77 -7.10
CA SER A 34 -0.16 -10.74 -8.54
C SER A 34 0.72 -9.59 -9.02
N GLN A 35 1.65 -9.89 -9.91
CA GLN A 35 2.57 -8.89 -10.46
C GLN A 35 1.99 -8.24 -11.71
N SER A 36 0.74 -8.46 -11.93
CA SER A 36 0.06 -7.91 -13.05
C SER A 36 -1.16 -7.18 -12.55
N PRO A 37 -1.40 -5.97 -13.06
CA PRO A 37 -0.59 -5.36 -14.14
C PRO A 37 0.73 -4.76 -13.62
N HIS A 38 0.70 -4.31 -12.40
CA HIS A 38 1.81 -3.60 -11.82
C HIS A 38 2.81 -4.49 -11.12
N ALA A 39 4.01 -4.51 -11.66
CA ALA A 39 5.10 -5.24 -11.08
C ALA A 39 5.53 -4.56 -9.81
N HIS A 40 5.70 -5.32 -8.77
CA HIS A 40 6.04 -4.77 -7.47
C HIS A 40 6.73 -5.81 -6.62
N GLY A 41 7.60 -5.38 -5.76
CA GLY A 41 8.37 -6.33 -5.00
C GLY A 41 7.71 -6.80 -3.73
N TYR A 42 6.39 -6.87 -3.71
CA TYR A 42 5.76 -7.33 -2.50
C TYR A 42 5.28 -8.72 -2.62
N ILE A 43 6.21 -9.60 -2.49
CA ILE A 43 5.90 -10.99 -2.41
C ILE A 43 5.43 -11.25 -0.96
N PRO A 44 4.22 -11.82 -0.76
CA PRO A 44 3.65 -12.01 0.59
C PRO A 44 4.33 -13.11 1.39
N SER A 45 5.26 -13.77 0.76
CA SER A 45 6.04 -14.79 1.39
C SER A 45 7.25 -14.16 2.09
N LYS A 46 7.62 -12.95 1.65
CA LYS A 46 8.74 -12.30 2.21
C LYS A 46 8.32 -11.20 3.20
N PHE A 47 7.16 -10.59 2.96
CA PHE A 47 6.61 -9.63 3.93
C PHE A 47 5.20 -10.11 4.34
N PRO A 48 5.11 -11.14 5.19
CA PRO A 48 3.81 -11.71 5.58
C PRO A 48 3.09 -10.89 6.66
N ASN A 49 3.87 -10.41 7.60
CA ASN A 49 3.41 -9.70 8.80
C ASN A 49 2.78 -8.34 8.53
N LYS A 50 2.66 -7.95 7.29
CA LYS A 50 2.01 -6.73 6.93
C LYS A 50 0.58 -7.03 6.49
N ASN A 51 0.18 -8.28 6.77
CA ASN A 51 -1.13 -8.86 6.44
C ASN A 51 -1.35 -8.74 4.95
N LEU A 52 -0.29 -8.96 4.20
CA LEU A 52 -0.29 -8.72 2.76
C LEU A 52 -1.16 -9.75 2.03
N LYS A 53 -2.46 -9.52 2.06
CA LYS A 53 -3.42 -10.43 1.43
C LYS A 53 -4.33 -9.71 0.51
N LYS A 54 -4.85 -10.50 -0.44
CA LYS A 54 -5.83 -10.09 -1.43
C LYS A 54 -5.38 -8.80 -2.13
N ASN A 55 -6.32 -7.95 -2.42
CA ASN A 55 -6.10 -6.66 -3.04
C ASN A 55 -6.59 -5.62 -2.02
N TYR A 56 -6.39 -5.93 -0.78
CA TYR A 56 -6.85 -5.11 0.31
C TYR A 56 -5.85 -4.06 0.63
N CYS A 57 -6.32 -2.90 1.07
CA CYS A 57 -5.42 -1.81 1.38
C CYS A 57 -4.60 -2.15 2.60
N ARG A 58 -3.31 -2.05 2.45
CA ARG A 58 -2.40 -2.42 3.49
C ARG A 58 -1.43 -1.24 3.65
N ASN A 59 -0.71 -1.19 4.72
CA ASN A 59 0.37 -0.25 4.86
C ASN A 59 1.58 -1.09 5.26
N PRO A 60 2.29 -1.62 4.27
CA PRO A 60 3.41 -2.52 4.51
C PRO A 60 4.74 -1.80 4.71
N ASP A 61 4.91 -0.74 4.00
CA ASP A 61 6.14 -0.03 3.93
C ASP A 61 6.22 1.17 4.83
N ARG A 62 5.16 1.44 5.50
CA ARG A 62 5.08 2.54 6.43
C ARG A 62 5.09 3.91 5.78
N ASP A 63 4.09 4.13 4.95
CA ASP A 63 3.74 5.46 4.50
C ASP A 63 2.89 6.07 5.64
N LEU A 64 2.34 7.22 5.45
CA LEU A 64 1.55 7.88 6.45
C LEU A 64 0.15 7.30 6.47
N ARG A 65 -0.30 6.77 5.35
CA ARG A 65 -1.64 6.22 5.26
C ARG A 65 -1.60 4.97 4.39
N PRO A 66 -2.43 3.91 4.69
CA PRO A 66 -2.47 2.69 3.87
C PRO A 66 -2.83 2.96 2.44
N TRP A 67 -2.40 2.10 1.59
CA TRP A 67 -2.51 2.29 0.19
C TRP A 67 -2.65 0.96 -0.49
N CYS A 68 -2.72 0.97 -1.78
CA CYS A 68 -2.85 -0.24 -2.51
C CYS A 68 -2.46 0.04 -3.97
N PHE A 69 -2.09 -0.99 -4.71
CA PHE A 69 -1.76 -0.81 -6.11
C PHE A 69 -3.02 -0.77 -6.92
N THR A 70 -3.04 0.03 -7.91
CA THR A 70 -4.20 0.12 -8.75
C THR A 70 -4.18 -0.92 -9.85
N THR A 71 -5.35 -1.39 -10.22
CA THR A 71 -5.44 -2.32 -11.31
C THR A 71 -5.60 -1.52 -12.63
N ASP A 72 -5.60 -0.18 -12.52
CA ASP A 72 -5.72 0.69 -13.66
C ASP A 72 -4.32 0.87 -14.21
N PRO A 73 -4.09 0.52 -15.49
CA PRO A 73 -2.76 0.60 -16.12
C PRO A 73 -2.08 1.99 -16.09
N ASN A 74 -2.85 3.04 -15.87
CA ASN A 74 -2.31 4.39 -15.84
C ASN A 74 -1.91 4.79 -14.43
N LYS A 75 -2.61 4.28 -13.45
CA LYS A 75 -2.32 4.61 -12.07
C LYS A 75 -1.44 3.52 -11.51
N ARG A 76 -0.31 3.86 -10.94
CA ARG A 76 0.58 2.82 -10.44
C ARG A 76 0.05 2.31 -9.12
N TRP A 77 -0.13 3.21 -8.19
CA TRP A 77 -0.69 2.91 -6.91
C TRP A 77 -1.47 4.10 -6.42
N GLU A 78 -2.27 3.87 -5.44
CA GLU A 78 -3.09 4.92 -4.93
C GLU A 78 -3.32 4.71 -3.44
N TYR A 79 -3.51 5.79 -2.72
CA TYR A 79 -3.80 5.75 -1.32
C TYR A 79 -5.18 5.23 -1.10
N CYS A 80 -5.40 4.68 0.03
CA CYS A 80 -6.68 4.17 0.38
C CYS A 80 -7.27 5.13 1.39
N ASP A 81 -8.53 5.38 1.30
CA ASP A 81 -9.12 6.34 2.19
C ASP A 81 -9.74 5.64 3.37
N ILE A 82 -8.92 5.43 4.36
CA ILE A 82 -9.34 4.79 5.58
C ILE A 82 -9.31 5.83 6.68
N PRO A 83 -10.38 5.89 7.51
CA PRO A 83 -10.45 6.75 8.69
C PRO A 83 -9.16 6.76 9.52
N ARG A 84 -8.69 7.93 9.84
CA ARG A 84 -7.45 8.10 10.56
C ARG A 84 -7.72 8.57 11.97
N CYS A 85 -7.12 7.92 12.91
CA CYS A 85 -7.16 8.34 14.26
C CYS A 85 -5.75 8.47 14.76
N ALA A 86 -5.47 9.58 15.38
CA ALA A 86 -4.14 9.88 15.84
C ALA A 86 -3.89 9.26 17.22
N ALA A 87 -4.95 8.90 17.88
CA ALA A 87 -4.87 8.31 19.18
C ALA A 87 -5.32 6.86 19.12
N GLY B 1 23.56 -11.83 2.94
CA GLY B 1 23.11 -12.01 4.32
C GLY B 1 22.28 -10.85 4.75
N SER B 2 21.63 -10.97 5.89
CA SER B 2 20.80 -9.93 6.40
C SER B 2 21.68 -8.87 7.07
N VAL B 3 22.05 -7.88 6.31
CA VAL B 3 22.87 -6.78 6.81
C VAL B 3 22.02 -5.54 7.08
N GLU B 4 22.04 -4.57 6.20
CA GLU B 4 21.16 -3.44 6.34
C GLU B 4 20.25 -3.37 5.15
N LYS B 5 20.80 -3.00 4.00
CA LYS B 5 20.02 -2.84 2.79
C LYS B 5 19.65 -4.15 2.18
N LEU B 6 20.40 -5.15 2.49
CA LEU B 6 20.12 -6.45 2.02
C LEU B 6 19.27 -7.18 3.04
N THR B 7 18.06 -6.69 3.20
CA THR B 7 17.06 -7.22 4.09
C THR B 7 15.73 -7.00 3.40
N ALA B 8 14.68 -7.57 3.93
CA ALA B 8 13.35 -7.36 3.40
C ALA B 8 12.88 -5.95 3.72
N ASP B 9 13.20 -5.51 4.91
CA ASP B 9 12.73 -4.20 5.41
C ASP B 9 13.35 -3.07 4.63
N ALA B 10 14.64 -3.15 4.44
CA ALA B 10 15.32 -2.11 3.69
C ALA B 10 14.96 -2.15 2.22
N GLU B 11 14.65 -3.35 1.72
CA GLU B 11 14.23 -3.48 0.35
C GLU B 11 12.89 -2.78 0.20
N LEU B 12 11.97 -3.10 1.09
CA LEU B 12 10.63 -2.56 1.08
C LEU B 12 10.69 -1.03 1.26
N GLN B 13 11.64 -0.62 2.06
CA GLN B 13 11.91 0.79 2.34
C GLN B 13 12.36 1.53 1.07
N ARG B 14 13.31 0.97 0.37
CA ARG B 14 13.81 1.54 -0.86
C ARG B 14 12.79 1.49 -1.98
N LEU B 15 12.04 0.40 -2.01
CA LEU B 15 10.95 0.26 -2.96
C LEU B 15 9.85 1.29 -2.67
N LYS B 16 9.65 1.59 -1.40
CA LYS B 16 8.68 2.60 -1.00
C LYS B 16 9.13 3.92 -1.54
N ASN B 17 10.38 4.20 -1.30
CA ASN B 17 11.05 5.39 -1.80
C ASN B 17 10.89 5.51 -3.30
N GLU B 18 11.10 4.40 -4.00
CA GLU B 18 10.91 4.30 -5.46
C GLU B 18 9.52 4.80 -5.85
N ARG B 19 8.53 4.16 -5.27
CA ARG B 19 7.13 4.51 -5.50
C ARG B 19 6.80 5.93 -5.06
N HIS B 20 7.62 6.45 -4.18
CA HIS B 20 7.47 7.81 -3.71
C HIS B 20 8.07 8.79 -4.69
N GLU B 21 9.18 8.40 -5.31
CA GLU B 21 9.70 9.14 -6.46
C GLU B 21 8.64 9.14 -7.55
N GLU B 22 8.11 7.95 -7.85
CA GLU B 22 7.05 7.78 -8.85
C GLU B 22 5.84 8.64 -8.50
N ALA B 23 5.53 8.73 -7.22
CA ALA B 23 4.42 9.56 -6.73
C ALA B 23 4.66 11.03 -7.01
N GLU B 24 5.89 11.47 -6.82
CA GLU B 24 6.26 12.84 -7.12
C GLU B 24 6.20 13.08 -8.61
N LEU B 25 6.64 12.10 -9.36
CA LEU B 25 6.59 12.12 -10.82
C LEU B 25 5.14 12.13 -11.30
N GLU B 26 4.29 11.43 -10.59
CA GLU B 26 2.87 11.35 -10.87
C GLU B 26 2.27 12.73 -10.61
N ARG B 27 2.62 13.30 -9.46
CA ARG B 27 2.15 14.62 -9.04
C ARG B 27 2.74 15.73 -9.95
N LEU B 28 3.81 15.40 -10.62
CA LEU B 28 4.44 16.31 -11.53
C LEU B 28 3.62 16.40 -12.82
N LYS B 29 3.05 15.29 -13.24
CA LYS B 29 2.28 15.27 -14.45
C LYS B 29 0.81 15.57 -14.17
N SER B 30 0.41 15.40 -12.93
CA SER B 30 -0.94 15.68 -12.49
C SER B 30 -0.89 16.20 -11.05
N GLU B 31 -1.27 17.44 -10.86
CA GLU B 31 -1.17 18.11 -9.57
C GLU B 31 -2.27 17.66 -8.61
N TYR B 32 -2.04 16.52 -8.02
CA TYR B 32 -2.91 15.96 -7.05
C TYR B 32 -2.13 15.75 -5.78
N TYR A 1 -21.46 2.38 24.74
CA TYR A 1 -21.68 3.68 25.37
C TYR A 1 -20.62 4.65 24.88
N VAL A 2 -19.36 4.29 25.04
CA VAL A 2 -18.29 5.11 24.49
C VAL A 2 -18.05 4.67 23.06
N GLU A 3 -18.57 5.43 22.15
CA GLU A 3 -18.50 5.07 20.77
C GLU A 3 -17.42 5.83 20.05
N PHE A 4 -17.24 5.49 18.80
CA PHE A 4 -16.34 6.15 17.93
C PHE A 4 -17.10 6.62 16.71
N SER A 5 -16.41 7.27 15.81
CA SER A 5 -16.95 7.61 14.52
C SER A 5 -16.80 6.34 13.66
N GLU A 6 -15.86 5.50 14.12
CA GLU A 6 -15.59 4.16 13.63
C GLU A 6 -14.87 4.21 12.29
N GLU A 7 -14.57 3.04 11.73
CA GLU A 7 -13.80 2.88 10.49
C GLU A 7 -12.44 3.58 10.51
N CYS A 8 -11.90 3.64 11.71
CA CYS A 8 -10.58 4.11 11.92
C CYS A 8 -9.74 2.95 12.24
N MET A 9 -8.60 2.96 11.74
CA MET A 9 -7.76 1.80 11.87
C MET A 9 -6.79 1.93 12.98
N HIS A 10 -6.64 0.85 13.66
CA HIS A 10 -5.78 0.72 14.78
C HIS A 10 -4.32 0.82 14.39
N GLY A 11 -3.67 1.82 14.92
CA GLY A 11 -2.26 1.99 14.71
C GLY A 11 -1.94 2.70 13.42
N SER A 12 -0.93 2.21 12.75
CA SER A 12 -0.42 2.78 11.52
C SER A 12 -1.09 2.19 10.26
N GLY A 13 -2.00 1.24 10.45
CA GLY A 13 -2.68 0.63 9.32
C GLY A 13 -1.89 -0.52 8.74
N GLU A 14 -0.68 -0.69 9.23
CA GLU A 14 0.18 -1.81 8.84
C GLU A 14 -0.51 -3.12 9.17
N ASN A 15 -1.18 -3.12 10.30
CA ASN A 15 -1.82 -4.30 10.84
C ASN A 15 -3.27 -4.41 10.41
N TYR A 16 -3.62 -3.68 9.35
CA TYR A 16 -4.98 -3.69 8.80
C TYR A 16 -5.32 -5.09 8.33
N ASP A 17 -6.43 -5.61 8.79
CA ASP A 17 -6.88 -6.94 8.39
C ASP A 17 -8.26 -6.85 7.78
N GLY A 18 -8.78 -5.64 7.69
CA GLY A 18 -10.08 -5.39 7.12
C GLY A 18 -10.12 -5.65 5.63
N LYS A 19 -11.29 -5.69 5.08
CA LYS A 19 -11.48 -6.02 3.69
C LYS A 19 -11.75 -4.81 2.80
N ILE A 20 -10.80 -3.90 2.73
CA ILE A 20 -10.89 -2.79 1.81
C ILE A 20 -10.01 -3.03 0.63
N SER A 21 -10.60 -2.94 -0.50
CA SER A 21 -9.93 -3.20 -1.74
C SER A 21 -10.05 -2.02 -2.68
N LYS A 22 -10.51 -0.90 -2.17
CA LYS A 22 -10.65 0.28 -2.97
C LYS A 22 -9.80 1.40 -2.41
N THR A 23 -9.38 2.30 -3.28
CA THR A 23 -8.50 3.38 -2.89
C THR A 23 -9.32 4.62 -2.54
N MET A 24 -8.66 5.76 -2.36
CA MET A 24 -9.33 7.01 -2.02
C MET A 24 -10.25 7.51 -3.13
N SER A 25 -9.95 7.18 -4.37
CA SER A 25 -10.81 7.52 -5.47
C SER A 25 -11.82 6.40 -5.72
N GLY A 26 -11.66 5.31 -4.98
CA GLY A 26 -12.52 4.17 -5.11
C GLY A 26 -12.07 3.24 -6.20
N LEU A 27 -10.81 3.32 -6.56
CA LEU A 27 -10.25 2.45 -7.55
C LEU A 27 -10.07 1.09 -6.96
N GLU A 28 -10.01 0.12 -7.79
CA GLU A 28 -9.87 -1.22 -7.32
C GLU A 28 -8.40 -1.54 -7.16
N CYS A 29 -8.09 -2.22 -6.10
CA CYS A 29 -6.74 -2.58 -5.82
C CYS A 29 -6.36 -3.89 -6.49
N GLN A 30 -5.13 -3.94 -6.83
CA GLN A 30 -4.49 -5.06 -7.44
C GLN A 30 -3.91 -5.94 -6.34
N ALA A 31 -4.08 -7.24 -6.48
CA ALA A 31 -3.59 -8.18 -5.50
C ALA A 31 -2.08 -8.06 -5.33
N TRP A 32 -1.65 -7.97 -4.09
CA TRP A 32 -0.24 -7.87 -3.74
C TRP A 32 0.54 -9.06 -4.28
N ASP A 33 -0.12 -10.20 -4.35
CA ASP A 33 0.47 -11.45 -4.81
C ASP A 33 0.34 -11.62 -6.33
N SER A 34 -0.01 -10.55 -6.99
CA SER A 34 -0.13 -10.55 -8.40
C SER A 34 0.74 -9.44 -8.96
N GLN A 35 1.61 -9.77 -9.86
CA GLN A 35 2.55 -8.83 -10.44
C GLN A 35 2.03 -8.26 -11.76
N SER A 36 0.73 -8.30 -11.92
CA SER A 36 0.11 -7.81 -13.12
C SER A 36 -1.18 -7.07 -12.76
N PRO A 37 -1.37 -5.85 -13.28
CA PRO A 37 -0.53 -5.30 -14.38
C PRO A 37 0.76 -4.67 -13.83
N HIS A 38 0.68 -4.17 -12.62
CA HIS A 38 1.78 -3.49 -11.99
C HIS A 38 2.75 -4.45 -11.31
N ALA A 39 3.92 -4.57 -11.88
CA ALA A 39 5.00 -5.35 -11.31
C ALA A 39 5.52 -4.57 -10.13
N HIS A 40 5.67 -5.22 -9.01
CA HIS A 40 6.02 -4.51 -7.79
C HIS A 40 6.69 -5.45 -6.79
N GLY A 41 7.61 -4.93 -6.02
CA GLY A 41 8.35 -5.76 -5.09
C GLY A 41 7.66 -6.00 -3.76
N TYR A 42 6.36 -5.83 -3.69
CA TYR A 42 5.70 -6.06 -2.43
C TYR A 42 5.11 -7.42 -2.49
N ILE A 43 5.96 -8.36 -2.30
CA ILE A 43 5.56 -9.74 -2.32
C ILE A 43 5.11 -10.16 -0.90
N PRO A 44 3.88 -10.68 -0.76
CA PRO A 44 3.29 -10.99 0.56
C PRO A 44 3.99 -12.12 1.30
N SER A 45 4.56 -13.04 0.57
CA SER A 45 5.18 -14.18 1.15
C SER A 45 6.52 -13.83 1.79
N LYS A 46 7.08 -12.69 1.40
CA LYS A 46 8.30 -12.28 1.95
C LYS A 46 8.09 -11.17 2.98
N PHE A 47 6.85 -10.66 3.03
CA PHE A 47 6.48 -9.65 4.02
C PHE A 47 5.18 -10.07 4.75
N PRO A 48 5.22 -11.14 5.57
CA PRO A 48 4.02 -11.65 6.28
C PRO A 48 3.69 -10.76 7.48
N ASN A 49 4.74 -10.14 7.99
CA ASN A 49 4.71 -9.31 9.18
C ASN A 49 3.79 -8.09 9.00
N LYS A 50 3.63 -7.64 7.79
CA LYS A 50 2.82 -6.48 7.54
C LYS A 50 1.42 -6.86 7.02
N ASN A 51 1.07 -8.14 7.21
CA ASN A 51 -0.28 -8.69 6.86
C ASN A 51 -0.66 -8.37 5.43
N LEU A 52 0.27 -8.50 4.53
CA LEU A 52 0.05 -8.14 3.15
C LEU A 52 -0.80 -9.24 2.48
N LYS A 53 -2.13 -9.11 2.51
CA LYS A 53 -3.00 -10.16 1.98
C LYS A 53 -3.85 -9.66 0.82
N LYS A 54 -4.09 -10.58 -0.10
CA LYS A 54 -4.97 -10.40 -1.27
C LYS A 54 -4.73 -9.07 -1.98
N ASN A 55 -5.76 -8.29 -2.13
CA ASN A 55 -5.69 -6.99 -2.78
C ASN A 55 -6.23 -5.96 -1.79
N TYR A 56 -6.11 -6.29 -0.54
CA TYR A 56 -6.61 -5.43 0.48
C TYR A 56 -5.60 -4.38 0.84
N CYS A 57 -6.08 -3.18 0.92
CA CYS A 57 -5.29 -1.99 1.16
C CYS A 57 -4.50 -2.10 2.44
N ARG A 58 -3.20 -1.92 2.35
CA ARG A 58 -2.34 -2.10 3.48
C ARG A 58 -1.36 -0.95 3.61
N ASN A 59 -0.61 -0.94 4.67
CA ASN A 59 0.45 0.04 4.86
C ASN A 59 1.68 -0.69 5.36
N PRO A 60 2.41 -1.38 4.48
CA PRO A 60 3.52 -2.24 4.89
C PRO A 60 4.82 -1.51 5.13
N ASP A 61 5.05 -0.53 4.33
CA ASP A 61 6.27 0.23 4.30
C ASP A 61 6.22 1.47 5.17
N ARG A 62 5.13 1.63 5.88
CA ARG A 62 4.91 2.78 6.74
C ARG A 62 4.89 4.06 5.95
N ASP A 63 3.97 4.12 5.03
CA ASP A 63 3.73 5.32 4.27
C ASP A 63 2.92 6.25 5.19
N LEU A 64 2.37 7.29 4.67
CA LEU A 64 1.63 8.22 5.51
C LEU A 64 0.34 7.61 5.99
N ARG A 65 -0.31 6.93 5.11
CA ARG A 65 -1.54 6.28 5.40
C ARG A 65 -1.63 5.13 4.44
N PRO A 66 -2.41 4.07 4.78
CA PRO A 66 -2.60 2.90 3.91
C PRO A 66 -2.89 3.26 2.46
N TRP A 67 -2.60 2.35 1.60
CA TRP A 67 -2.60 2.56 0.20
C TRP A 67 -2.68 1.21 -0.47
N CYS A 68 -2.84 1.19 -1.76
CA CYS A 68 -2.93 -0.06 -2.45
C CYS A 68 -2.55 0.16 -3.91
N PHE A 69 -2.12 -0.90 -4.58
CA PHE A 69 -1.81 -0.81 -5.99
C PHE A 69 -3.09 -0.81 -6.76
N THR A 70 -3.15 -0.05 -7.79
CA THR A 70 -4.37 0.08 -8.54
C THR A 70 -4.44 -0.90 -9.69
N THR A 71 -5.64 -1.17 -10.14
CA THR A 71 -5.83 -1.91 -11.35
C THR A 71 -5.79 -0.95 -12.53
N ASP A 72 -5.94 0.35 -12.21
CA ASP A 72 -5.90 1.41 -13.18
C ASP A 72 -4.49 1.53 -13.70
N PRO A 73 -4.27 1.53 -15.03
CA PRO A 73 -2.94 1.57 -15.61
C PRO A 73 -2.25 2.94 -15.52
N ASN A 74 -2.99 3.97 -15.15
CA ASN A 74 -2.39 5.30 -15.07
C ASN A 74 -1.75 5.46 -13.71
N LYS A 75 -2.46 5.02 -12.70
CA LYS A 75 -1.95 5.02 -11.36
C LYS A 75 -1.14 3.81 -11.16
N ARG A 76 -0.02 3.93 -10.55
CA ARG A 76 0.70 2.75 -10.21
C ARG A 76 0.11 2.24 -8.92
N TRP A 77 -0.34 3.19 -8.13
CA TRP A 77 -0.95 2.96 -6.84
C TRP A 77 -1.72 4.19 -6.43
N GLU A 78 -2.46 4.08 -5.37
CA GLU A 78 -3.17 5.20 -4.83
C GLU A 78 -3.31 5.02 -3.33
N TYR A 79 -3.60 6.11 -2.63
CA TYR A 79 -3.77 6.10 -1.20
C TYR A 79 -5.15 5.64 -0.85
N CYS A 80 -5.30 5.19 0.34
CA CYS A 80 -6.55 4.81 0.90
C CYS A 80 -6.92 5.83 1.96
N ASP A 81 -8.12 6.35 1.90
CA ASP A 81 -8.54 7.31 2.91
C ASP A 81 -9.17 6.57 4.07
N ILE A 82 -8.32 6.17 4.97
CA ILE A 82 -8.72 5.46 6.15
C ILE A 82 -8.22 6.19 7.39
N PRO A 83 -9.14 6.66 8.23
CA PRO A 83 -8.81 7.23 9.55
C PRO A 83 -8.01 6.26 10.41
N ARG A 84 -7.29 6.76 11.37
CA ARG A 84 -6.56 5.93 12.27
C ARG A 84 -6.94 6.20 13.72
N CYS A 85 -7.15 5.17 14.46
CA CYS A 85 -7.39 5.26 15.84
C CYS A 85 -6.29 4.52 16.55
N ALA A 86 -5.96 4.93 17.73
CA ALA A 86 -4.96 4.22 18.48
C ALA A 86 -5.62 3.03 19.13
N ALA A 87 -6.72 3.32 19.81
CA ALA A 87 -7.61 2.43 20.57
C ALA A 87 -8.30 3.29 21.61
N GLY B 1 24.13 8.92 2.72
CA GLY B 1 23.06 8.09 3.25
C GLY B 1 23.55 6.71 3.57
N SER B 2 22.65 5.76 3.66
CA SER B 2 23.02 4.41 3.95
C SER B 2 22.40 3.50 2.89
N VAL B 3 23.22 2.77 2.19
CA VAL B 3 22.74 1.93 1.11
C VAL B 3 22.80 0.45 1.46
N GLU B 4 21.87 0.04 2.27
CA GLU B 4 21.71 -1.35 2.61
C GLU B 4 20.52 -1.89 1.84
N LYS B 5 19.31 -1.45 2.26
CA LYS B 5 18.00 -1.79 1.65
C LYS B 5 17.81 -3.30 1.43
N LEU B 6 18.42 -4.08 2.29
CA LEU B 6 18.37 -5.51 2.16
C LEU B 6 17.38 -6.08 3.14
N THR B 7 17.31 -5.49 4.30
CA THR B 7 16.38 -5.92 5.32
C THR B 7 14.95 -5.52 4.91
N ALA B 8 13.96 -6.11 5.54
CA ALA B 8 12.56 -5.99 5.12
C ALA B 8 12.04 -4.57 5.06
N ASP B 9 12.08 -3.87 6.16
CA ASP B 9 11.55 -2.51 6.21
C ASP B 9 12.42 -1.54 5.45
N ALA B 10 13.66 -1.90 5.21
CA ALA B 10 14.56 -1.07 4.45
C ALA B 10 14.29 -1.26 2.96
N GLU B 11 13.96 -2.48 2.59
CA GLU B 11 13.59 -2.82 1.23
C GLU B 11 12.25 -2.18 0.93
N LEU B 12 11.34 -2.27 1.91
CA LEU B 12 10.05 -1.63 1.87
C LEU B 12 10.20 -0.13 1.72
N GLN B 13 11.18 0.44 2.43
CA GLN B 13 11.46 1.85 2.36
C GLN B 13 11.86 2.25 0.95
N ARG B 14 12.70 1.44 0.32
CA ARG B 14 13.17 1.70 -1.05
C ARG B 14 12.00 1.62 -2.00
N LEU B 15 11.18 0.62 -1.80
CA LEU B 15 9.96 0.42 -2.60
C LEU B 15 9.03 1.62 -2.46
N LYS B 16 8.91 2.09 -1.24
CA LYS B 16 8.09 3.24 -0.89
C LYS B 16 8.66 4.45 -1.60
N ASN B 17 9.95 4.62 -1.47
CA ASN B 17 10.73 5.68 -2.09
C ASN B 17 10.58 5.62 -3.60
N GLU B 18 10.63 4.41 -4.13
CA GLU B 18 10.46 4.14 -5.54
C GLU B 18 9.12 4.65 -5.99
N ARG B 19 8.08 4.13 -5.34
CA ARG B 19 6.70 4.56 -5.58
C ARG B 19 6.55 6.06 -5.46
N HIS B 20 7.27 6.63 -4.54
CA HIS B 20 7.25 8.04 -4.31
C HIS B 20 7.91 8.80 -5.42
N GLU B 21 9.02 8.30 -5.90
CA GLU B 21 9.64 8.86 -7.06
C GLU B 21 8.71 8.72 -8.25
N GLU B 22 8.15 7.53 -8.42
CA GLU B 22 7.17 7.26 -9.50
C GLU B 22 6.00 8.24 -9.45
N ALA B 23 5.40 8.39 -8.28
CA ALA B 23 4.25 9.25 -8.09
C ALA B 23 4.57 10.70 -8.36
N GLU B 24 5.66 11.15 -7.81
CA GLU B 24 6.07 12.51 -7.99
C GLU B 24 6.55 12.75 -9.42
N LEU B 25 7.19 11.77 -9.99
CA LEU B 25 7.63 11.80 -11.38
C LEU B 25 6.45 11.77 -12.34
N GLU B 26 5.42 11.04 -11.98
CA GLU B 26 4.18 10.99 -12.76
C GLU B 26 3.51 12.35 -12.69
N ARG B 27 3.53 12.95 -11.52
CA ARG B 27 2.99 14.28 -11.30
C ARG B 27 3.79 15.31 -12.11
N LEU B 28 5.10 15.12 -12.14
CA LEU B 28 6.02 15.97 -12.90
C LEU B 28 5.81 15.77 -14.42
N LYS B 29 5.47 14.55 -14.79
CA LYS B 29 5.20 14.18 -16.18
C LYS B 29 3.92 14.85 -16.64
N SER B 30 2.96 14.87 -15.75
CA SER B 30 1.67 15.43 -16.00
C SER B 30 1.70 16.93 -15.69
N GLU B 31 0.64 17.62 -15.99
CA GLU B 31 0.54 19.01 -15.66
C GLU B 31 -0.12 19.15 -14.30
N TYR B 32 0.43 19.99 -13.46
CA TYR B 32 -0.08 20.18 -12.12
C TYR B 32 -1.01 21.37 -12.11
N TYR A 1 -27.05 -3.50 2.85
CA TYR A 1 -26.44 -2.53 3.75
C TYR A 1 -26.35 -3.13 5.13
N VAL A 2 -25.15 -3.32 5.62
CA VAL A 2 -24.95 -3.87 6.92
C VAL A 2 -23.60 -3.42 7.47
N GLU A 3 -23.59 -3.01 8.75
CA GLU A 3 -22.39 -2.59 9.46
C GLU A 3 -21.76 -1.33 8.85
N PHE A 4 -20.71 -0.89 9.46
CA PHE A 4 -19.92 0.18 8.91
C PHE A 4 -18.64 -0.47 8.36
N SER A 5 -18.43 -1.75 8.75
CA SER A 5 -17.39 -2.68 8.30
C SER A 5 -15.98 -2.31 8.76
N GLU A 6 -15.66 -1.10 8.57
CA GLU A 6 -14.40 -0.55 8.90
C GLU A 6 -14.74 0.60 9.76
N GLU A 7 -14.67 0.42 11.05
CA GLU A 7 -15.15 1.45 11.92
C GLU A 7 -14.16 2.58 12.03
N CYS A 8 -13.05 2.32 12.67
CA CYS A 8 -11.94 3.26 12.68
C CYS A 8 -10.72 2.66 13.25
N MET A 9 -9.62 3.02 12.69
CA MET A 9 -8.34 2.48 13.10
C MET A 9 -7.27 3.54 13.14
N HIS A 10 -6.30 3.31 14.01
CA HIS A 10 -5.06 4.08 14.08
C HIS A 10 -4.40 4.21 12.72
N GLY A 11 -4.01 5.45 12.40
CA GLY A 11 -3.52 5.83 11.07
C GLY A 11 -2.25 5.13 10.58
N SER A 12 -1.50 4.49 11.46
CA SER A 12 -0.30 3.78 11.05
C SER A 12 -0.67 2.61 10.09
N GLY A 13 -1.77 1.93 10.38
CA GLY A 13 -2.33 0.92 9.48
C GLY A 13 -1.52 -0.36 9.21
N GLU A 14 -0.36 -0.52 9.82
CA GLU A 14 0.36 -1.80 9.72
C GLU A 14 -0.43 -2.86 10.49
N ASN A 15 -1.05 -2.37 11.55
CA ASN A 15 -1.86 -3.16 12.46
C ASN A 15 -3.32 -3.14 11.96
N TYR A 16 -3.47 -2.83 10.69
CA TYR A 16 -4.76 -2.86 10.07
C TYR A 16 -4.91 -4.16 9.32
N ASP A 17 -5.94 -4.90 9.65
CA ASP A 17 -6.20 -6.13 8.96
C ASP A 17 -7.66 -6.20 8.62
N GLY A 18 -8.05 -5.28 7.79
CA GLY A 18 -9.40 -5.15 7.31
C GLY A 18 -9.48 -5.50 5.86
N LYS A 19 -10.66 -5.47 5.32
CA LYS A 19 -10.85 -5.84 3.93
C LYS A 19 -11.27 -4.68 3.03
N ILE A 20 -10.81 -3.47 3.34
CA ILE A 20 -11.04 -2.38 2.42
C ILE A 20 -10.14 -2.60 1.21
N SER A 21 -10.66 -2.47 0.03
CA SER A 21 -9.89 -2.79 -1.13
C SER A 21 -9.94 -1.69 -2.16
N LYS A 22 -10.34 -0.53 -1.73
CA LYS A 22 -10.56 0.57 -2.63
C LYS A 22 -9.78 1.78 -2.14
N THR A 23 -9.28 2.58 -3.07
CA THR A 23 -8.38 3.66 -2.73
C THR A 23 -9.16 4.88 -2.27
N MET A 24 -8.49 5.97 -2.00
CA MET A 24 -9.13 7.21 -1.63
C MET A 24 -9.98 7.75 -2.78
N SER A 25 -9.63 7.37 -3.99
CA SER A 25 -10.39 7.69 -5.17
C SER A 25 -11.55 6.69 -5.34
N GLY A 26 -11.45 5.61 -4.59
CA GLY A 26 -12.44 4.57 -4.60
C GLY A 26 -12.21 3.59 -5.70
N LEU A 27 -11.02 3.60 -6.22
CA LEU A 27 -10.65 2.68 -7.24
C LEU A 27 -10.32 1.37 -6.61
N GLU A 28 -10.38 0.33 -7.37
CA GLU A 28 -10.13 -0.99 -6.85
C GLU A 28 -8.62 -1.18 -6.75
N CYS A 29 -8.18 -1.73 -5.67
CA CYS A 29 -6.78 -1.99 -5.47
C CYS A 29 -6.34 -3.25 -6.19
N GLN A 30 -5.09 -3.26 -6.55
CA GLN A 30 -4.44 -4.39 -7.17
C GLN A 30 -3.93 -5.32 -6.07
N ALA A 31 -4.20 -6.60 -6.23
CA ALA A 31 -3.77 -7.60 -5.28
C ALA A 31 -2.26 -7.61 -5.14
N TRP A 32 -1.81 -7.57 -3.89
CA TRP A 32 -0.41 -7.56 -3.54
C TRP A 32 0.29 -8.78 -4.13
N ASP A 33 -0.46 -9.85 -4.20
CA ASP A 33 0.03 -11.13 -4.69
C ASP A 33 -0.07 -11.25 -6.21
N SER A 34 -0.44 -10.18 -6.86
CA SER A 34 -0.53 -10.20 -8.29
C SER A 34 0.42 -9.17 -8.87
N GLN A 35 1.22 -9.59 -9.83
CA GLN A 35 2.17 -8.70 -10.46
C GLN A 35 1.50 -8.06 -11.70
N SER A 36 0.23 -8.27 -11.82
CA SER A 36 -0.55 -7.77 -12.89
C SER A 36 -1.65 -6.94 -12.23
N PRO A 37 -1.91 -5.74 -12.75
CA PRO A 37 -1.29 -5.24 -14.00
C PRO A 37 0.06 -4.60 -13.76
N HIS A 38 0.23 -4.10 -12.55
CA HIS A 38 1.40 -3.34 -12.19
C HIS A 38 2.49 -4.15 -11.55
N ALA A 39 3.70 -3.92 -12.01
CA ALA A 39 4.87 -4.50 -11.44
C ALA A 39 5.15 -3.80 -10.12
N HIS A 40 5.55 -4.54 -9.14
CA HIS A 40 5.83 -4.00 -7.82
C HIS A 40 6.58 -5.04 -7.02
N GLY A 41 7.44 -4.63 -6.14
CA GLY A 41 8.23 -5.54 -5.37
C GLY A 41 7.65 -5.88 -4.01
N TYR A 42 6.36 -5.75 -3.86
CA TYR A 42 5.77 -6.06 -2.57
C TYR A 42 5.20 -7.43 -2.70
N ILE A 43 6.07 -8.38 -2.64
CA ILE A 43 5.69 -9.74 -2.75
C ILE A 43 5.32 -10.26 -1.35
N PRO A 44 4.11 -10.80 -1.18
CA PRO A 44 3.62 -11.30 0.12
C PRO A 44 4.39 -12.52 0.62
N SER A 45 5.19 -13.09 -0.24
CA SER A 45 5.94 -14.25 0.11
C SER A 45 7.15 -13.83 0.92
N LYS A 46 7.72 -12.69 0.58
CA LYS A 46 8.88 -12.23 1.24
C LYS A 46 8.53 -11.32 2.41
N PHE A 47 7.31 -10.76 2.39
CA PHE A 47 6.83 -9.97 3.52
C PHE A 47 5.45 -10.49 3.97
N PRO A 48 5.39 -11.68 4.58
CA PRO A 48 4.12 -12.27 5.05
C PRO A 48 3.71 -11.65 6.38
N ASN A 49 4.70 -11.11 7.04
CA ASN A 49 4.63 -10.54 8.36
C ASN A 49 3.68 -9.35 8.49
N LYS A 50 3.43 -8.63 7.40
CA LYS A 50 2.50 -7.53 7.45
C LYS A 50 1.12 -7.97 6.95
N ASN A 51 0.96 -9.30 6.83
CA ASN A 51 -0.24 -10.00 6.34
C ASN A 51 -0.66 -9.41 5.01
N LEU A 52 0.30 -9.22 4.15
CA LEU A 52 0.07 -8.56 2.90
C LEU A 52 -0.73 -9.47 1.96
N LYS A 53 -2.04 -9.41 2.02
CA LYS A 53 -2.89 -10.32 1.26
C LYS A 53 -3.90 -9.58 0.44
N LYS A 54 -4.33 -10.24 -0.63
CA LYS A 54 -5.41 -9.79 -1.50
C LYS A 54 -5.12 -8.39 -2.01
N ASN A 55 -6.15 -7.66 -2.29
CA ASN A 55 -6.02 -6.30 -2.72
C ASN A 55 -6.58 -5.41 -1.63
N TYR A 56 -6.28 -5.80 -0.40
CA TYR A 56 -6.68 -5.12 0.81
C TYR A 56 -5.71 -4.01 1.13
N CYS A 57 -6.22 -2.82 1.41
CA CYS A 57 -5.36 -1.67 1.65
C CYS A 57 -4.58 -1.84 2.90
N ARG A 58 -3.29 -1.77 2.79
CA ARG A 58 -2.46 -2.04 3.91
C ARG A 58 -1.30 -1.09 3.97
N ASN A 59 -0.53 -1.19 5.01
CA ASN A 59 0.66 -0.40 5.15
C ASN A 59 1.79 -1.32 5.56
N PRO A 60 2.48 -1.90 4.59
CA PRO A 60 3.56 -2.83 4.86
C PRO A 60 4.91 -2.15 5.08
N ASP A 61 5.16 -1.15 4.28
CA ASP A 61 6.43 -0.47 4.20
C ASP A 61 6.57 0.66 5.17
N ARG A 62 5.58 0.85 5.99
CA ARG A 62 5.56 1.88 7.02
C ARG A 62 5.52 3.26 6.39
N ASP A 63 4.60 3.43 5.49
CA ASP A 63 4.32 4.70 4.86
C ASP A 63 3.58 5.56 5.90
N LEU A 64 3.13 6.71 5.52
CA LEU A 64 2.51 7.63 6.45
C LEU A 64 1.05 7.29 6.67
N ARG A 65 0.47 6.62 5.72
CA ARG A 65 -0.91 6.23 5.75
C ARG A 65 -1.05 5.02 4.85
N PRO A 66 -1.90 4.04 5.22
CA PRO A 66 -2.21 2.89 4.36
C PRO A 66 -2.63 3.29 2.97
N TRP A 67 -2.40 2.41 2.08
CA TRP A 67 -2.48 2.66 0.70
C TRP A 67 -2.66 1.34 0.01
N CYS A 68 -2.70 1.34 -1.28
CA CYS A 68 -2.84 0.14 -2.02
C CYS A 68 -2.47 0.46 -3.46
N PHE A 69 -2.19 -0.55 -4.25
CA PHE A 69 -1.88 -0.32 -5.66
C PHE A 69 -3.16 -0.19 -6.45
N THR A 70 -3.14 0.57 -7.50
CA THR A 70 -4.32 0.76 -8.28
C THR A 70 -4.47 -0.33 -9.34
N THR A 71 -5.70 -0.67 -9.66
CA THR A 71 -6.00 -1.57 -10.73
C THR A 71 -5.98 -0.77 -12.07
N ASP A 72 -5.96 0.56 -11.98
CA ASP A 72 -5.92 1.40 -13.16
C ASP A 72 -4.50 1.49 -13.64
N PRO A 73 -4.19 0.99 -14.84
CA PRO A 73 -2.84 0.95 -15.41
C PRO A 73 -2.07 2.29 -15.37
N ASN A 74 -2.76 3.38 -15.56
CA ASN A 74 -2.11 4.69 -15.64
C ASN A 74 -1.79 5.24 -14.25
N LYS A 75 -2.45 4.71 -13.24
CA LYS A 75 -2.24 5.14 -11.88
C LYS A 75 -1.32 4.13 -11.21
N ARG A 76 -0.34 4.57 -10.48
CA ARG A 76 0.58 3.62 -9.87
C ARG A 76 -0.02 3.11 -8.57
N TRP A 77 -0.26 4.03 -7.68
CA TRP A 77 -0.84 3.72 -6.37
C TRP A 77 -1.51 4.94 -5.83
N GLU A 78 -2.32 4.74 -4.83
CA GLU A 78 -2.98 5.81 -4.10
C GLU A 78 -3.17 5.39 -2.68
N TYR A 79 -3.38 6.36 -1.81
CA TYR A 79 -3.67 6.10 -0.45
C TYR A 79 -5.05 5.55 -0.31
N CYS A 80 -5.29 4.87 0.73
CA CYS A 80 -6.56 4.29 0.99
C CYS A 80 -7.20 5.01 2.15
N ASP A 81 -8.44 5.42 1.99
CA ASP A 81 -9.06 6.19 3.01
C ASP A 81 -9.72 5.32 4.02
N ILE A 82 -8.94 4.93 4.96
CA ILE A 82 -9.40 4.12 6.03
C ILE A 82 -9.88 5.03 7.14
N PRO A 83 -11.10 4.75 7.67
CA PRO A 83 -11.65 5.45 8.82
C PRO A 83 -10.63 5.63 9.94
N ARG A 84 -10.52 6.83 10.40
CA ARG A 84 -9.47 7.22 11.30
C ARG A 84 -9.93 7.24 12.73
N CYS A 85 -9.09 6.75 13.61
CA CYS A 85 -9.27 6.81 15.03
C CYS A 85 -7.91 6.82 15.68
N ALA A 86 -7.82 7.29 16.90
CA ALA A 86 -6.57 7.30 17.64
C ALA A 86 -6.40 5.98 18.38
N ALA A 87 -7.36 5.12 18.18
CA ALA A 87 -7.39 3.82 18.79
C ALA A 87 -6.60 2.87 17.92
N GLY B 1 21.19 8.05 8.67
CA GLY B 1 21.85 8.83 7.62
C GLY B 1 22.55 7.95 6.62
N SER B 2 21.85 6.93 6.14
CA SER B 2 22.37 6.01 5.18
C SER B 2 21.26 5.05 4.81
N VAL B 3 21.35 4.44 3.65
CA VAL B 3 20.41 3.44 3.29
C VAL B 3 20.91 2.09 3.80
N GLU B 4 20.74 1.95 5.10
CA GLU B 4 21.12 0.76 5.85
C GLU B 4 20.52 -0.48 5.20
N LYS B 5 19.19 -0.47 5.04
CA LYS B 5 18.47 -1.47 4.26
C LYS B 5 18.69 -2.92 4.79
N LEU B 6 18.95 -3.02 6.08
CA LEU B 6 19.20 -4.32 6.69
C LEU B 6 17.93 -4.93 7.23
N THR B 7 16.95 -4.10 7.49
CA THR B 7 15.69 -4.59 7.97
C THR B 7 14.73 -4.76 6.80
N ALA B 8 13.66 -5.49 7.03
CA ALA B 8 12.66 -5.75 6.00
C ALA B 8 11.93 -4.46 5.66
N ASP B 9 11.71 -3.65 6.68
CA ASP B 9 11.04 -2.37 6.54
C ASP B 9 11.91 -1.38 5.79
N ALA B 10 13.20 -1.64 5.77
CA ALA B 10 14.13 -0.80 5.05
C ALA B 10 14.24 -1.22 3.60
N GLU B 11 14.03 -2.52 3.35
CA GLU B 11 13.94 -3.01 1.97
C GLU B 11 12.68 -2.42 1.38
N LEU B 12 11.61 -2.55 2.15
CA LEU B 12 10.32 -1.98 1.87
C LEU B 12 10.41 -0.47 1.68
N GLN B 13 11.32 0.14 2.42
CA GLN B 13 11.57 1.57 2.37
C GLN B 13 12.03 2.01 1.00
N ARG B 14 12.85 1.20 0.36
CA ARG B 14 13.38 1.57 -0.95
C ARG B 14 12.29 1.36 -1.99
N LEU B 15 11.47 0.36 -1.77
CA LEU B 15 10.29 0.11 -2.62
C LEU B 15 9.28 1.24 -2.44
N LYS B 16 9.20 1.72 -1.22
CA LYS B 16 8.36 2.82 -0.83
C LYS B 16 8.84 4.05 -1.56
N ASN B 17 10.14 4.28 -1.47
CA ASN B 17 10.85 5.35 -2.18
C ASN B 17 10.63 5.23 -3.67
N GLU B 18 10.65 4.00 -4.18
CA GLU B 18 10.39 3.70 -5.58
C GLU B 18 9.03 4.22 -5.97
N ARG B 19 8.03 3.77 -5.26
CA ARG B 19 6.65 4.25 -5.44
C ARG B 19 6.56 5.75 -5.33
N HIS B 20 7.26 6.29 -4.36
CA HIS B 20 7.27 7.70 -4.12
C HIS B 20 7.87 8.47 -5.25
N GLU B 21 8.94 7.94 -5.81
CA GLU B 21 9.50 8.50 -6.98
C GLU B 21 8.56 8.38 -8.14
N GLU B 22 8.06 7.17 -8.38
CA GLU B 22 7.12 6.89 -9.47
C GLU B 22 5.94 7.84 -9.50
N ALA B 23 5.39 8.13 -8.34
CA ALA B 23 4.23 9.01 -8.27
C ALA B 23 4.57 10.43 -8.69
N GLU B 24 5.67 10.93 -8.17
CA GLU B 24 6.10 12.28 -8.48
C GLU B 24 6.64 12.35 -9.89
N LEU B 25 7.24 11.27 -10.30
CA LEU B 25 7.82 11.11 -11.61
C LEU B 25 6.73 11.11 -12.64
N GLU B 26 5.67 10.36 -12.37
CA GLU B 26 4.54 10.22 -13.29
C GLU B 26 3.84 11.57 -13.42
N ARG B 27 3.74 12.26 -12.30
CA ARG B 27 3.11 13.55 -12.19
C ARG B 27 3.96 14.66 -12.85
N LEU B 28 5.24 14.41 -12.99
CA LEU B 28 6.16 15.33 -13.63
C LEU B 28 6.31 14.97 -15.12
N LYS B 29 6.24 13.69 -15.41
CA LYS B 29 6.32 13.12 -16.76
C LYS B 29 5.22 13.70 -17.62
N SER B 30 4.07 13.78 -17.04
CA SER B 30 2.92 14.31 -17.70
C SER B 30 2.95 15.83 -17.57
N GLU B 31 2.35 16.51 -18.52
CA GLU B 31 2.22 17.94 -18.47
C GLU B 31 1.07 18.27 -17.52
N TYR B 32 1.35 18.10 -16.27
CA TYR B 32 0.41 18.30 -15.23
C TYR B 32 0.67 19.68 -14.68
N TYR A 1 -24.11 3.73 18.59
CA TYR A 1 -23.49 4.92 18.02
C TYR A 1 -22.21 4.52 17.32
N VAL A 2 -21.95 5.14 16.18
CA VAL A 2 -20.89 4.77 15.26
C VAL A 2 -21.17 3.36 14.76
N GLU A 3 -22.14 3.27 13.88
CA GLU A 3 -22.62 1.99 13.42
C GLU A 3 -21.93 1.52 12.15
N PHE A 4 -21.19 2.39 11.51
CA PHE A 4 -20.43 2.01 10.35
C PHE A 4 -19.13 1.32 10.80
N SER A 5 -18.69 0.36 10.01
CA SER A 5 -17.53 -0.45 10.36
C SER A 5 -16.22 0.34 10.27
N GLU A 6 -16.20 1.36 9.44
CA GLU A 6 -15.03 2.18 9.25
C GLU A 6 -14.93 3.25 10.33
N GLU A 7 -14.57 2.81 11.50
CA GLU A 7 -14.43 3.67 12.65
C GLU A 7 -13.16 4.45 12.51
N CYS A 8 -12.06 3.76 12.64
CA CYS A 8 -10.75 4.34 12.47
C CYS A 8 -9.71 3.28 12.41
N MET A 9 -8.56 3.67 11.97
CA MET A 9 -7.43 2.81 11.93
C MET A 9 -6.45 3.18 13.05
N HIS A 10 -5.49 2.32 13.27
CA HIS A 10 -4.52 2.45 14.33
C HIS A 10 -3.18 2.88 13.74
N GLY A 11 -2.53 3.80 14.42
CA GLY A 11 -1.24 4.30 13.99
C GLY A 11 -1.32 5.03 12.67
N SER A 12 -0.58 4.51 11.71
CA SER A 12 -0.60 5.03 10.37
C SER A 12 -1.49 4.14 9.50
N GLY A 13 -1.96 3.05 10.09
CA GLY A 13 -2.81 2.13 9.38
C GLY A 13 -2.08 0.85 9.02
N GLU A 14 -0.92 0.66 9.60
CA GLU A 14 -0.11 -0.55 9.34
C GLU A 14 -0.82 -1.79 9.93
N ASN A 15 -1.61 -1.56 10.95
CA ASN A 15 -2.35 -2.61 11.65
C ASN A 15 -3.67 -2.94 10.92
N TYR A 16 -3.84 -2.39 9.74
CA TYR A 16 -5.05 -2.57 8.99
C TYR A 16 -5.09 -3.90 8.25
N ASP A 17 -6.11 -4.65 8.53
CA ASP A 17 -6.46 -5.84 7.81
C ASP A 17 -7.93 -5.80 7.54
N GLY A 18 -8.27 -5.01 6.59
CA GLY A 18 -9.63 -4.85 6.20
C GLY A 18 -9.86 -5.44 4.87
N LYS A 19 -11.08 -5.43 4.43
CA LYS A 19 -11.41 -5.92 3.14
C LYS A 19 -11.62 -4.81 2.15
N ILE A 20 -11.27 -3.59 2.53
CA ILE A 20 -11.30 -2.50 1.63
C ILE A 20 -10.28 -2.70 0.56
N SER A 21 -10.79 -2.86 -0.60
CA SER A 21 -9.99 -3.13 -1.73
C SER A 21 -10.07 -1.97 -2.72
N LYS A 22 -10.72 -0.91 -2.31
CA LYS A 22 -10.92 0.21 -3.18
C LYS A 22 -10.27 1.44 -2.60
N THR A 23 -9.65 2.23 -3.44
CA THR A 23 -8.80 3.32 -3.01
C THR A 23 -9.59 4.57 -2.63
N MET A 24 -8.87 5.66 -2.45
CA MET A 24 -9.45 6.97 -2.20
C MET A 24 -10.31 7.40 -3.39
N SER A 25 -9.95 6.95 -4.58
CA SER A 25 -10.69 7.24 -5.77
C SER A 25 -11.75 6.16 -6.00
N GLY A 26 -11.70 5.14 -5.17
CA GLY A 26 -12.61 4.04 -5.25
C GLY A 26 -12.23 3.09 -6.35
N LEU A 27 -10.98 3.10 -6.71
CA LEU A 27 -10.50 2.20 -7.70
C LEU A 27 -10.16 0.91 -7.04
N GLU A 28 -10.16 -0.12 -7.78
CA GLU A 28 -9.92 -1.41 -7.22
C GLU A 28 -8.43 -1.71 -7.20
N CYS A 29 -8.02 -2.27 -6.11
CA CYS A 29 -6.66 -2.61 -5.89
C CYS A 29 -6.24 -3.88 -6.63
N GLN A 30 -4.97 -3.94 -6.87
CA GLN A 30 -4.29 -5.05 -7.46
C GLN A 30 -3.80 -5.94 -6.35
N ALA A 31 -3.98 -7.23 -6.51
CA ALA A 31 -3.54 -8.18 -5.52
C ALA A 31 -2.04 -8.08 -5.26
N TRP A 32 -1.67 -8.00 -3.99
CA TRP A 32 -0.28 -7.94 -3.54
C TRP A 32 0.42 -9.20 -4.02
N ASP A 33 -0.38 -10.23 -4.13
CA ASP A 33 0.02 -11.58 -4.48
C ASP A 33 0.28 -11.70 -5.98
N SER A 34 -0.02 -10.64 -6.70
CA SER A 34 0.10 -10.63 -8.12
C SER A 34 0.98 -9.46 -8.57
N GLN A 35 1.81 -9.68 -9.55
CA GLN A 35 2.64 -8.63 -10.13
C GLN A 35 2.02 -8.19 -11.46
N SER A 36 0.73 -8.41 -11.56
CA SER A 36 -0.03 -8.06 -12.72
C SER A 36 -1.26 -7.28 -12.25
N PRO A 37 -1.45 -6.04 -12.74
CA PRO A 37 -0.79 -5.56 -13.97
C PRO A 37 0.56 -4.91 -13.69
N HIS A 38 0.68 -4.33 -12.52
CA HIS A 38 1.85 -3.60 -12.15
C HIS A 38 2.84 -4.45 -11.39
N ALA A 39 4.05 -4.49 -11.90
CA ALA A 39 5.13 -5.19 -11.28
C ALA A 39 5.54 -4.43 -10.03
N HIS A 40 5.71 -5.14 -8.96
CA HIS A 40 6.02 -4.52 -7.70
C HIS A 40 6.87 -5.45 -6.89
N GLY A 41 7.43 -4.95 -5.81
CA GLY A 41 8.22 -5.76 -4.97
C GLY A 41 7.53 -6.17 -3.71
N TYR A 42 6.25 -5.81 -3.56
CA TYR A 42 5.54 -6.14 -2.35
C TYR A 42 4.93 -7.49 -2.53
N ILE A 43 5.77 -8.46 -2.44
CA ILE A 43 5.38 -9.82 -2.54
C ILE A 43 5.04 -10.33 -1.14
N PRO A 44 3.87 -10.96 -0.95
CA PRO A 44 3.44 -11.47 0.37
C PRO A 44 4.40 -12.52 0.93
N SER A 45 5.25 -13.04 0.07
CA SER A 45 6.19 -14.05 0.42
C SER A 45 7.31 -13.42 1.24
N LYS A 46 7.64 -12.18 0.92
CA LYS A 46 8.72 -11.52 1.53
C LYS A 46 8.25 -10.61 2.67
N PHE A 47 7.00 -10.11 2.59
CA PHE A 47 6.44 -9.28 3.66
C PHE A 47 5.11 -9.91 4.15
N PRO A 48 5.17 -11.06 4.86
CA PRO A 48 3.96 -11.74 5.32
C PRO A 48 3.38 -11.09 6.59
N ASN A 49 4.26 -10.60 7.42
CA ASN A 49 3.90 -10.03 8.72
C ASN A 49 3.04 -8.77 8.60
N LYS A 50 3.09 -8.07 7.47
CA LYS A 50 2.28 -6.88 7.30
C LYS A 50 0.92 -7.23 6.73
N ASN A 51 0.73 -8.53 6.54
CA ASN A 51 -0.52 -9.12 6.07
C ASN A 51 -0.86 -8.65 4.65
N LEU A 52 0.03 -8.90 3.73
CA LEU A 52 -0.24 -8.59 2.34
C LEU A 52 -1.15 -9.63 1.73
N LYS A 53 -2.42 -9.53 1.96
CA LYS A 53 -3.31 -10.53 1.43
C LYS A 53 -4.23 -9.98 0.39
N LYS A 54 -4.40 -10.79 -0.61
CA LYS A 54 -5.24 -10.53 -1.77
C LYS A 54 -5.00 -9.14 -2.32
N ASN A 55 -6.04 -8.41 -2.55
CA ASN A 55 -5.97 -7.07 -3.10
C ASN A 55 -6.56 -6.10 -2.10
N TYR A 56 -6.44 -6.45 -0.84
CA TYR A 56 -6.97 -5.65 0.21
C TYR A 56 -5.98 -4.59 0.60
N CYS A 57 -6.47 -3.39 0.79
CA CYS A 57 -5.64 -2.24 1.10
C CYS A 57 -4.94 -2.46 2.40
N ARG A 58 -3.67 -2.11 2.44
CA ARG A 58 -2.87 -2.30 3.61
C ARG A 58 -1.94 -1.10 3.75
N ASN A 59 -1.21 -1.06 4.82
CA ASN A 59 -0.14 -0.09 4.98
C ASN A 59 1.02 -0.89 5.51
N PRO A 60 1.78 -1.54 4.64
CA PRO A 60 2.82 -2.48 5.07
C PRO A 60 4.13 -1.83 5.39
N ASP A 61 4.38 -0.76 4.76
CA ASP A 61 5.63 -0.09 4.84
C ASP A 61 5.60 1.17 5.67
N ARG A 62 4.45 1.55 6.12
CA ARG A 62 4.27 2.78 6.86
C ARG A 62 4.46 4.01 6.02
N ASP A 63 3.60 4.10 5.02
CA ASP A 63 3.47 5.28 4.18
C ASP A 63 2.72 6.32 5.05
N LEU A 64 2.25 7.37 4.48
CA LEU A 64 1.57 8.41 5.25
C LEU A 64 0.14 8.00 5.58
N ARG A 65 -0.35 7.03 4.88
CA ARG A 65 -1.72 6.59 4.98
C ARG A 65 -1.76 5.27 4.25
N PRO A 66 -2.66 4.32 4.62
CA PRO A 66 -2.80 3.05 3.90
C PRO A 66 -3.04 3.27 2.43
N TRP A 67 -2.77 2.28 1.66
CA TRP A 67 -2.70 2.44 0.25
C TRP A 67 -2.80 1.08 -0.40
N CYS A 68 -2.90 1.06 -1.68
CA CYS A 68 -2.96 -0.18 -2.37
C CYS A 68 -2.57 0.08 -3.81
N PHE A 69 -2.13 -0.95 -4.50
CA PHE A 69 -1.79 -0.82 -5.89
C PHE A 69 -3.03 -0.80 -6.73
N THR A 70 -3.06 -0.02 -7.75
CA THR A 70 -4.21 0.07 -8.55
C THR A 70 -4.16 -0.94 -9.69
N THR A 71 -5.32 -1.47 -10.04
CA THR A 71 -5.42 -2.34 -11.18
C THR A 71 -5.61 -1.47 -12.45
N ASP A 72 -5.72 -0.15 -12.28
CA ASP A 72 -5.84 0.74 -13.40
C ASP A 72 -4.49 0.80 -14.06
N PRO A 73 -4.39 0.52 -15.37
CA PRO A 73 -3.09 0.45 -16.06
C PRO A 73 -2.25 1.73 -15.94
N ASN A 74 -2.89 2.84 -15.78
CA ASN A 74 -2.24 4.12 -15.69
C ASN A 74 -1.79 4.44 -14.25
N LYS A 75 -2.58 4.01 -13.29
CA LYS A 75 -2.31 4.35 -11.90
C LYS A 75 -1.55 3.23 -11.23
N ARG A 76 -0.43 3.54 -10.61
CA ARG A 76 0.37 2.49 -10.01
C ARG A 76 -0.17 2.14 -8.64
N TRP A 77 -0.33 3.15 -7.83
CA TRP A 77 -0.92 2.99 -6.51
C TRP A 77 -1.69 4.22 -6.13
N GLU A 78 -2.50 4.08 -5.13
CA GLU A 78 -3.26 5.19 -4.57
C GLU A 78 -3.38 5.01 -3.10
N TYR A 79 -3.76 6.07 -2.43
CA TYR A 79 -4.00 6.03 -1.02
C TYR A 79 -5.40 5.51 -0.76
N CYS A 80 -5.59 5.02 0.41
CA CYS A 80 -6.87 4.54 0.83
C CYS A 80 -7.47 5.51 1.80
N ASP A 81 -8.73 5.77 1.64
CA ASP A 81 -9.41 6.69 2.51
C ASP A 81 -9.98 5.96 3.70
N ILE A 82 -9.16 5.83 4.71
CA ILE A 82 -9.52 5.17 5.94
C ILE A 82 -9.28 6.12 7.10
N PRO A 83 -10.32 6.42 7.90
CA PRO A 83 -10.20 7.22 9.13
C PRO A 83 -9.08 6.73 10.04
N ARG A 84 -8.42 7.62 10.72
CA ARG A 84 -7.32 7.29 11.59
C ARG A 84 -7.60 7.79 13.01
N CYS A 85 -7.31 6.97 14.00
CA CYS A 85 -7.42 7.38 15.39
C CYS A 85 -6.07 7.80 15.94
N ALA A 86 -6.08 8.36 17.13
CA ALA A 86 -4.89 8.88 17.81
C ALA A 86 -4.26 7.79 18.69
N ALA A 87 -4.38 6.58 18.25
CA ALA A 87 -3.87 5.43 18.93
C ALA A 87 -2.90 4.76 18.00
N GLY B 1 23.12 -0.14 8.28
CA GLY B 1 23.18 0.50 6.97
C GLY B 1 24.25 -0.11 6.10
N SER B 2 24.55 -1.37 6.33
CA SER B 2 25.59 -2.04 5.60
C SER B 2 24.98 -2.69 4.37
N VAL B 3 24.78 -1.87 3.29
CA VAL B 3 24.02 -2.25 2.08
C VAL B 3 22.80 -3.06 2.48
N GLU B 4 22.04 -2.46 3.37
CA GLU B 4 20.97 -3.08 4.16
C GLU B 4 19.74 -3.46 3.35
N LYS B 5 19.88 -3.41 2.09
CA LYS B 5 18.82 -3.68 1.13
C LYS B 5 18.39 -5.16 1.21
N LEU B 6 19.25 -6.00 1.81
CA LEU B 6 18.92 -7.41 1.98
C LEU B 6 17.94 -7.60 3.13
N THR B 7 17.81 -6.59 3.95
CA THR B 7 16.85 -6.61 4.96
C THR B 7 15.49 -6.31 4.37
N ALA B 8 14.53 -7.18 4.64
CA ALA B 8 13.17 -7.06 4.13
C ALA B 8 12.58 -5.69 4.44
N ASP B 9 12.76 -5.24 5.67
CA ASP B 9 12.24 -3.95 6.09
C ASP B 9 12.87 -2.82 5.32
N ALA B 10 14.15 -2.90 5.09
CA ALA B 10 14.87 -1.86 4.37
C ALA B 10 14.52 -1.91 2.90
N GLU B 11 14.23 -3.10 2.41
CA GLU B 11 13.81 -3.27 1.04
C GLU B 11 12.41 -2.67 0.87
N LEU B 12 11.53 -2.91 1.83
CA LEU B 12 10.18 -2.40 1.78
C LEU B 12 10.19 -0.88 1.96
N GLN B 13 11.13 -0.45 2.73
CA GLN B 13 11.43 0.97 2.93
C GLN B 13 11.86 1.61 1.59
N ARG B 14 12.73 0.91 0.89
CA ARG B 14 13.22 1.32 -0.44
C ARG B 14 12.07 1.34 -1.42
N LEU B 15 11.28 0.31 -1.40
CA LEU B 15 10.10 0.20 -2.26
C LEU B 15 9.12 1.32 -1.96
N LYS B 16 8.99 1.65 -0.69
CA LYS B 16 8.16 2.74 -0.25
C LYS B 16 8.68 4.03 -0.84
N ASN B 17 9.97 4.21 -0.71
CA ASN B 17 10.71 5.34 -1.28
C ASN B 17 10.53 5.39 -2.77
N GLU B 18 10.63 4.25 -3.41
CA GLU B 18 10.42 4.08 -4.85
C GLU B 18 9.07 4.65 -5.23
N ARG B 19 8.05 4.13 -4.62
CA ARG B 19 6.68 4.57 -4.85
C ARG B 19 6.51 6.04 -4.57
N HIS B 20 7.18 6.52 -3.54
CA HIS B 20 7.15 7.93 -3.16
C HIS B 20 7.81 8.78 -4.24
N GLU B 21 8.85 8.25 -4.85
CA GLU B 21 9.46 8.90 -5.98
C GLU B 21 8.59 8.79 -7.23
N GLU B 22 7.97 7.62 -7.43
CA GLU B 22 7.01 7.40 -8.53
C GLU B 22 5.89 8.42 -8.44
N ALA B 23 5.49 8.70 -7.22
CA ALA B 23 4.47 9.69 -6.93
C ALA B 23 4.89 11.07 -7.40
N GLU B 24 6.15 11.40 -7.23
CA GLU B 24 6.68 12.64 -7.71
C GLU B 24 6.74 12.63 -9.22
N LEU B 25 7.14 11.50 -9.77
CA LEU B 25 7.15 11.29 -11.22
C LEU B 25 5.74 11.45 -11.81
N GLU B 26 4.76 10.90 -11.13
CA GLU B 26 3.35 10.99 -11.52
C GLU B 26 2.89 12.47 -11.47
N ARG B 27 3.30 13.13 -10.41
CA ARG B 27 3.04 14.57 -10.21
C ARG B 27 3.68 15.38 -11.35
N LEU B 28 4.90 15.01 -11.68
CA LEU B 28 5.71 15.64 -12.72
C LEU B 28 5.13 15.40 -14.11
N LYS B 29 4.43 14.28 -14.28
CA LYS B 29 3.88 13.84 -15.57
C LYS B 29 2.98 14.89 -16.20
N SER B 30 2.16 15.54 -15.36
CA SER B 30 1.24 16.57 -15.81
C SER B 30 0.31 15.98 -16.91
N GLU B 31 -0.15 16.79 -17.79
CA GLU B 31 -0.90 16.29 -18.91
C GLU B 31 -0.09 16.37 -20.21
N TYR B 32 0.76 15.40 -20.39
CA TYR B 32 1.48 15.25 -21.60
C TYR B 32 0.92 14.07 -22.33
N TYR A 1 -26.95 -1.28 9.36
CA TYR A 1 -27.39 -2.43 10.14
C TYR A 1 -26.31 -2.78 11.16
N VAL A 2 -25.15 -3.20 10.70
CA VAL A 2 -24.06 -3.49 11.60
C VAL A 2 -23.30 -2.19 11.82
N GLU A 3 -23.41 -1.68 13.02
CA GLU A 3 -22.84 -0.39 13.39
C GLU A 3 -21.33 -0.42 13.39
N PHE A 4 -20.77 -1.49 13.89
CA PHE A 4 -19.34 -1.65 13.90
C PHE A 4 -18.91 -2.46 12.68
N SER A 5 -18.41 -1.79 11.69
CA SER A 5 -17.91 -2.42 10.54
C SER A 5 -16.68 -1.66 10.02
N GLU A 6 -16.89 -0.47 9.56
CA GLU A 6 -15.86 0.34 8.96
C GLU A 6 -15.68 1.61 9.77
N GLU A 7 -14.70 1.61 10.65
CA GLU A 7 -14.39 2.77 11.42
C GLU A 7 -12.92 3.10 11.24
N CYS A 8 -12.18 3.15 12.30
CA CYS A 8 -10.80 3.53 12.24
C CYS A 8 -9.91 2.44 12.65
N MET A 9 -8.73 2.48 12.15
CA MET A 9 -7.78 1.46 12.49
C MET A 9 -6.67 2.06 13.32
N HIS A 10 -6.23 1.31 14.27
CA HIS A 10 -5.12 1.66 15.14
C HIS A 10 -3.84 1.85 14.33
N GLY A 11 -3.17 2.94 14.60
CA GLY A 11 -1.86 3.15 14.08
C GLY A 11 -1.85 3.83 12.74
N SER A 12 -0.98 3.36 11.88
CA SER A 12 -0.80 3.93 10.58
C SER A 12 -1.55 3.09 9.53
N GLY A 13 -2.17 2.01 9.98
CA GLY A 13 -2.88 1.14 9.07
C GLY A 13 -2.02 -0.02 8.64
N GLU A 14 -0.86 -0.10 9.26
CA GLU A 14 0.08 -1.18 9.04
C GLU A 14 -0.46 -2.49 9.64
N ASN A 15 -1.32 -2.36 10.63
CA ASN A 15 -1.92 -3.52 11.27
C ASN A 15 -3.31 -3.81 10.69
N TYR A 16 -3.73 -2.98 9.72
CA TYR A 16 -5.06 -3.07 9.10
C TYR A 16 -5.33 -4.45 8.51
N ASP A 17 -6.41 -5.07 8.96
CA ASP A 17 -6.79 -6.41 8.53
C ASP A 17 -8.08 -6.37 7.73
N GLY A 18 -8.61 -5.18 7.54
CA GLY A 18 -9.89 -5.00 6.88
C GLY A 18 -9.86 -5.37 5.41
N LYS A 19 -11.04 -5.49 4.85
CA LYS A 19 -11.23 -6.00 3.51
C LYS A 19 -11.39 -4.90 2.46
N ILE A 20 -10.99 -3.68 2.76
CA ILE A 20 -11.05 -2.65 1.77
C ILE A 20 -10.03 -2.84 0.69
N SER A 21 -10.55 -3.03 -0.48
CA SER A 21 -9.78 -3.29 -1.67
C SER A 21 -9.94 -2.17 -2.71
N LYS A 22 -10.68 -1.14 -2.33
CA LYS A 22 -10.92 -0.03 -3.19
C LYS A 22 -10.19 1.17 -2.62
N THR A 23 -9.59 1.98 -3.48
CA THR A 23 -8.71 3.06 -3.07
C THR A 23 -9.52 4.29 -2.62
N MET A 24 -8.83 5.41 -2.40
CA MET A 24 -9.46 6.67 -2.05
C MET A 24 -10.27 7.20 -3.24
N SER A 25 -9.97 6.70 -4.43
CA SER A 25 -10.68 7.03 -5.62
C SER A 25 -11.72 5.94 -5.90
N GLY A 26 -11.70 4.91 -5.08
CA GLY A 26 -12.62 3.81 -5.20
C GLY A 26 -12.25 2.85 -6.28
N LEU A 27 -11.02 2.88 -6.69
CA LEU A 27 -10.55 1.98 -7.70
C LEU A 27 -10.14 0.72 -7.05
N GLU A 28 -10.05 -0.32 -7.78
CA GLU A 28 -9.68 -1.56 -7.19
C GLU A 28 -8.21 -1.75 -7.15
N CYS A 29 -7.81 -2.29 -6.08
CA CYS A 29 -6.46 -2.62 -5.87
C CYS A 29 -6.12 -3.89 -6.58
N GLN A 30 -4.89 -3.95 -6.96
CA GLN A 30 -4.29 -5.06 -7.57
C GLN A 30 -3.74 -5.94 -6.47
N ALA A 31 -3.98 -7.21 -6.56
CA ALA A 31 -3.56 -8.15 -5.56
C ALA A 31 -2.05 -8.09 -5.34
N TRP A 32 -1.66 -8.08 -4.08
CA TRP A 32 -0.25 -8.06 -3.66
C TRP A 32 0.48 -9.28 -4.22
N ASP A 33 -0.28 -10.31 -4.44
CA ASP A 33 0.20 -11.58 -4.95
C ASP A 33 0.39 -11.54 -6.48
N SER A 34 -0.16 -10.52 -7.09
CA SER A 34 -0.16 -10.39 -8.52
C SER A 34 0.88 -9.37 -8.96
N GLN A 35 1.53 -9.65 -10.06
CA GLN A 35 2.55 -8.78 -10.64
C GLN A 35 1.99 -8.16 -11.92
N SER A 36 0.68 -8.18 -12.04
CA SER A 36 0.03 -7.64 -13.20
C SER A 36 -1.24 -6.89 -12.80
N PRO A 37 -1.36 -5.61 -13.19
CA PRO A 37 -0.54 -5.04 -14.29
C PRO A 37 0.82 -4.55 -13.79
N HIS A 38 0.85 -4.07 -12.57
CA HIS A 38 2.03 -3.50 -12.00
C HIS A 38 2.88 -4.53 -11.29
N ALA A 39 4.10 -4.66 -11.71
CA ALA A 39 5.01 -5.62 -11.14
C ALA A 39 5.66 -4.99 -9.94
N HIS A 40 5.75 -5.70 -8.86
CA HIS A 40 6.26 -5.09 -7.64
C HIS A 40 7.07 -6.05 -6.80
N GLY A 41 7.65 -5.54 -5.74
CA GLY A 41 8.40 -6.34 -4.83
C GLY A 41 7.66 -6.52 -3.52
N TYR A 42 6.39 -6.10 -3.48
CA TYR A 42 5.59 -6.24 -2.28
C TYR A 42 4.93 -7.59 -2.32
N ILE A 43 5.72 -8.59 -2.15
CA ILE A 43 5.27 -9.96 -2.19
C ILE A 43 4.77 -10.37 -0.77
N PRO A 44 3.56 -10.92 -0.66
CA PRO A 44 2.96 -11.27 0.65
C PRO A 44 3.72 -12.36 1.41
N SER A 45 4.55 -13.11 0.74
CA SER A 45 5.24 -14.20 1.37
C SER A 45 6.46 -13.70 2.14
N LYS A 46 7.04 -12.63 1.66
CA LYS A 46 8.22 -12.08 2.24
C LYS A 46 7.89 -11.00 3.24
N PHE A 47 6.66 -10.54 3.21
CA PHE A 47 6.20 -9.54 4.18
C PHE A 47 4.94 -10.06 4.90
N PRO A 48 5.09 -11.07 5.78
CA PRO A 48 3.94 -11.69 6.44
C PRO A 48 3.33 -10.79 7.52
N ASN A 49 4.20 -10.19 8.32
CA ASN A 49 3.83 -9.33 9.45
C ASN A 49 3.29 -7.98 8.98
N LYS A 50 3.30 -7.76 7.69
CA LYS A 50 2.81 -6.56 7.12
C LYS A 50 1.37 -6.75 6.63
N ASN A 51 0.88 -7.98 6.84
CA ASN A 51 -0.51 -8.40 6.59
C ASN A 51 -0.94 -8.20 5.12
N LEU A 52 -0.05 -8.49 4.18
CA LEU A 52 -0.38 -8.35 2.76
C LEU A 52 -1.37 -9.42 2.31
N LYS A 53 -2.64 -9.08 2.30
CA LYS A 53 -3.66 -10.02 1.86
C LYS A 53 -4.37 -9.53 0.66
N LYS A 54 -4.77 -10.49 -0.11
CA LYS A 54 -5.45 -10.38 -1.38
C LYS A 54 -5.05 -9.13 -2.18
N ASN A 55 -5.94 -8.17 -2.20
CA ASN A 55 -5.75 -6.90 -2.86
C ASN A 55 -6.26 -5.86 -1.89
N TYR A 56 -6.12 -6.17 -0.64
CA TYR A 56 -6.61 -5.34 0.40
C TYR A 56 -5.62 -4.26 0.71
N CYS A 57 -6.13 -3.05 0.91
CA CYS A 57 -5.30 -1.89 1.20
C CYS A 57 -4.53 -2.12 2.45
N ARG A 58 -3.25 -1.94 2.37
CA ARG A 58 -2.37 -2.19 3.46
C ARG A 58 -1.40 -1.06 3.57
N ASN A 59 -0.64 -1.04 4.63
CA ASN A 59 0.41 -0.07 4.80
C ASN A 59 1.63 -0.78 5.34
N PRO A 60 2.35 -1.52 4.47
CA PRO A 60 3.47 -2.32 4.90
C PRO A 60 4.74 -1.51 5.05
N ASP A 61 4.95 -0.66 4.11
CA ASP A 61 6.13 0.12 4.03
C ASP A 61 6.11 1.31 4.95
N ARG A 62 4.95 1.59 5.49
CA ARG A 62 4.76 2.64 6.48
C ARG A 62 4.79 4.01 5.86
N ASP A 63 3.86 4.22 4.97
CA ASP A 63 3.59 5.49 4.35
C ASP A 63 2.72 6.30 5.35
N LEU A 64 2.06 7.34 4.92
CA LEU A 64 1.23 8.15 5.82
C LEU A 64 -0.03 7.43 6.25
N ARG A 65 -0.56 6.62 5.37
CA ARG A 65 -1.76 5.87 5.60
C ARG A 65 -1.75 4.74 4.59
N PRO A 66 -2.61 3.71 4.77
CA PRO A 66 -2.73 2.60 3.81
C PRO A 66 -3.02 3.06 2.41
N TRP A 67 -2.65 2.24 1.51
CA TRP A 67 -2.68 2.50 0.14
C TRP A 67 -2.74 1.17 -0.53
N CYS A 68 -2.76 1.15 -1.83
CA CYS A 68 -2.76 -0.09 -2.52
C CYS A 68 -2.35 0.14 -3.95
N PHE A 69 -1.91 -0.91 -4.61
CA PHE A 69 -1.55 -0.82 -6.01
C PHE A 69 -2.79 -0.78 -6.83
N THR A 70 -2.88 0.11 -7.74
CA THR A 70 -4.04 0.21 -8.52
C THR A 70 -3.94 -0.74 -9.71
N THR A 71 -5.07 -1.31 -10.09
CA THR A 71 -5.13 -2.15 -11.26
C THR A 71 -5.28 -1.25 -12.52
N ASP A 72 -5.36 0.05 -12.28
CA ASP A 72 -5.41 1.07 -13.32
C ASP A 72 -4.00 1.33 -13.80
N PRO A 73 -3.76 1.28 -15.11
CA PRO A 73 -2.41 1.43 -15.68
C PRO A 73 -1.78 2.81 -15.46
N ASN A 74 -2.58 3.82 -15.17
CA ASN A 74 -2.06 5.15 -14.97
C ASN A 74 -1.54 5.25 -13.56
N LYS A 75 -2.27 4.70 -12.64
CA LYS A 75 -1.89 4.74 -11.28
C LYS A 75 -1.10 3.55 -10.88
N ARG A 76 0.13 3.80 -10.57
CA ARG A 76 1.01 2.80 -9.99
C ARG A 76 0.37 2.37 -8.69
N TRP A 77 -0.15 3.37 -7.99
CA TRP A 77 -0.80 3.18 -6.71
C TRP A 77 -1.61 4.39 -6.37
N GLU A 78 -2.43 4.22 -5.38
CA GLU A 78 -3.20 5.29 -4.78
C GLU A 78 -3.30 5.02 -3.31
N TYR A 79 -3.66 6.02 -2.57
CA TYR A 79 -3.90 5.87 -1.17
C TYR A 79 -5.27 5.29 -0.94
N CYS A 80 -5.45 4.72 0.18
CA CYS A 80 -6.70 4.17 0.58
C CYS A 80 -7.22 4.99 1.75
N ASP A 81 -8.46 5.39 1.68
CA ASP A 81 -9.02 6.27 2.67
C ASP A 81 -9.60 5.48 3.81
N ILE A 82 -8.74 5.18 4.74
CA ILE A 82 -9.11 4.42 5.90
C ILE A 82 -8.82 5.26 7.12
N PRO A 83 -9.87 5.62 7.88
CA PRO A 83 -9.74 6.35 9.15
C PRO A 83 -8.64 5.81 10.06
N ARG A 84 -7.88 6.71 10.58
CA ARG A 84 -6.73 6.43 11.36
C ARG A 84 -7.01 6.76 12.81
N CYS A 85 -6.92 5.79 13.65
CA CYS A 85 -7.09 5.98 15.06
C CYS A 85 -5.78 5.78 15.78
N ALA A 86 -5.45 6.71 16.65
CA ALA A 86 -4.21 6.64 17.41
C ALA A 86 -4.40 5.74 18.62
N ALA A 87 -5.64 5.39 18.89
CA ALA A 87 -5.98 4.51 19.96
C ALA A 87 -5.73 3.06 19.55
N GLY B 1 18.46 7.26 6.19
CA GLY B 1 18.95 6.48 5.06
C GLY B 1 19.14 5.04 5.45
N SER B 2 18.63 4.14 4.65
CA SER B 2 18.78 2.73 4.92
C SER B 2 19.99 2.20 4.17
N VAL B 3 20.90 1.57 4.88
CA VAL B 3 22.10 1.00 4.27
C VAL B 3 21.94 -0.51 4.19
N GLU B 4 21.06 -1.01 5.02
CA GLU B 4 20.76 -2.42 5.07
C GLU B 4 20.14 -2.82 3.75
N LYS B 5 19.01 -2.14 3.42
CA LYS B 5 18.21 -2.20 2.14
C LYS B 5 17.70 -3.60 1.77
N LEU B 6 18.08 -4.56 2.55
CA LEU B 6 17.71 -5.93 2.33
C LEU B 6 16.87 -6.45 3.46
N THR B 7 16.80 -5.69 4.52
CA THR B 7 15.96 -6.01 5.61
C THR B 7 14.56 -5.59 5.21
N ALA B 8 13.55 -6.22 5.75
CA ALA B 8 12.18 -6.08 5.24
C ALA B 8 11.64 -4.66 5.20
N ASP B 9 11.70 -3.96 6.29
CA ASP B 9 11.11 -2.60 6.37
C ASP B 9 11.95 -1.63 5.58
N ALA B 10 13.24 -1.86 5.60
CA ALA B 10 14.19 -1.04 4.85
C ALA B 10 14.02 -1.27 3.35
N GLU B 11 13.76 -2.52 2.97
CA GLU B 11 13.49 -2.85 1.59
C GLU B 11 12.20 -2.18 1.18
N LEU B 12 11.23 -2.29 2.07
CA LEU B 12 9.94 -1.66 1.91
C LEU B 12 10.07 -0.16 1.74
N GLN B 13 10.98 0.43 2.48
CA GLN B 13 11.24 1.85 2.40
C GLN B 13 11.78 2.22 1.01
N ARG B 14 12.64 1.38 0.48
CA ARG B 14 13.23 1.60 -0.85
C ARG B 14 12.14 1.44 -1.89
N LEU B 15 11.26 0.49 -1.67
CA LEU B 15 10.11 0.27 -2.55
C LEU B 15 9.11 1.44 -2.41
N LYS B 16 9.01 1.97 -1.20
CA LYS B 16 8.19 3.12 -0.88
C LYS B 16 8.73 4.30 -1.66
N ASN B 17 10.04 4.43 -1.60
CA ASN B 17 10.79 5.43 -2.35
C ASN B 17 10.56 5.27 -3.84
N GLU B 18 10.59 4.03 -4.32
CA GLU B 18 10.31 3.68 -5.71
C GLU B 18 8.95 4.22 -6.12
N ARG B 19 7.95 3.83 -5.36
CA ARG B 19 6.58 4.29 -5.57
C ARG B 19 6.51 5.81 -5.56
N HIS B 20 7.22 6.40 -4.65
CA HIS B 20 7.27 7.83 -4.49
C HIS B 20 7.97 8.50 -5.64
N GLU B 21 8.99 7.88 -6.15
CA GLU B 21 9.65 8.38 -7.33
C GLU B 21 8.71 8.30 -8.51
N GLU B 22 8.05 7.17 -8.68
CA GLU B 22 7.08 7.00 -9.77
C GLU B 22 5.97 8.02 -9.68
N ALA B 23 5.41 8.19 -8.51
CA ALA B 23 4.32 9.12 -8.30
C ALA B 23 4.75 10.55 -8.51
N GLU B 24 5.91 10.90 -7.99
CA GLU B 24 6.40 12.24 -8.13
C GLU B 24 6.85 12.52 -9.56
N LEU B 25 7.36 11.51 -10.22
CA LEU B 25 7.68 11.57 -11.65
C LEU B 25 6.40 11.74 -12.45
N GLU B 26 5.38 11.03 -12.05
CA GLU B 26 4.06 11.12 -12.64
C GLU B 26 3.47 12.50 -12.46
N ARG B 27 3.58 13.00 -11.27
CA ARG B 27 3.09 14.31 -10.90
C ARG B 27 3.90 15.40 -11.64
N LEU B 28 5.16 15.11 -11.87
CA LEU B 28 6.09 16.02 -12.53
C LEU B 28 5.87 16.05 -14.04
N LYS B 29 5.62 14.90 -14.65
CA LYS B 29 5.46 14.83 -16.11
C LYS B 29 4.23 15.62 -16.59
N SER B 30 3.28 15.83 -15.67
CA SER B 30 2.07 16.63 -15.90
C SER B 30 1.09 15.93 -16.88
N GLU B 31 -0.19 16.14 -16.70
CA GLU B 31 -1.16 15.43 -17.49
C GLU B 31 -1.60 16.23 -18.70
N TYR B 32 -2.01 15.52 -19.70
CA TYR B 32 -2.56 16.06 -20.91
C TYR B 32 -3.20 14.91 -21.64
N TYR A 1 -13.81 -10.61 14.53
CA TYR A 1 -13.64 -9.40 15.32
C TYR A 1 -14.51 -9.46 16.57
N VAL A 2 -13.89 -9.70 17.72
CA VAL A 2 -14.61 -9.69 18.99
C VAL A 2 -13.92 -8.75 19.98
N GLU A 3 -12.64 -8.52 19.74
CA GLU A 3 -11.82 -7.68 20.55
C GLU A 3 -12.16 -6.23 20.23
N PHE A 4 -12.20 -5.96 18.96
CA PHE A 4 -12.56 -4.71 18.41
C PHE A 4 -13.38 -5.05 17.17
N SER A 5 -14.28 -4.18 16.78
CA SER A 5 -15.19 -4.49 15.68
C SER A 5 -14.71 -3.97 14.32
N GLU A 6 -13.50 -3.41 14.29
CA GLU A 6 -12.91 -2.77 13.09
C GLU A 6 -13.67 -1.49 12.78
N GLU A 7 -13.40 -0.48 13.56
CA GLU A 7 -14.02 0.81 13.39
C GLU A 7 -13.03 1.79 12.81
N CYS A 8 -11.79 1.63 13.17
CA CYS A 8 -10.72 2.47 12.76
C CYS A 8 -9.44 1.83 13.12
N MET A 9 -8.40 2.21 12.45
CA MET A 9 -7.09 1.68 12.72
C MET A 9 -6.22 2.70 13.38
N HIS A 10 -5.11 2.25 13.89
CA HIS A 10 -4.22 3.05 14.68
C HIS A 10 -3.28 3.81 13.77
N GLY A 11 -3.53 5.11 13.63
CA GLY A 11 -2.63 6.05 12.92
C GLY A 11 -2.12 5.58 11.57
N SER A 12 -1.01 4.86 11.61
CA SER A 12 -0.32 4.38 10.43
C SER A 12 -1.18 3.41 9.62
N GLY A 13 -1.92 2.56 10.30
CA GLY A 13 -2.78 1.61 9.61
C GLY A 13 -2.05 0.36 9.18
N GLU A 14 -0.87 0.14 9.74
CA GLU A 14 -0.06 -1.06 9.46
C GLU A 14 -0.77 -2.28 10.06
N ASN A 15 -1.53 -2.01 11.12
CA ASN A 15 -2.28 -3.03 11.82
C ASN A 15 -3.61 -3.34 11.10
N TYR A 16 -3.86 -2.68 9.95
CA TYR A 16 -5.12 -2.85 9.23
C TYR A 16 -5.24 -4.25 8.63
N ASP A 17 -6.06 -5.05 9.26
CA ASP A 17 -6.28 -6.44 8.87
C ASP A 17 -7.54 -6.51 8.02
N GLY A 18 -8.10 -5.36 7.79
CA GLY A 18 -9.38 -5.22 7.12
C GLY A 18 -9.38 -5.62 5.66
N LYS A 19 -10.54 -5.55 5.11
CA LYS A 19 -10.81 -6.04 3.76
C LYS A 19 -11.08 -4.92 2.75
N ILE A 20 -10.69 -3.69 3.05
CA ILE A 20 -10.79 -2.64 2.05
C ILE A 20 -9.82 -2.88 0.93
N SER A 21 -10.35 -2.92 -0.24
CA SER A 21 -9.60 -3.21 -1.43
C SER A 21 -9.66 -2.05 -2.41
N LYS A 22 -10.19 -0.94 -1.97
CA LYS A 22 -10.38 0.18 -2.84
C LYS A 22 -9.68 1.40 -2.30
N THR A 23 -9.23 2.27 -3.20
CA THR A 23 -8.38 3.38 -2.84
C THR A 23 -9.21 4.55 -2.28
N MET A 24 -8.58 5.67 -2.00
CA MET A 24 -9.27 6.84 -1.52
C MET A 24 -10.21 7.40 -2.58
N SER A 25 -9.92 7.13 -3.84
CA SER A 25 -10.79 7.51 -4.90
C SER A 25 -11.84 6.43 -5.12
N GLY A 26 -11.54 5.25 -4.62
CA GLY A 26 -12.44 4.14 -4.78
C GLY A 26 -12.06 3.29 -5.95
N LEU A 27 -10.82 3.34 -6.33
CA LEU A 27 -10.35 2.48 -7.38
C LEU A 27 -10.03 1.15 -6.78
N GLU A 28 -10.05 0.15 -7.55
CA GLU A 28 -9.81 -1.17 -7.07
C GLU A 28 -8.31 -1.48 -7.06
N CYS A 29 -7.86 -2.07 -5.99
CA CYS A 29 -6.49 -2.44 -5.86
C CYS A 29 -6.17 -3.73 -6.58
N GLN A 30 -4.95 -3.81 -7.00
CA GLN A 30 -4.37 -4.93 -7.66
C GLN A 30 -3.84 -5.89 -6.58
N ALA A 31 -4.09 -7.16 -6.74
CA ALA A 31 -3.63 -8.17 -5.80
C ALA A 31 -2.11 -8.14 -5.64
N TRP A 32 -1.67 -8.07 -4.38
CA TRP A 32 -0.25 -7.99 -4.01
C TRP A 32 0.58 -9.11 -4.60
N ASP A 33 -0.02 -10.25 -4.79
CA ASP A 33 0.68 -11.42 -5.29
C ASP A 33 0.79 -11.39 -6.82
N SER A 34 -0.01 -10.56 -7.44
CA SER A 34 -0.06 -10.49 -8.86
C SER A 34 0.90 -9.42 -9.34
N GLN A 35 1.70 -9.72 -10.35
CA GLN A 35 2.64 -8.75 -10.88
C GLN A 35 2.06 -8.11 -12.14
N SER A 36 0.82 -8.37 -12.37
CA SER A 36 0.13 -7.85 -13.49
C SER A 36 -1.09 -7.07 -13.00
N PRO A 37 -1.26 -5.82 -13.43
CA PRO A 37 -0.40 -5.21 -14.48
C PRO A 37 0.93 -4.70 -13.91
N HIS A 38 0.90 -4.27 -12.67
CA HIS A 38 2.04 -3.65 -12.04
C HIS A 38 2.97 -4.63 -11.37
N ALA A 39 4.18 -4.69 -11.88
CA ALA A 39 5.22 -5.48 -11.31
C ALA A 39 5.73 -4.75 -10.09
N HIS A 40 5.89 -5.45 -9.00
CA HIS A 40 6.26 -4.80 -7.76
C HIS A 40 6.85 -5.82 -6.78
N GLY A 41 7.67 -5.37 -5.88
CA GLY A 41 8.33 -6.27 -4.96
C GLY A 41 7.59 -6.50 -3.67
N TYR A 42 6.29 -6.25 -3.66
CA TYR A 42 5.56 -6.46 -2.42
C TYR A 42 4.81 -7.76 -2.53
N ILE A 43 5.56 -8.82 -2.40
CA ILE A 43 5.00 -10.16 -2.38
C ILE A 43 4.50 -10.51 -0.96
N PRO A 44 3.28 -11.04 -0.82
CA PRO A 44 2.67 -11.35 0.50
C PRO A 44 3.47 -12.35 1.36
N SER A 45 4.28 -13.14 0.71
CA SER A 45 5.04 -14.13 1.41
C SER A 45 6.29 -13.53 2.03
N LYS A 46 6.79 -12.47 1.43
CA LYS A 46 7.99 -11.88 1.90
C LYS A 46 7.73 -10.82 2.94
N PHE A 47 6.51 -10.30 2.95
CA PHE A 47 6.09 -9.37 3.99
C PHE A 47 4.74 -9.87 4.56
N PRO A 48 4.76 -10.96 5.34
CA PRO A 48 3.54 -11.62 5.82
C PRO A 48 2.89 -10.88 6.98
N ASN A 49 3.72 -10.32 7.84
CA ASN A 49 3.26 -9.66 9.06
C ASN A 49 2.45 -8.40 8.76
N LYS A 50 2.75 -7.77 7.65
CA LYS A 50 2.04 -6.58 7.22
C LYS A 50 0.69 -6.91 6.56
N ASN A 51 0.35 -8.18 6.61
CA ASN A 51 -0.95 -8.74 6.25
C ASN A 51 -1.28 -8.65 4.79
N LEU A 52 -0.29 -8.70 3.91
CA LEU A 52 -0.51 -8.52 2.47
C LEU A 52 -1.41 -9.59 1.91
N LYS A 53 -2.69 -9.36 1.92
CA LYS A 53 -3.59 -10.37 1.45
C LYS A 53 -4.42 -9.82 0.35
N LYS A 54 -4.72 -10.69 -0.58
CA LYS A 54 -5.46 -10.40 -1.79
C LYS A 54 -5.04 -9.11 -2.45
N ASN A 55 -5.89 -8.13 -2.38
CA ASN A 55 -5.69 -6.83 -2.94
C ASN A 55 -6.15 -5.84 -1.90
N TYR A 56 -6.08 -6.27 -0.67
CA TYR A 56 -6.52 -5.45 0.41
C TYR A 56 -5.48 -4.43 0.77
N CYS A 57 -5.92 -3.23 1.03
CA CYS A 57 -5.05 -2.13 1.35
C CYS A 57 -4.28 -2.39 2.62
N ARG A 58 -3.01 -2.19 2.52
CA ARG A 58 -2.11 -2.51 3.59
C ARG A 58 -1.21 -1.31 3.79
N ASN A 59 -0.50 -1.26 4.87
CA ASN A 59 0.56 -0.30 5.06
C ASN A 59 1.76 -1.12 5.43
N PRO A 60 2.48 -1.63 4.44
CA PRO A 60 3.57 -2.57 4.66
C PRO A 60 4.90 -1.91 4.97
N ASP A 61 5.18 -0.88 4.28
CA ASP A 61 6.44 -0.21 4.28
C ASP A 61 6.49 1.01 5.14
N ARG A 62 5.38 1.34 5.75
CA ARG A 62 5.23 2.53 6.58
C ARG A 62 5.19 3.80 5.76
N ASP A 63 4.19 3.87 4.92
CA ASP A 63 3.86 5.07 4.19
C ASP A 63 3.04 5.92 5.18
N LEU A 64 2.48 6.99 4.74
CA LEU A 64 1.72 7.91 5.62
C LEU A 64 0.48 7.23 6.19
N ARG A 65 -0.17 6.45 5.36
CA ARG A 65 -1.33 5.69 5.74
C ARG A 65 -1.44 4.57 4.72
N PRO A 66 -2.27 3.52 4.95
CA PRO A 66 -2.40 2.39 4.02
C PRO A 66 -2.71 2.82 2.60
N TRP A 67 -2.31 2.01 1.72
CA TRP A 67 -2.33 2.28 0.33
C TRP A 67 -2.40 0.95 -0.37
N CYS A 68 -2.46 0.96 -1.66
CA CYS A 68 -2.51 -0.25 -2.41
C CYS A 68 -2.16 0.05 -3.85
N PHE A 69 -1.81 -0.96 -4.61
CA PHE A 69 -1.50 -0.78 -6.01
C PHE A 69 -2.77 -0.74 -6.80
N THR A 70 -2.85 0.11 -7.75
CA THR A 70 -4.04 0.25 -8.51
C THR A 70 -4.10 -0.78 -9.63
N THR A 71 -5.29 -1.19 -9.99
CA THR A 71 -5.48 -2.07 -11.12
C THR A 71 -5.47 -1.23 -12.42
N ASP A 72 -5.59 0.11 -12.28
CA ASP A 72 -5.53 1.01 -13.41
C ASP A 72 -4.11 0.97 -13.93
N PRO A 73 -3.91 0.67 -15.22
CA PRO A 73 -2.56 0.46 -15.79
C PRO A 73 -1.60 1.64 -15.61
N ASN A 74 -2.13 2.83 -15.59
CA ASN A 74 -1.29 4.00 -15.44
C ASN A 74 -1.03 4.29 -13.98
N LYS A 75 -2.02 4.08 -13.16
CA LYS A 75 -1.89 4.40 -11.77
C LYS A 75 -1.18 3.30 -11.02
N ARG A 76 0.02 3.58 -10.58
CA ARG A 76 0.81 2.59 -9.89
C ARG A 76 0.19 2.30 -8.54
N TRP A 77 0.09 3.31 -7.74
CA TRP A 77 -0.51 3.17 -6.43
C TRP A 77 -1.33 4.37 -6.07
N GLU A 78 -2.10 4.23 -5.04
CA GLU A 78 -2.90 5.30 -4.50
C GLU A 78 -3.04 5.03 -3.01
N TYR A 79 -3.39 6.04 -2.25
CA TYR A 79 -3.65 5.86 -0.86
C TYR A 79 -5.00 5.24 -0.67
N CYS A 80 -5.15 4.52 0.36
CA CYS A 80 -6.39 3.92 0.70
C CYS A 80 -6.96 4.64 1.89
N ASP A 81 -8.22 5.03 1.79
CA ASP A 81 -8.81 5.79 2.86
C ASP A 81 -9.39 4.86 3.88
N ILE A 82 -8.54 4.49 4.79
CA ILE A 82 -8.89 3.61 5.85
C ILE A 82 -9.38 4.45 7.00
N PRO A 83 -10.46 4.01 7.66
CA PRO A 83 -10.92 4.60 8.91
C PRO A 83 -9.74 4.72 9.88
N ARG A 84 -9.38 5.92 10.19
CA ARG A 84 -8.19 6.17 10.96
C ARG A 84 -8.51 6.81 12.30
N CYS A 85 -8.05 6.17 13.34
CA CYS A 85 -8.14 6.69 14.66
C CYS A 85 -6.76 7.04 15.15
N ALA A 86 -6.66 7.94 16.09
CA ALA A 86 -5.36 8.35 16.62
C ALA A 86 -4.97 7.46 17.81
N ALA A 87 -5.88 6.60 18.19
CA ALA A 87 -5.65 5.67 19.25
C ALA A 87 -5.32 4.34 18.64
N GLY B 1 27.18 3.24 -0.28
CA GLY B 1 25.92 3.31 0.44
C GLY B 1 25.02 2.18 0.07
N SER B 2 23.84 2.11 0.68
CA SER B 2 22.82 1.10 0.39
C SER B 2 23.29 -0.32 0.75
N VAL B 3 24.04 -0.44 1.83
CA VAL B 3 24.50 -1.75 2.28
C VAL B 3 23.34 -2.46 3.00
N GLU B 4 22.49 -1.67 3.60
CA GLU B 4 21.37 -2.16 4.32
C GLU B 4 20.22 -2.31 3.34
N LYS B 5 20.25 -3.39 2.65
CA LYS B 5 19.17 -3.81 1.77
C LYS B 5 18.82 -5.26 2.17
N LEU B 6 19.50 -5.71 3.21
CA LEU B 6 19.44 -7.09 3.69
C LEU B 6 18.22 -7.32 4.59
N THR B 7 17.60 -6.26 5.04
CA THR B 7 16.45 -6.35 5.88
C THR B 7 15.20 -6.04 5.07
N ALA B 8 14.06 -6.55 5.52
CA ALA B 8 12.80 -6.34 4.84
C ALA B 8 12.42 -4.88 4.90
N ASP B 9 12.60 -4.29 6.07
CA ASP B 9 12.33 -2.86 6.31
C ASP B 9 13.13 -1.95 5.38
N ALA B 10 14.39 -2.28 5.17
CA ALA B 10 15.22 -1.50 4.29
C ALA B 10 14.79 -1.64 2.85
N GLU B 11 14.39 -2.85 2.48
CA GLU B 11 13.89 -3.08 1.14
C GLU B 11 12.58 -2.32 0.97
N LEU B 12 11.73 -2.43 1.98
CA LEU B 12 10.48 -1.72 2.06
C LEU B 12 10.68 -0.24 1.88
N GLN B 13 11.64 0.32 2.59
CA GLN B 13 11.97 1.75 2.52
C GLN B 13 12.38 2.15 1.11
N ARG B 14 13.17 1.31 0.47
CA ARG B 14 13.67 1.57 -0.86
C ARG B 14 12.54 1.51 -1.86
N LEU B 15 11.72 0.51 -1.75
CA LEU B 15 10.57 0.35 -2.64
C LEU B 15 9.57 1.48 -2.37
N LYS B 16 9.49 1.88 -1.12
CA LYS B 16 8.61 2.92 -0.69
C LYS B 16 9.07 4.25 -1.27
N ASN B 17 10.36 4.50 -1.17
CA ASN B 17 10.96 5.74 -1.68
C ASN B 17 10.85 5.75 -3.18
N GLU B 18 10.95 4.56 -3.75
CA GLU B 18 10.76 4.35 -5.18
C GLU B 18 9.38 4.80 -5.56
N ARG B 19 8.39 4.17 -4.97
CA ARG B 19 6.99 4.51 -5.20
C ARG B 19 6.73 5.98 -4.97
N HIS B 20 7.35 6.53 -3.95
CA HIS B 20 7.20 7.93 -3.62
C HIS B 20 7.73 8.81 -4.73
N GLU B 21 8.90 8.45 -5.25
CA GLU B 21 9.44 9.12 -6.39
C GLU B 21 8.59 8.90 -7.62
N GLU B 22 8.27 7.64 -7.90
CA GLU B 22 7.44 7.25 -9.04
C GLU B 22 6.13 8.02 -9.12
N ALA B 23 5.50 8.25 -7.99
CA ALA B 23 4.25 8.98 -7.98
C ALA B 23 4.46 10.43 -8.37
N GLU B 24 5.53 11.01 -7.87
CA GLU B 24 5.84 12.38 -8.14
C GLU B 24 6.40 12.53 -9.54
N LEU B 25 7.13 11.54 -9.95
CA LEU B 25 7.74 11.47 -11.26
C LEU B 25 6.65 11.39 -12.31
N GLU B 26 5.61 10.64 -12.00
CA GLU B 26 4.48 10.48 -12.87
C GLU B 26 3.68 11.79 -12.95
N ARG B 27 3.68 12.56 -11.87
CA ARG B 27 3.06 13.88 -11.87
C ARG B 27 3.93 14.85 -12.68
N LEU B 28 5.23 14.71 -12.50
CA LEU B 28 6.25 15.57 -13.11
C LEU B 28 6.24 15.47 -14.66
N LYS B 29 5.69 14.37 -15.18
CA LYS B 29 5.62 14.19 -16.63
C LYS B 29 4.52 15.09 -17.21
N SER B 30 3.64 15.55 -16.35
CA SER B 30 2.56 16.43 -16.73
C SER B 30 3.07 17.86 -16.63
N GLU B 31 3.61 18.32 -17.71
CA GLU B 31 4.30 19.60 -17.73
C GLU B 31 3.47 20.72 -18.33
N TYR B 32 2.24 20.43 -18.62
CA TYR B 32 1.34 21.42 -19.13
C TYR B 32 0.28 21.66 -18.07
N TYR A 1 -20.60 -6.98 12.78
CA TYR A 1 -19.91 -6.31 13.89
C TYR A 1 -18.87 -7.26 14.51
N VAL A 2 -18.95 -8.53 14.17
CA VAL A 2 -17.97 -9.51 14.60
C VAL A 2 -16.92 -9.61 13.50
N GLU A 3 -15.74 -10.18 13.79
CA GLU A 3 -14.63 -10.37 12.84
C GLU A 3 -13.90 -9.08 12.56
N PHE A 4 -14.62 -8.10 12.09
CA PHE A 4 -14.07 -6.85 11.70
C PHE A 4 -14.08 -5.89 12.87
N SER A 5 -12.91 -5.56 13.34
CA SER A 5 -12.73 -4.60 14.39
C SER A 5 -12.16 -3.33 13.77
N GLU A 6 -12.48 -3.14 12.52
CA GLU A 6 -11.86 -2.13 11.74
C GLU A 6 -12.86 -1.06 11.50
N GLU A 7 -12.76 -0.01 12.23
CA GLU A 7 -13.68 1.07 12.04
C GLU A 7 -12.91 2.34 11.83
N CYS A 8 -11.98 2.57 12.71
CA CYS A 8 -11.02 3.61 12.57
C CYS A 8 -9.75 3.11 13.12
N MET A 9 -8.70 3.51 12.55
CA MET A 9 -7.43 2.97 12.96
C MET A 9 -6.55 4.03 13.53
N HIS A 10 -5.77 3.61 14.46
CA HIS A 10 -4.82 4.43 15.13
C HIS A 10 -3.49 4.39 14.42
N GLY A 11 -2.83 5.51 14.34
CA GLY A 11 -1.53 5.56 13.75
C GLY A 11 -1.57 5.65 12.25
N SER A 12 -0.66 4.95 11.60
CA SER A 12 -0.55 4.96 10.17
C SER A 12 -1.34 3.83 9.53
N GLY A 13 -1.97 3.00 10.32
CA GLY A 13 -2.81 1.97 9.75
C GLY A 13 -2.10 0.66 9.48
N GLU A 14 -0.91 0.49 9.99
CA GLU A 14 -0.21 -0.80 9.88
C GLU A 14 -0.93 -1.82 10.75
N ASN A 15 -1.62 -1.32 11.76
CA ASN A 15 -2.36 -2.18 12.66
C ASN A 15 -3.77 -2.44 12.13
N TYR A 16 -4.03 -1.95 10.93
CA TYR A 16 -5.29 -2.18 10.24
C TYR A 16 -5.13 -3.47 9.48
N ASP A 17 -6.07 -4.36 9.61
CA ASP A 17 -5.98 -5.62 8.88
C ASP A 17 -7.30 -5.92 8.20
N GLY A 18 -8.06 -4.88 7.99
CA GLY A 18 -9.35 -5.00 7.33
C GLY A 18 -9.22 -5.35 5.86
N LYS A 19 -10.31 -5.80 5.31
CA LYS A 19 -10.36 -6.34 3.97
C LYS A 19 -10.85 -5.34 2.93
N ILE A 20 -10.68 -4.04 3.19
CA ILE A 20 -11.09 -3.03 2.21
C ILE A 20 -10.23 -3.22 0.94
N SER A 21 -10.82 -3.06 -0.20
CA SER A 21 -10.13 -3.41 -1.41
C SER A 21 -10.15 -2.28 -2.46
N LYS A 22 -10.58 -1.11 -2.06
CA LYS A 22 -10.68 0.01 -2.98
C LYS A 22 -9.96 1.21 -2.40
N THR A 23 -9.38 2.01 -3.27
CA THR A 23 -8.48 3.08 -2.86
C THR A 23 -9.22 4.36 -2.39
N MET A 24 -8.46 5.44 -2.24
CA MET A 24 -8.97 6.75 -1.89
C MET A 24 -9.93 7.26 -2.97
N SER A 25 -9.72 6.85 -4.21
CA SER A 25 -10.60 7.21 -5.28
C SER A 25 -11.70 6.17 -5.42
N GLY A 26 -11.48 5.03 -4.78
CA GLY A 26 -12.43 3.94 -4.85
C GLY A 26 -12.13 3.04 -6.01
N LEU A 27 -10.90 3.07 -6.45
CA LEU A 27 -10.47 2.24 -7.52
C LEU A 27 -10.21 0.87 -7.00
N GLU A 28 -10.23 -0.08 -7.86
CA GLU A 28 -10.03 -1.44 -7.48
C GLU A 28 -8.56 -1.69 -7.31
N CYS A 29 -8.19 -2.22 -6.19
CA CYS A 29 -6.82 -2.50 -5.93
C CYS A 29 -6.32 -3.72 -6.67
N GLN A 30 -5.06 -3.69 -6.97
CA GLN A 30 -4.36 -4.77 -7.61
C GLN A 30 -3.83 -5.67 -6.53
N ALA A 31 -4.14 -6.94 -6.60
CA ALA A 31 -3.72 -7.90 -5.62
C ALA A 31 -2.22 -7.93 -5.47
N TRP A 32 -1.77 -7.98 -4.23
CA TRP A 32 -0.37 -8.01 -3.86
C TRP A 32 0.31 -9.25 -4.43
N ASP A 33 -0.48 -10.23 -4.75
CA ASP A 33 -0.02 -11.49 -5.29
C ASP A 33 0.25 -11.35 -6.78
N SER A 34 -0.42 -10.41 -7.41
CA SER A 34 -0.35 -10.25 -8.83
C SER A 34 0.72 -9.23 -9.22
N GLN A 35 1.56 -9.61 -10.14
CA GLN A 35 2.64 -8.77 -10.64
C GLN A 35 2.16 -8.03 -11.91
N SER A 36 0.88 -8.06 -12.13
CA SER A 36 0.30 -7.49 -13.31
C SER A 36 -1.02 -6.79 -12.97
N PRO A 37 -1.18 -5.54 -13.40
CA PRO A 37 -0.39 -4.97 -14.53
C PRO A 37 0.88 -4.25 -14.05
N HIS A 38 0.83 -3.80 -12.82
CA HIS A 38 1.91 -3.06 -12.24
C HIS A 38 2.90 -3.95 -11.53
N ALA A 39 4.16 -3.78 -11.87
CA ALA A 39 5.25 -4.52 -11.28
C ALA A 39 5.56 -3.95 -9.91
N HIS A 40 5.62 -4.81 -8.93
CA HIS A 40 5.85 -4.40 -7.59
C HIS A 40 6.71 -5.43 -6.85
N GLY A 41 7.44 -5.00 -5.85
CA GLY A 41 8.24 -5.92 -5.07
C GLY A 41 7.54 -6.32 -3.81
N TYR A 42 6.28 -5.97 -3.71
CA TYR A 42 5.49 -6.27 -2.54
C TYR A 42 4.84 -7.61 -2.73
N ILE A 43 5.65 -8.61 -2.67
CA ILE A 43 5.18 -9.96 -2.81
C ILE A 43 4.81 -10.49 -1.41
N PRO A 44 3.60 -11.06 -1.23
CA PRO A 44 3.14 -11.55 0.08
C PRO A 44 3.96 -12.73 0.62
N SER A 45 4.80 -13.28 -0.23
CA SER A 45 5.64 -14.37 0.14
C SER A 45 6.81 -13.82 0.95
N LYS A 46 7.29 -12.66 0.55
CA LYS A 46 8.42 -12.05 1.15
C LYS A 46 7.99 -11.08 2.24
N PHE A 47 6.73 -10.64 2.19
CA PHE A 47 6.19 -9.79 3.23
C PHE A 47 4.89 -10.38 3.80
N PRO A 48 4.96 -11.53 4.48
CA PRO A 48 3.79 -12.13 5.10
C PRO A 48 3.48 -11.43 6.42
N ASN A 49 4.53 -10.83 6.95
CA ASN A 49 4.56 -10.18 8.23
C ASN A 49 3.60 -9.01 8.35
N LYS A 50 3.31 -8.34 7.25
CA LYS A 50 2.40 -7.22 7.28
C LYS A 50 1.02 -7.61 6.71
N ASN A 51 0.83 -8.91 6.54
CA ASN A 51 -0.42 -9.53 6.08
C ASN A 51 -0.88 -8.97 4.73
N LEU A 52 -0.06 -9.14 3.72
CA LEU A 52 -0.41 -8.71 2.37
C LEU A 52 -1.37 -9.69 1.73
N LYS A 53 -2.64 -9.54 2.00
CA LYS A 53 -3.64 -10.41 1.43
C LYS A 53 -4.38 -9.71 0.34
N LYS A 54 -4.76 -10.51 -0.62
CA LYS A 54 -5.50 -10.11 -1.81
C LYS A 54 -5.13 -8.76 -2.35
N ASN A 55 -6.06 -7.87 -2.33
CA ASN A 55 -5.92 -6.54 -2.84
C ASN A 55 -6.49 -5.61 -1.81
N TYR A 56 -6.17 -5.96 -0.58
CA TYR A 56 -6.60 -5.26 0.61
C TYR A 56 -5.68 -4.10 0.88
N CYS A 57 -6.19 -3.01 1.42
CA CYS A 57 -5.36 -1.85 1.69
C CYS A 57 -4.47 -2.15 2.88
N ARG A 58 -3.21 -2.22 2.63
CA ARG A 58 -2.28 -2.60 3.65
C ARG A 58 -1.29 -1.48 3.84
N ASN A 59 -0.61 -1.50 4.95
CA ASN A 59 0.47 -0.55 5.18
C ASN A 59 1.65 -1.34 5.71
N PRO A 60 2.49 -1.85 4.82
CA PRO A 60 3.70 -2.55 5.21
C PRO A 60 4.91 -1.59 5.33
N ASP A 61 4.90 -0.61 4.47
CA ASP A 61 5.93 0.41 4.26
C ASP A 61 6.22 1.29 5.46
N ARG A 62 5.24 1.43 6.36
CA ARG A 62 5.23 2.48 7.39
C ARG A 62 5.05 3.80 6.67
N ASP A 63 4.12 3.78 5.74
CA ASP A 63 3.76 4.95 4.97
C ASP A 63 2.78 5.76 5.80
N LEU A 64 2.31 6.86 5.29
CA LEU A 64 1.47 7.79 6.04
C LEU A 64 0.11 7.19 6.38
N ARG A 65 -0.32 6.23 5.59
CA ARG A 65 -1.56 5.53 5.80
C ARG A 65 -1.55 4.33 4.87
N PRO A 66 -2.44 3.34 5.06
CA PRO A 66 -2.52 2.21 4.15
C PRO A 66 -2.89 2.64 2.77
N TRP A 67 -2.50 1.88 1.85
CA TRP A 67 -2.65 2.19 0.48
C TRP A 67 -2.82 0.89 -0.25
N CYS A 68 -2.92 0.95 -1.55
CA CYS A 68 -3.06 -0.23 -2.32
C CYS A 68 -2.68 0.09 -3.75
N PHE A 69 -2.24 -0.90 -4.51
CA PHE A 69 -1.93 -0.70 -5.89
C PHE A 69 -3.20 -0.63 -6.67
N THR A 70 -3.22 0.09 -7.71
CA THR A 70 -4.39 0.17 -8.51
C THR A 70 -4.29 -0.76 -9.69
N THR A 71 -5.39 -1.36 -10.04
CA THR A 71 -5.41 -2.19 -11.22
C THR A 71 -5.78 -1.31 -12.43
N ASP A 72 -5.98 -0.02 -12.16
CA ASP A 72 -6.25 0.95 -13.19
C ASP A 72 -4.93 1.27 -13.86
N PRO A 73 -4.86 1.27 -15.20
CA PRO A 73 -3.58 1.46 -15.92
C PRO A 73 -2.99 2.87 -15.82
N ASN A 74 -3.74 3.81 -15.30
CA ASN A 74 -3.25 5.16 -15.17
C ASN A 74 -2.50 5.31 -13.85
N LYS A 75 -3.08 4.76 -12.82
CA LYS A 75 -2.48 4.83 -11.50
C LYS A 75 -1.66 3.62 -11.18
N ARG A 76 -0.52 3.83 -10.62
CA ARG A 76 0.35 2.73 -10.20
C ARG A 76 -0.17 2.24 -8.87
N TRP A 77 -0.33 3.19 -7.99
CA TRP A 77 -0.89 2.98 -6.69
C TRP A 77 -1.62 4.22 -6.26
N GLU A 78 -2.38 4.06 -5.23
CA GLU A 78 -3.06 5.15 -4.58
C GLU A 78 -3.13 4.87 -3.11
N TYR A 79 -3.36 5.89 -2.35
CA TYR A 79 -3.58 5.76 -0.95
C TYR A 79 -4.96 5.22 -0.71
N CYS A 80 -5.16 4.66 0.42
CA CYS A 80 -6.44 4.18 0.79
C CYS A 80 -6.88 5.07 1.92
N ASP A 81 -8.10 5.46 1.95
CA ASP A 81 -8.50 6.38 2.99
C ASP A 81 -9.15 5.61 4.11
N ILE A 82 -8.31 5.19 5.00
CA ILE A 82 -8.73 4.47 6.16
C ILE A 82 -8.99 5.49 7.25
N PRO A 83 -10.20 5.48 7.83
CA PRO A 83 -10.56 6.34 8.97
C PRO A 83 -9.52 6.25 10.07
N ARG A 84 -9.12 7.37 10.60
CA ARG A 84 -8.11 7.40 11.60
C ARG A 84 -8.70 7.84 12.93
N CYS A 85 -8.33 7.13 13.96
CA CYS A 85 -8.74 7.45 15.28
C CYS A 85 -7.50 7.71 16.11
N ALA A 86 -7.61 8.58 17.11
CA ALA A 86 -6.49 8.86 17.99
C ALA A 86 -6.16 7.60 18.77
N ALA A 87 -7.20 6.99 19.31
CA ALA A 87 -7.16 5.73 20.01
C ALA A 87 -8.59 5.35 20.30
N GLY B 1 27.66 4.22 5.70
CA GLY B 1 27.20 3.27 6.70
C GLY B 1 26.38 2.18 6.06
N SER B 2 25.31 1.78 6.71
CA SER B 2 24.45 0.75 6.19
C SER B 2 23.37 1.38 5.34
N VAL B 3 23.03 0.76 4.23
CA VAL B 3 21.96 1.27 3.38
C VAL B 3 20.60 0.84 3.94
N GLU B 4 20.64 -0.17 4.81
CA GLU B 4 19.49 -0.72 5.51
C GLU B 4 18.48 -1.34 4.61
N LYS B 5 18.73 -2.56 4.32
CA LYS B 5 17.82 -3.39 3.55
C LYS B 5 17.97 -4.83 4.03
N LEU B 6 18.44 -4.97 5.28
CA LEU B 6 18.72 -6.26 5.89
C LEU B 6 17.51 -6.80 6.66
N THR B 7 16.39 -6.14 6.52
CA THR B 7 15.18 -6.53 7.17
C THR B 7 14.02 -6.15 6.25
N ALA B 8 12.90 -6.86 6.39
CA ALA B 8 11.73 -6.67 5.56
C ALA B 8 11.25 -5.24 5.59
N ASP B 9 11.17 -4.68 6.78
CA ASP B 9 10.74 -3.31 6.98
C ASP B 9 11.68 -2.32 6.29
N ALA B 10 12.96 -2.63 6.27
CA ALA B 10 13.94 -1.73 5.64
C ALA B 10 13.86 -1.85 4.11
N GLU B 11 13.53 -3.03 3.63
CA GLU B 11 13.34 -3.24 2.22
C GLU B 11 12.07 -2.50 1.80
N LEU B 12 11.05 -2.63 2.63
CA LEU B 12 9.79 -1.92 2.49
C LEU B 12 9.99 -0.42 2.49
N GLN B 13 10.95 0.04 3.26
CA GLN B 13 11.28 1.44 3.36
C GLN B 13 11.74 1.99 2.03
N ARG B 14 12.53 1.20 1.32
CA ARG B 14 13.03 1.63 0.05
C ARG B 14 11.91 1.54 -0.94
N LEU B 15 11.15 0.47 -0.87
CA LEU B 15 10.01 0.30 -1.77
C LEU B 15 9.01 1.46 -1.61
N LYS B 16 8.84 1.91 -0.36
CA LYS B 16 7.99 3.03 -0.05
C LYS B 16 8.47 4.26 -0.79
N ASN B 17 9.74 4.54 -0.59
CA ASN B 17 10.38 5.73 -1.14
C ASN B 17 10.53 5.62 -2.66
N GLU B 18 10.65 4.40 -3.11
CA GLU B 18 10.72 4.05 -4.54
C GLU B 18 9.42 4.45 -5.21
N ARG B 19 8.33 3.88 -4.71
CA ARG B 19 6.98 4.21 -5.17
C ARG B 19 6.73 5.69 -5.13
N HIS B 20 7.29 6.32 -4.12
CA HIS B 20 7.15 7.73 -3.95
C HIS B 20 7.83 8.48 -5.05
N GLU B 21 9.04 8.10 -5.38
CA GLU B 21 9.72 8.65 -6.51
C GLU B 21 8.97 8.39 -7.79
N GLU B 22 8.54 7.15 -7.98
CA GLU B 22 7.79 6.74 -9.18
C GLU B 22 6.51 7.55 -9.35
N ALA B 23 5.79 7.76 -8.27
CA ALA B 23 4.54 8.50 -8.32
C ALA B 23 4.79 9.97 -8.63
N GLU B 24 5.80 10.52 -8.03
CA GLU B 24 6.13 11.90 -8.20
C GLU B 24 6.76 12.16 -9.58
N LEU B 25 7.55 11.21 -10.02
CA LEU B 25 8.11 11.21 -11.36
C LEU B 25 6.99 11.09 -12.40
N GLU B 26 6.02 10.25 -12.10
CA GLU B 26 4.89 10.02 -12.99
C GLU B 26 4.07 11.31 -13.11
N ARG B 27 3.90 12.00 -12.00
CA ARG B 27 3.18 13.26 -11.97
C ARG B 27 4.00 14.36 -12.65
N LEU B 28 5.31 14.29 -12.52
CA LEU B 28 6.22 15.22 -13.19
C LEU B 28 6.08 15.05 -14.70
N LYS B 29 6.03 13.80 -15.13
CA LYS B 29 5.82 13.45 -16.53
C LYS B 29 4.40 13.87 -16.95
N SER B 30 3.50 13.87 -15.95
CA SER B 30 2.09 14.21 -16.08
C SER B 30 1.35 13.14 -16.90
N GLU B 31 1.88 11.91 -16.81
CA GLU B 31 1.35 10.75 -17.49
C GLU B 31 1.30 10.85 -19.01
N TYR B 32 0.89 9.79 -19.64
CA TYR B 32 0.81 9.73 -21.07
C TYR B 32 -0.20 8.64 -21.39
N TYR A 1 -23.11 -4.78 13.14
CA TYR A 1 -22.99 -5.82 12.14
C TYR A 1 -21.79 -5.53 11.30
N VAL A 2 -21.33 -6.51 10.57
CA VAL A 2 -20.23 -6.30 9.67
C VAL A 2 -20.73 -5.48 8.50
N GLU A 3 -20.31 -4.24 8.50
CA GLU A 3 -20.71 -3.25 7.55
C GLU A 3 -19.70 -2.14 7.68
N PHE A 4 -19.63 -1.62 8.86
CA PHE A 4 -18.65 -0.67 9.25
C PHE A 4 -18.17 -1.11 10.62
N SER A 5 -17.28 -2.07 10.59
CA SER A 5 -16.79 -2.69 11.78
C SER A 5 -15.63 -1.89 12.36
N GLU A 6 -14.66 -1.61 11.53
CA GLU A 6 -13.49 -0.89 11.95
C GLU A 6 -13.79 0.59 11.84
N GLU A 7 -14.12 1.17 12.98
CA GLU A 7 -14.61 2.55 13.08
C GLU A 7 -13.56 3.60 12.73
N CYS A 8 -12.31 3.26 12.88
CA CYS A 8 -11.24 4.16 12.58
C CYS A 8 -9.96 3.40 12.56
N MET A 9 -8.88 4.11 12.40
CA MET A 9 -7.59 3.50 12.35
C MET A 9 -6.92 3.45 13.66
N HIS A 10 -6.69 2.24 14.06
CA HIS A 10 -5.91 1.89 15.20
C HIS A 10 -4.45 1.94 14.81
N GLY A 11 -3.89 3.10 14.96
CA GLY A 11 -2.54 3.34 14.58
C GLY A 11 -2.49 3.96 13.19
N SER A 12 -1.37 3.84 12.55
CA SER A 12 -1.17 4.40 11.23
C SER A 12 -1.65 3.45 10.11
N GLY A 13 -2.13 2.28 10.50
CA GLY A 13 -2.65 1.33 9.53
C GLY A 13 -1.65 0.27 9.18
N GLU A 14 -0.51 0.34 9.81
CA GLU A 14 0.60 -0.59 9.62
C GLU A 14 0.27 -2.02 10.08
N ASN A 15 -0.72 -2.15 10.93
CA ASN A 15 -1.10 -3.48 11.43
C ASN A 15 -2.54 -3.80 11.00
N TYR A 16 -3.03 -3.07 10.01
CA TYR A 16 -4.39 -3.21 9.50
C TYR A 16 -4.55 -4.49 8.65
N ASP A 17 -5.49 -5.31 9.03
CA ASP A 17 -5.76 -6.60 8.37
C ASP A 17 -7.13 -6.59 7.70
N GLY A 18 -7.73 -5.42 7.60
CA GLY A 18 -9.09 -5.30 7.10
C GLY A 18 -9.26 -5.63 5.62
N LYS A 19 -10.51 -5.67 5.20
CA LYS A 19 -10.88 -6.15 3.87
C LYS A 19 -11.14 -5.04 2.86
N ILE A 20 -10.75 -3.81 3.14
CA ILE A 20 -10.98 -2.75 2.17
C ILE A 20 -10.06 -2.95 0.98
N SER A 21 -10.57 -2.75 -0.21
CA SER A 21 -9.82 -3.01 -1.40
C SER A 21 -9.97 -1.90 -2.43
N LYS A 22 -10.54 -0.79 -2.03
CA LYS A 22 -10.73 0.33 -2.92
C LYS A 22 -10.15 1.58 -2.30
N THR A 23 -9.50 2.37 -3.12
CA THR A 23 -8.62 3.42 -2.64
C THR A 23 -9.40 4.66 -2.20
N MET A 24 -8.69 5.72 -1.87
CA MET A 24 -9.32 6.96 -1.48
C MET A 24 -10.04 7.57 -2.68
N SER A 25 -9.56 7.25 -3.87
CA SER A 25 -10.15 7.66 -5.09
C SER A 25 -11.22 6.65 -5.54
N GLY A 26 -11.34 5.57 -4.76
CA GLY A 26 -12.31 4.53 -5.00
C GLY A 26 -11.92 3.62 -6.12
N LEU A 27 -10.66 3.57 -6.40
CA LEU A 27 -10.16 2.70 -7.40
C LEU A 27 -9.96 1.35 -6.82
N GLU A 28 -10.01 0.39 -7.64
CA GLU A 28 -9.91 -0.97 -7.20
C GLU A 28 -8.45 -1.33 -7.09
N CYS A 29 -8.08 -1.85 -5.96
CA CYS A 29 -6.71 -2.19 -5.69
C CYS A 29 -6.29 -3.46 -6.41
N GLN A 30 -5.02 -3.48 -6.73
CA GLN A 30 -4.34 -4.58 -7.33
C GLN A 30 -3.80 -5.45 -6.23
N ALA A 31 -4.04 -6.74 -6.34
CA ALA A 31 -3.56 -7.67 -5.37
C ALA A 31 -2.05 -7.62 -5.25
N TRP A 32 -1.58 -7.62 -4.01
CA TRP A 32 -0.16 -7.64 -3.68
C TRP A 32 0.42 -8.94 -4.20
N ASP A 33 -0.47 -9.91 -4.25
CA ASP A 33 -0.23 -11.29 -4.59
C ASP A 33 -0.21 -11.45 -6.13
N SER A 34 -0.47 -10.37 -6.82
CA SER A 34 -0.53 -10.34 -8.26
C SER A 34 0.50 -9.35 -8.80
N GLN A 35 1.27 -9.77 -9.77
CA GLN A 35 2.30 -8.93 -10.35
C GLN A 35 1.75 -8.18 -11.59
N SER A 36 0.45 -8.19 -11.71
CA SER A 36 -0.21 -7.62 -12.83
C SER A 36 -1.40 -6.84 -12.29
N PRO A 37 -1.60 -5.60 -12.76
CA PRO A 37 -0.85 -5.07 -13.92
C PRO A 37 0.51 -4.51 -13.52
N HIS A 38 0.58 -3.93 -12.34
CA HIS A 38 1.77 -3.23 -11.88
C HIS A 38 2.84 -4.13 -11.34
N ALA A 39 4.04 -3.92 -11.82
CA ALA A 39 5.20 -4.61 -11.35
C ALA A 39 5.57 -3.99 -10.04
N HIS A 40 5.83 -4.79 -9.05
CA HIS A 40 6.08 -4.27 -7.73
C HIS A 40 6.75 -5.33 -6.89
N GLY A 41 7.63 -4.93 -6.01
CA GLY A 41 8.36 -5.88 -5.20
C GLY A 41 7.71 -6.15 -3.87
N TYR A 42 6.42 -6.03 -3.78
CA TYR A 42 5.76 -6.31 -2.53
C TYR A 42 5.16 -7.66 -2.65
N ILE A 43 6.01 -8.65 -2.54
CA ILE A 43 5.59 -10.02 -2.61
C ILE A 43 5.13 -10.46 -1.21
N PRO A 44 3.90 -10.98 -1.09
CA PRO A 44 3.33 -11.40 0.21
C PRO A 44 4.14 -12.49 0.91
N SER A 45 4.80 -13.31 0.12
CA SER A 45 5.60 -14.38 0.64
C SER A 45 6.92 -13.85 1.22
N LYS A 46 7.39 -12.73 0.68
CA LYS A 46 8.57 -12.12 1.05
C LYS A 46 8.32 -11.26 2.31
N PHE A 47 7.06 -10.88 2.52
CA PHE A 47 6.65 -10.10 3.68
C PHE A 47 5.40 -10.74 4.33
N PRO A 48 5.57 -11.90 4.99
CA PRO A 48 4.43 -12.66 5.56
C PRO A 48 3.82 -11.95 6.78
N ASN A 49 4.69 -11.31 7.51
CA ASN A 49 4.37 -10.62 8.75
C ASN A 49 3.58 -9.34 8.56
N LYS A 50 3.23 -9.00 7.34
CA LYS A 50 2.48 -7.80 7.11
C LYS A 50 1.02 -8.07 6.75
N ASN A 51 0.69 -9.36 6.56
CA ASN A 51 -0.67 -9.81 6.13
C ASN A 51 -0.97 -9.12 4.80
N LEU A 52 0.03 -9.12 3.96
CA LEU A 52 0.00 -8.50 2.68
C LEU A 52 -0.79 -9.40 1.71
N LYS A 53 -2.07 -9.50 1.91
CA LYS A 53 -2.85 -10.44 1.16
C LYS A 53 -3.90 -9.77 0.32
N LYS A 54 -4.27 -10.49 -0.74
CA LYS A 54 -5.21 -10.07 -1.73
C LYS A 54 -4.92 -8.66 -2.19
N ASN A 55 -5.95 -7.90 -2.41
CA ASN A 55 -5.85 -6.53 -2.87
C ASN A 55 -6.36 -5.61 -1.77
N TYR A 56 -6.09 -5.99 -0.55
CA TYR A 56 -6.55 -5.27 0.59
C TYR A 56 -5.58 -4.18 0.96
N CYS A 57 -6.09 -3.00 1.32
CA CYS A 57 -5.22 -1.86 1.60
C CYS A 57 -4.36 -2.16 2.81
N ARG A 58 -3.09 -1.96 2.68
CA ARG A 58 -2.14 -2.26 3.71
C ARG A 58 -1.20 -1.10 3.87
N ASN A 59 -0.44 -1.12 4.92
CA ASN A 59 0.61 -0.15 5.17
C ASN A 59 1.78 -0.95 5.73
N PRO A 60 2.53 -1.64 4.87
CA PRO A 60 3.59 -2.53 5.30
C PRO A 60 4.94 -1.83 5.52
N ASP A 61 5.18 -0.88 4.68
CA ASP A 61 6.43 -0.17 4.57
C ASP A 61 6.46 1.11 5.35
N ARG A 62 5.32 1.50 5.87
CA ARG A 62 5.14 2.73 6.63
C ARG A 62 5.01 3.95 5.73
N ASP A 63 4.01 3.95 4.90
CA ASP A 63 3.68 5.13 4.11
C ASP A 63 2.89 6.06 5.06
N LEU A 64 2.39 7.16 4.59
CA LEU A 64 1.69 8.14 5.44
C LEU A 64 0.41 7.55 6.06
N ARG A 65 -0.26 6.73 5.28
CA ARG A 65 -1.45 6.02 5.68
C ARG A 65 -1.55 4.82 4.76
N PRO A 66 -2.37 3.78 5.07
CA PRO A 66 -2.52 2.61 4.20
C PRO A 66 -2.87 2.98 2.79
N TRP A 67 -2.38 2.20 1.92
CA TRP A 67 -2.44 2.45 0.54
C TRP A 67 -2.63 1.14 -0.16
N CYS A 68 -2.67 1.17 -1.45
CA CYS A 68 -2.83 -0.03 -2.20
C CYS A 68 -2.44 0.27 -3.65
N PHE A 69 -2.04 -0.74 -4.40
CA PHE A 69 -1.70 -0.54 -5.78
C PHE A 69 -2.95 -0.46 -6.60
N THR A 70 -2.92 0.27 -7.66
CA THR A 70 -4.08 0.41 -8.46
C THR A 70 -4.12 -0.57 -9.62
N THR A 71 -5.31 -0.99 -9.98
CA THR A 71 -5.52 -1.81 -11.15
C THR A 71 -5.51 -0.92 -12.39
N ASP A 72 -5.71 0.36 -12.13
CA ASP A 72 -5.78 1.38 -13.14
C ASP A 72 -4.39 1.60 -13.70
N PRO A 73 -4.24 1.64 -15.03
CA PRO A 73 -2.93 1.78 -15.65
C PRO A 73 -2.28 3.15 -15.44
N ASN A 74 -3.09 4.17 -15.23
CA ASN A 74 -2.59 5.51 -15.04
C ASN A 74 -2.02 5.66 -13.65
N LYS A 75 -2.76 5.19 -12.69
CA LYS A 75 -2.37 5.33 -11.31
C LYS A 75 -1.38 4.28 -10.94
N ARG A 76 -0.36 4.65 -10.23
CA ARG A 76 0.69 3.72 -9.84
C ARG A 76 0.20 2.99 -8.59
N TRP A 77 -0.16 3.77 -7.62
CA TRP A 77 -0.75 3.35 -6.39
C TRP A 77 -1.54 4.50 -5.88
N GLU A 78 -2.35 4.23 -4.93
CA GLU A 78 -3.18 5.25 -4.31
C GLU A 78 -3.30 4.98 -2.86
N TYR A 79 -3.55 6.02 -2.13
CA TYR A 79 -3.82 5.90 -0.75
C TYR A 79 -5.21 5.32 -0.57
N CYS A 80 -5.43 4.72 0.54
CA CYS A 80 -6.71 4.15 0.80
C CYS A 80 -7.36 5.06 1.84
N ASP A 81 -8.63 5.28 1.70
CA ASP A 81 -9.31 6.20 2.59
C ASP A 81 -10.06 5.47 3.64
N ILE A 82 -9.44 5.35 4.74
CA ILE A 82 -10.01 4.69 5.86
C ILE A 82 -10.04 5.70 7.00
N PRO A 83 -11.16 5.79 7.73
CA PRO A 83 -11.27 6.60 8.94
C PRO A 83 -10.06 6.47 9.87
N ARG A 84 -9.71 7.54 10.51
CA ARG A 84 -8.54 7.60 11.34
C ARG A 84 -8.87 7.98 12.76
N CYS A 85 -8.06 7.50 13.64
CA CYS A 85 -8.10 7.83 15.04
C CYS A 85 -6.71 8.20 15.50
N ALA A 86 -6.53 9.44 15.90
CA ALA A 86 -5.28 9.99 16.47
C ALA A 86 -4.12 10.11 15.48
N ALA A 87 -3.89 9.08 14.71
CA ALA A 87 -2.81 9.04 13.76
C ALA A 87 -3.13 9.90 12.55
N GLY B 1 21.42 -16.60 -1.59
CA GLY B 1 21.70 -15.58 -0.59
C GLY B 1 20.52 -14.67 -0.42
N SER B 2 20.71 -13.63 0.36
CA SER B 2 19.64 -12.72 0.68
C SER B 2 19.58 -11.59 -0.35
N VAL B 3 18.66 -11.67 -1.26
CA VAL B 3 18.48 -10.64 -2.24
C VAL B 3 17.38 -9.74 -1.72
N GLU B 4 17.76 -9.01 -0.72
CA GLU B 4 16.92 -8.15 0.01
C GLU B 4 17.74 -6.88 0.16
N LYS B 5 17.73 -6.31 1.30
CA LYS B 5 18.48 -5.12 1.57
C LYS B 5 18.64 -5.02 3.07
N LEU B 6 19.44 -5.94 3.60
CA LEU B 6 19.74 -6.08 5.04
C LEU B 6 18.56 -6.64 5.83
N THR B 7 17.38 -6.13 5.58
CA THR B 7 16.18 -6.58 6.20
C THR B 7 15.01 -6.37 5.25
N ALA B 8 13.97 -7.19 5.37
CA ALA B 8 12.78 -7.08 4.54
C ALA B 8 12.09 -5.73 4.73
N ASP B 9 11.98 -5.30 5.97
CA ASP B 9 11.38 -4.01 6.32
C ASP B 9 12.21 -2.85 5.80
N ALA B 10 13.51 -3.07 5.68
CA ALA B 10 14.41 -2.07 5.13
C ALA B 10 14.24 -2.00 3.62
N GLU B 11 14.04 -3.18 3.03
CA GLU B 11 13.74 -3.33 1.61
C GLU B 11 12.43 -2.61 1.33
N LEU B 12 11.45 -2.83 2.21
CA LEU B 12 10.15 -2.17 2.19
C LEU B 12 10.32 -0.66 2.14
N GLN B 13 11.18 -0.13 2.98
CA GLN B 13 11.47 1.32 3.04
C GLN B 13 11.98 1.83 1.70
N ARG B 14 12.82 1.05 1.06
CA ARG B 14 13.41 1.46 -0.18
C ARG B 14 12.37 1.35 -1.29
N LEU B 15 11.61 0.29 -1.29
CA LEU B 15 10.53 0.12 -2.27
C LEU B 15 9.48 1.22 -2.08
N LYS B 16 9.28 1.60 -0.84
CA LYS B 16 8.37 2.64 -0.46
C LYS B 16 8.80 3.95 -1.05
N ASN B 17 10.06 4.26 -0.86
CA ASN B 17 10.63 5.49 -1.33
C ASN B 17 10.69 5.49 -2.83
N GLU B 18 10.85 4.29 -3.39
CA GLU B 18 10.79 4.11 -4.82
C GLU B 18 9.41 4.49 -5.31
N ARG B 19 8.38 3.91 -4.69
CA ARG B 19 6.97 4.22 -5.06
C ARG B 19 6.68 5.67 -4.96
N HIS B 20 7.26 6.29 -3.97
CA HIS B 20 7.08 7.71 -3.74
C HIS B 20 7.69 8.50 -4.88
N GLU B 21 8.77 8.00 -5.42
CA GLU B 21 9.37 8.55 -6.61
C GLU B 21 8.51 8.21 -7.82
N GLU B 22 8.15 6.94 -7.95
CA GLU B 22 7.31 6.41 -9.05
C GLU B 22 6.04 7.21 -9.22
N ALA B 23 5.36 7.50 -8.12
CA ALA B 23 4.10 8.24 -8.16
C ALA B 23 4.33 9.67 -8.56
N GLU B 24 5.42 10.22 -8.10
CA GLU B 24 5.79 11.54 -8.35
C GLU B 24 6.20 11.68 -9.83
N LEU B 25 6.91 10.69 -10.31
CA LEU B 25 7.33 10.57 -11.68
C LEU B 25 6.14 10.45 -12.62
N GLU B 26 5.20 9.59 -12.25
CA GLU B 26 3.99 9.36 -13.03
C GLU B 26 3.14 10.67 -13.04
N ARG B 27 3.17 11.36 -11.90
CA ARG B 27 2.47 12.62 -11.71
C ARG B 27 3.06 13.71 -12.60
N LEU B 28 4.38 13.78 -12.62
CA LEU B 28 5.11 14.74 -13.44
C LEU B 28 4.89 14.45 -14.92
N LYS B 29 4.75 13.18 -15.22
CA LYS B 29 4.51 12.72 -16.56
C LYS B 29 3.10 13.14 -17.03
N SER B 30 2.17 13.14 -16.10
CA SER B 30 0.82 13.47 -16.42
C SER B 30 0.53 14.96 -16.32
N GLU B 31 0.43 15.49 -15.12
CA GLU B 31 0.08 16.88 -14.94
C GLU B 31 0.99 17.61 -13.98
N TYR B 32 1.95 18.29 -14.56
CA TYR B 32 2.82 19.18 -13.85
C TYR B 32 3.60 19.96 -14.89
N TYR A 1 -23.15 -11.62 18.11
CA TYR A 1 -21.70 -11.66 18.10
C TYR A 1 -21.16 -10.66 17.11
N VAL A 2 -20.41 -9.71 17.61
CA VAL A 2 -19.81 -8.69 16.79
C VAL A 2 -18.29 -8.88 16.77
N GLU A 3 -17.71 -8.83 15.59
CA GLU A 3 -16.28 -8.93 15.40
C GLU A 3 -15.70 -7.53 15.38
N PHE A 4 -14.41 -7.43 15.12
CA PHE A 4 -13.79 -6.14 14.95
C PHE A 4 -14.30 -5.59 13.65
N SER A 5 -15.22 -4.66 13.79
CA SER A 5 -16.04 -4.15 12.73
C SER A 5 -15.32 -3.27 11.71
N GLU A 6 -13.97 -3.25 11.72
CA GLU A 6 -13.17 -2.51 10.75
C GLU A 6 -13.52 -1.03 10.93
N GLU A 7 -13.63 -0.67 12.21
CA GLU A 7 -14.09 0.65 12.69
C GLU A 7 -13.27 1.74 12.07
N CYS A 8 -12.00 1.51 12.06
CA CYS A 8 -11.03 2.45 11.64
C CYS A 8 -9.78 1.72 11.35
N MET A 9 -8.81 2.41 10.88
CA MET A 9 -7.56 1.83 10.69
C MET A 9 -6.72 2.08 11.91
N HIS A 10 -5.95 1.09 12.22
CA HIS A 10 -5.19 1.02 13.45
C HIS A 10 -3.98 1.95 13.40
N GLY A 11 -4.20 3.20 13.81
CA GLY A 11 -3.14 4.20 13.92
C GLY A 11 -2.51 4.53 12.59
N SER A 12 -1.39 3.91 12.32
CA SER A 12 -0.68 4.07 11.09
C SER A 12 -1.35 3.25 9.99
N GLY A 13 -2.00 2.18 10.40
CA GLY A 13 -2.67 1.32 9.47
C GLY A 13 -1.87 0.10 9.13
N GLU A 14 -0.73 -0.05 9.77
CA GLU A 14 0.16 -1.20 9.56
C GLU A 14 -0.54 -2.48 10.02
N ASN A 15 -1.39 -2.32 11.00
CA ASN A 15 -2.10 -3.42 11.61
C ASN A 15 -3.55 -3.47 11.08
N TYR A 16 -3.83 -2.74 10.01
CA TYR A 16 -5.15 -2.75 9.42
C TYR A 16 -5.31 -4.01 8.59
N ASP A 17 -6.11 -4.94 9.06
CA ASP A 17 -6.30 -6.20 8.36
C ASP A 17 -7.71 -6.24 7.78
N GLY A 18 -8.30 -5.07 7.65
CA GLY A 18 -9.65 -4.93 7.13
C GLY A 18 -9.76 -5.27 5.65
N LYS A 19 -10.96 -5.31 5.15
CA LYS A 19 -11.23 -5.75 3.81
C LYS A 19 -11.37 -4.63 2.80
N ILE A 20 -11.06 -3.39 3.19
CA ILE A 20 -11.10 -2.30 2.23
C ILE A 20 -10.12 -2.55 1.12
N SER A 21 -10.65 -2.55 -0.06
CA SER A 21 -9.92 -2.93 -1.22
C SER A 21 -10.03 -1.88 -2.32
N LYS A 22 -10.68 -0.80 -2.02
CA LYS A 22 -10.81 0.25 -2.98
C LYS A 22 -10.10 1.49 -2.49
N THR A 23 -9.63 2.29 -3.40
CA THR A 23 -8.78 3.39 -3.03
C THR A 23 -9.61 4.64 -2.76
N MET A 24 -8.96 5.77 -2.48
CA MET A 24 -9.65 7.03 -2.26
C MET A 24 -10.35 7.50 -3.55
N SER A 25 -9.91 6.98 -4.66
CA SER A 25 -10.48 7.23 -5.93
C SER A 25 -11.51 6.15 -6.29
N GLY A 26 -11.68 5.19 -5.38
CA GLY A 26 -12.62 4.11 -5.55
C GLY A 26 -12.18 3.12 -6.59
N LEU A 27 -10.91 3.07 -6.83
CA LEU A 27 -10.36 2.14 -7.76
C LEU A 27 -10.19 0.82 -7.09
N GLU A 28 -10.10 -0.19 -7.87
CA GLU A 28 -9.94 -1.52 -7.35
C GLU A 28 -8.48 -1.75 -7.11
N CYS A 29 -8.13 -2.10 -5.90
CA CYS A 29 -6.77 -2.41 -5.61
C CYS A 29 -6.37 -3.69 -6.26
N GLN A 30 -5.14 -3.75 -6.60
CA GLN A 30 -4.56 -4.87 -7.24
C GLN A 30 -4.05 -5.83 -6.17
N ALA A 31 -4.27 -7.11 -6.39
CA ALA A 31 -3.84 -8.13 -5.46
C ALA A 31 -2.34 -8.08 -5.26
N TRP A 32 -1.92 -7.98 -4.00
CA TRP A 32 -0.52 -7.92 -3.63
C TRP A 32 0.26 -9.11 -4.19
N ASP A 33 -0.41 -10.23 -4.31
CA ASP A 33 0.22 -11.49 -4.72
C ASP A 33 0.30 -11.64 -6.23
N SER A 34 -0.32 -10.74 -6.95
CA SER A 34 -0.36 -10.87 -8.37
C SER A 34 0.30 -9.67 -9.03
N GLN A 35 1.24 -9.91 -9.93
CA GLN A 35 1.86 -8.82 -10.69
C GLN A 35 1.14 -8.63 -12.01
N SER A 36 -0.04 -9.13 -12.07
CA SER A 36 -0.87 -8.99 -13.19
C SER A 36 -1.92 -7.97 -12.82
N PRO A 37 -2.33 -7.14 -13.76
CA PRO A 37 -1.58 -6.88 -15.05
C PRO A 37 -0.47 -5.84 -14.84
N HIS A 38 -0.57 -5.21 -13.72
CA HIS A 38 0.29 -4.10 -13.34
C HIS A 38 1.43 -4.58 -12.40
N ALA A 39 2.63 -4.04 -12.56
CA ALA A 39 3.79 -4.55 -11.86
C ALA A 39 3.97 -3.89 -10.50
N HIS A 40 4.66 -4.59 -9.59
CA HIS A 40 4.95 -4.08 -8.25
C HIS A 40 5.82 -5.12 -7.53
N GLY A 41 6.84 -4.70 -6.84
CA GLY A 41 7.71 -5.64 -6.17
C GLY A 41 7.29 -5.95 -4.75
N TYR A 42 6.01 -5.90 -4.46
CA TYR A 42 5.58 -6.21 -3.11
C TYR A 42 5.02 -7.58 -3.08
N ILE A 43 5.91 -8.53 -3.03
CA ILE A 43 5.53 -9.93 -2.89
C ILE A 43 5.11 -10.20 -1.42
N PRO A 44 3.88 -10.72 -1.18
CA PRO A 44 3.36 -10.97 0.19
C PRO A 44 4.15 -12.02 0.95
N SER A 45 4.81 -12.87 0.22
CA SER A 45 5.53 -13.97 0.79
C SER A 45 6.83 -13.49 1.42
N LYS A 46 7.31 -12.33 1.02
CA LYS A 46 8.53 -11.83 1.53
C LYS A 46 8.30 -10.74 2.57
N PHE A 47 7.08 -10.23 2.62
CA PHE A 47 6.72 -9.23 3.63
C PHE A 47 5.53 -9.75 4.45
N PRO A 48 5.79 -10.65 5.42
CA PRO A 48 4.73 -11.33 6.17
C PRO A 48 4.01 -10.47 7.22
N ASN A 49 4.78 -9.73 7.99
CA ASN A 49 4.23 -8.93 9.08
C ASN A 49 3.57 -7.66 8.58
N LYS A 50 3.62 -7.45 7.29
CA LYS A 50 3.05 -6.29 6.71
C LYS A 50 1.62 -6.57 6.24
N ASN A 51 1.19 -7.83 6.43
CA ASN A 51 -0.17 -8.31 6.14
C ASN A 51 -0.63 -8.07 4.71
N LEU A 52 0.24 -8.33 3.75
CA LEU A 52 -0.12 -8.20 2.34
C LEU A 52 -1.10 -9.30 1.95
N LYS A 53 -2.37 -8.98 2.02
CA LYS A 53 -3.37 -9.96 1.79
C LYS A 53 -4.36 -9.48 0.79
N LYS A 54 -4.79 -10.42 -0.02
CA LYS A 54 -5.73 -10.21 -1.11
C LYS A 54 -5.32 -9.00 -1.94
N ASN A 55 -6.19 -8.04 -1.99
CA ASN A 55 -6.02 -6.79 -2.66
C ASN A 55 -6.56 -5.75 -1.72
N TYR A 56 -6.33 -6.02 -0.45
CA TYR A 56 -6.78 -5.18 0.62
C TYR A 56 -5.76 -4.11 0.94
N CYS A 57 -6.23 -2.92 1.23
CA CYS A 57 -5.38 -1.79 1.52
C CYS A 57 -4.57 -2.05 2.77
N ARG A 58 -3.28 -1.88 2.64
CA ARG A 58 -2.37 -2.18 3.70
C ARG A 58 -1.37 -1.05 3.85
N ASN A 59 -0.58 -1.12 4.89
CA ASN A 59 0.50 -0.18 5.12
C ASN A 59 1.74 -0.99 5.47
N PRO A 60 2.46 -1.46 4.45
CA PRO A 60 3.66 -2.27 4.65
C PRO A 60 4.94 -1.46 4.70
N ASP A 61 4.92 -0.40 3.98
CA ASP A 61 6.05 0.46 3.74
C ASP A 61 6.25 1.46 4.84
N ARG A 62 5.18 1.84 5.46
CA ARG A 62 5.14 2.85 6.48
C ARG A 62 5.20 4.24 5.93
N ASP A 63 4.20 4.53 5.12
CA ASP A 63 3.90 5.89 4.74
C ASP A 63 2.99 6.45 5.86
N LEU A 64 2.25 7.49 5.61
CA LEU A 64 1.43 8.09 6.63
C LEU A 64 0.14 7.32 6.79
N ARG A 65 -0.41 6.87 5.68
CA ARG A 65 -1.71 6.24 5.67
C ARG A 65 -1.72 5.09 4.67
N PRO A 66 -2.42 3.97 4.99
CA PRO A 66 -2.58 2.82 4.08
C PRO A 66 -2.99 3.22 2.67
N TRP A 67 -2.68 2.36 1.76
CA TRP A 67 -2.79 2.60 0.38
C TRP A 67 -2.88 1.26 -0.28
N CYS A 68 -2.98 1.23 -1.56
CA CYS A 68 -3.03 0.00 -2.26
C CYS A 68 -2.60 0.22 -3.69
N PHE A 69 -2.19 -0.84 -4.36
CA PHE A 69 -1.80 -0.74 -5.74
C PHE A 69 -3.01 -0.70 -6.61
N THR A 70 -2.91 -0.04 -7.69
CA THR A 70 -3.99 0.07 -8.59
C THR A 70 -3.98 -1.02 -9.65
N THR A 71 -5.17 -1.46 -10.02
CA THR A 71 -5.34 -2.37 -11.13
C THR A 71 -5.14 -1.63 -12.47
N ASP A 72 -5.13 -0.30 -12.39
CA ASP A 72 -4.94 0.54 -13.53
C ASP A 72 -3.44 0.60 -13.83
N PRO A 73 -3.03 0.52 -15.11
CA PRO A 73 -1.61 0.51 -15.48
C PRO A 73 -0.95 1.87 -15.34
N ASN A 74 -1.74 2.90 -15.53
CA ASN A 74 -1.28 4.28 -15.49
C ASN A 74 -1.06 4.72 -14.08
N LYS A 75 -1.94 4.31 -13.19
CA LYS A 75 -1.82 4.64 -11.81
C LYS A 75 -0.86 3.65 -11.19
N ARG A 76 0.06 4.10 -10.39
CA ARG A 76 0.97 3.16 -9.76
C ARG A 76 0.34 2.64 -8.49
N TRP A 77 -0.12 3.54 -7.70
CA TRP A 77 -0.74 3.24 -6.46
C TRP A 77 -1.64 4.39 -6.10
N GLU A 78 -2.44 4.17 -5.12
CA GLU A 78 -3.37 5.15 -4.62
C GLU A 78 -3.53 5.01 -3.16
N TYR A 79 -3.75 6.11 -2.48
CA TYR A 79 -4.05 6.09 -1.08
C TYR A 79 -5.40 5.49 -0.85
N CYS A 80 -5.53 4.88 0.26
CA CYS A 80 -6.78 4.35 0.67
C CYS A 80 -7.28 5.22 1.80
N ASP A 81 -8.48 5.74 1.69
CA ASP A 81 -8.98 6.64 2.68
C ASP A 81 -9.88 5.90 3.60
N ILE A 82 -9.28 5.34 4.57
CA ILE A 82 -9.93 4.54 5.53
C ILE A 82 -10.14 5.36 6.77
N PRO A 83 -11.31 5.24 7.42
CA PRO A 83 -11.58 5.81 8.75
C PRO A 83 -10.36 5.70 9.66
N ARG A 84 -10.00 6.75 10.29
CA ARG A 84 -8.80 6.77 11.08
C ARG A 84 -9.10 6.69 12.55
N CYS A 85 -8.22 6.06 13.23
CA CYS A 85 -8.23 6.00 14.66
C CYS A 85 -6.97 6.62 15.19
N ALA A 86 -7.12 7.41 16.23
CA ALA A 86 -5.99 8.05 16.88
C ALA A 86 -5.65 7.26 18.16
N ALA A 87 -6.04 6.02 18.14
CA ALA A 87 -5.83 5.10 19.24
C ALA A 87 -4.73 4.15 18.85
N GLY B 1 18.43 -17.93 0.10
CA GLY B 1 19.28 -16.87 -0.42
C GLY B 1 18.61 -15.53 -0.27
N SER B 2 19.39 -14.49 -0.28
CA SER B 2 18.91 -13.16 -0.13
C SER B 2 19.18 -12.36 -1.39
N VAL B 3 18.16 -11.76 -1.94
CA VAL B 3 18.29 -11.03 -3.20
C VAL B 3 17.93 -9.57 -3.03
N GLU B 4 17.82 -9.16 -1.79
CA GLU B 4 17.45 -7.80 -1.43
C GLU B 4 18.58 -6.82 -1.67
N LYS B 5 19.36 -6.59 -0.60
CA LYS B 5 20.43 -5.61 -0.55
C LYS B 5 20.89 -5.48 0.90
N LEU B 6 19.92 -5.65 1.81
CA LEU B 6 20.18 -5.69 3.26
C LEU B 6 19.30 -6.76 3.88
N THR B 7 17.99 -6.54 3.81
CA THR B 7 17.02 -7.48 4.32
C THR B 7 15.67 -7.14 3.68
N ALA B 8 14.63 -7.89 4.00
CA ALA B 8 13.30 -7.69 3.42
C ALA B 8 12.72 -6.32 3.76
N ASP B 9 12.82 -5.93 5.00
CA ASP B 9 12.27 -4.63 5.45
C ASP B 9 13.02 -3.48 4.78
N ALA B 10 14.30 -3.69 4.56
CA ALA B 10 15.14 -2.72 3.86
C ALA B 10 14.70 -2.58 2.40
N GLU B 11 14.34 -3.70 1.80
CA GLU B 11 13.87 -3.74 0.45
C GLU B 11 12.58 -2.94 0.32
N LEU B 12 11.65 -3.20 1.23
CA LEU B 12 10.35 -2.56 1.20
C LEU B 12 10.47 -1.07 1.46
N GLN B 13 11.50 -0.71 2.18
CA GLN B 13 11.85 0.68 2.44
C GLN B 13 12.21 1.38 1.13
N ARG B 14 13.07 0.73 0.37
CA ARG B 14 13.48 1.22 -0.92
C ARG B 14 12.35 1.17 -1.92
N LEU B 15 11.53 0.15 -1.83
CA LEU B 15 10.34 0.04 -2.66
C LEU B 15 9.34 1.16 -2.33
N LYS B 16 9.32 1.57 -1.06
CA LYS B 16 8.49 2.68 -0.63
C LYS B 16 8.99 3.90 -1.33
N ASN B 17 10.26 4.13 -1.16
CA ASN B 17 11.00 5.22 -1.76
C ASN B 17 10.80 5.23 -3.27
N GLU B 18 10.90 4.06 -3.88
CA GLU B 18 10.69 3.86 -5.33
C GLU B 18 9.33 4.38 -5.74
N ARG B 19 8.32 3.84 -5.14
CA ARG B 19 6.95 4.25 -5.43
C ARG B 19 6.72 5.71 -5.11
N HIS B 20 7.42 6.21 -4.13
CA HIS B 20 7.34 7.60 -3.75
C HIS B 20 7.97 8.46 -4.83
N GLU B 21 9.05 7.96 -5.40
CA GLU B 21 9.69 8.58 -6.55
C GLU B 21 8.70 8.58 -7.70
N GLU B 22 8.23 7.39 -8.05
CA GLU B 22 7.27 7.18 -9.17
C GLU B 22 6.06 8.10 -9.04
N ALA B 23 5.58 8.26 -7.83
CA ALA B 23 4.45 9.14 -7.53
C ALA B 23 4.80 10.60 -7.81
N GLU B 24 5.95 11.02 -7.33
CA GLU B 24 6.39 12.38 -7.51
C GLU B 24 6.79 12.66 -8.95
N LEU B 25 7.30 11.65 -9.59
CA LEU B 25 7.57 11.66 -11.01
C LEU B 25 6.26 11.76 -11.79
N GLU B 26 5.21 11.16 -11.25
CA GLU B 26 3.90 11.23 -11.85
C GLU B 26 3.30 12.60 -11.64
N ARG B 27 3.62 13.22 -10.52
CA ARG B 27 3.18 14.58 -10.28
C ARG B 27 3.84 15.49 -11.34
N LEU B 28 5.06 15.13 -11.69
CA LEU B 28 5.81 15.84 -12.71
C LEU B 28 5.22 15.56 -14.10
N LYS B 29 4.87 14.30 -14.37
CA LYS B 29 4.27 13.93 -15.64
C LYS B 29 2.89 14.56 -15.76
N SER B 30 2.12 14.45 -14.69
CA SER B 30 0.74 14.93 -14.57
C SER B 30 -0.15 14.17 -15.55
N GLU B 31 0.28 12.93 -15.88
CA GLU B 31 -0.37 12.08 -16.88
C GLU B 31 -0.31 12.70 -18.28
N TYR B 32 -1.09 13.73 -18.48
CA TYR B 32 -1.17 14.42 -19.70
C TYR B 32 -0.81 15.87 -19.45
N TYR A 1 -18.48 -7.50 21.11
CA TYR A 1 -17.66 -8.04 20.02
C TYR A 1 -17.44 -6.99 18.93
N VAL A 2 -18.52 -6.45 18.37
CA VAL A 2 -18.44 -5.45 17.31
C VAL A 2 -19.73 -4.58 17.36
N GLU A 3 -20.34 -4.54 18.52
CA GLU A 3 -21.59 -3.83 18.74
C GLU A 3 -21.36 -2.33 18.83
N PHE A 4 -20.18 -1.96 19.26
CA PHE A 4 -19.80 -0.58 19.33
C PHE A 4 -19.32 -0.12 17.98
N SER A 5 -19.41 1.16 17.72
CA SER A 5 -19.00 1.73 16.49
C SER A 5 -17.49 1.96 16.50
N GLU A 6 -16.81 0.87 16.37
CA GLU A 6 -15.36 0.82 16.33
C GLU A 6 -14.90 0.79 14.89
N GLU A 7 -15.59 1.50 14.04
CA GLU A 7 -15.27 1.53 12.65
C GLU A 7 -14.22 2.59 12.40
N CYS A 8 -13.04 2.25 12.78
CA CYS A 8 -11.88 3.02 12.52
C CYS A 8 -10.68 2.17 12.70
N MET A 9 -9.62 2.61 12.15
CA MET A 9 -8.36 1.90 12.23
C MET A 9 -7.51 2.48 13.35
N HIS A 10 -6.65 1.62 13.90
CA HIS A 10 -5.79 1.90 15.07
C HIS A 10 -4.89 3.13 14.92
N GLY A 11 -4.41 3.38 13.74
CA GLY A 11 -3.57 4.52 13.55
C GLY A 11 -2.46 4.28 12.58
N SER A 12 -1.81 3.16 12.73
CA SER A 12 -0.68 2.83 11.90
C SER A 12 -1.05 2.42 10.48
N GLY A 13 -2.07 1.60 10.33
CA GLY A 13 -2.38 1.09 9.02
C GLY A 13 -1.70 -0.22 8.76
N GLU A 14 -0.61 -0.41 9.46
CA GLU A 14 0.14 -1.64 9.43
C GLU A 14 -0.70 -2.72 10.05
N ASN A 15 -1.38 -2.33 11.11
CA ASN A 15 -2.22 -3.21 11.89
C ASN A 15 -3.60 -3.36 11.25
N TYR A 16 -3.76 -2.81 10.07
CA TYR A 16 -5.02 -2.87 9.39
C TYR A 16 -5.13 -4.14 8.59
N ASP A 17 -6.05 -4.98 8.96
CA ASP A 17 -6.34 -6.17 8.22
C ASP A 17 -7.83 -6.21 7.97
N GLY A 18 -8.24 -5.32 7.12
CA GLY A 18 -9.62 -5.18 6.78
C GLY A 18 -9.88 -5.62 5.39
N LYS A 19 -11.14 -5.60 4.99
CA LYS A 19 -11.49 -6.06 3.65
C LYS A 19 -11.57 -4.89 2.65
N ILE A 20 -11.09 -3.72 3.03
CA ILE A 20 -11.08 -2.62 2.10
C ILE A 20 -10.09 -2.84 0.99
N SER A 21 -10.66 -3.00 -0.15
CA SER A 21 -9.97 -3.34 -1.35
C SER A 21 -10.08 -2.24 -2.38
N LYS A 22 -10.64 -1.12 -1.99
CA LYS A 22 -10.81 -0.01 -2.91
C LYS A 22 -10.06 1.19 -2.39
N THR A 23 -9.53 2.01 -3.28
CA THR A 23 -8.64 3.08 -2.89
C THR A 23 -9.43 4.29 -2.42
N MET A 24 -8.76 5.40 -2.11
CA MET A 24 -9.45 6.58 -1.73
C MET A 24 -10.17 7.19 -2.93
N SER A 25 -9.71 6.85 -4.12
CA SER A 25 -10.37 7.24 -5.33
C SER A 25 -11.45 6.20 -5.69
N GLY A 26 -11.58 5.16 -4.85
CA GLY A 26 -12.56 4.12 -5.04
C GLY A 26 -12.24 3.21 -6.18
N LEU A 27 -10.97 3.15 -6.51
CA LEU A 27 -10.51 2.30 -7.54
C LEU A 27 -10.27 0.94 -6.96
N GLU A 28 -10.22 -0.03 -7.78
CA GLU A 28 -10.06 -1.38 -7.33
C GLU A 28 -8.58 -1.64 -7.11
N CYS A 29 -8.23 -2.15 -5.97
CA CYS A 29 -6.85 -2.45 -5.72
C CYS A 29 -6.43 -3.74 -6.39
N GLN A 30 -5.18 -3.77 -6.73
CA GLN A 30 -4.53 -4.89 -7.33
C GLN A 30 -3.90 -5.72 -6.21
N ALA A 31 -4.19 -7.00 -6.21
CA ALA A 31 -3.71 -7.91 -5.18
C ALA A 31 -2.20 -7.91 -5.09
N TRP A 32 -1.72 -7.87 -3.86
CA TRP A 32 -0.30 -7.85 -3.55
C TRP A 32 0.41 -9.06 -4.15
N ASP A 33 -0.33 -10.16 -4.24
CA ASP A 33 0.18 -11.44 -4.74
C ASP A 33 0.14 -11.48 -6.28
N SER A 34 -0.44 -10.47 -6.87
CA SER A 34 -0.58 -10.40 -8.29
C SER A 34 0.22 -9.20 -8.82
N GLN A 35 1.24 -9.47 -9.59
CA GLN A 35 2.10 -8.42 -10.11
C GLN A 35 1.71 -8.03 -11.52
N SER A 36 0.47 -8.26 -11.83
CA SER A 36 -0.09 -7.94 -13.09
C SER A 36 -1.36 -7.14 -12.82
N PRO A 37 -1.48 -5.94 -13.39
CA PRO A 37 -0.60 -5.48 -14.48
C PRO A 37 0.63 -4.75 -13.94
N HIS A 38 0.48 -4.14 -12.80
CA HIS A 38 1.51 -3.31 -12.24
C HIS A 38 2.57 -4.07 -11.47
N ALA A 39 3.76 -3.96 -11.98
CA ALA A 39 4.95 -4.56 -11.44
C ALA A 39 5.24 -3.97 -10.08
N HIS A 40 5.64 -4.81 -9.16
CA HIS A 40 5.91 -4.35 -7.81
C HIS A 40 6.65 -5.43 -7.06
N GLY A 41 7.50 -5.04 -6.17
CA GLY A 41 8.26 -6.01 -5.43
C GLY A 41 7.61 -6.38 -4.13
N TYR A 42 6.33 -6.62 -4.14
CA TYR A 42 5.69 -7.04 -2.93
C TYR A 42 5.36 -8.44 -3.02
N ILE A 43 6.32 -9.21 -2.69
CA ILE A 43 6.15 -10.61 -2.58
C ILE A 43 5.54 -10.83 -1.19
N PRO A 44 4.38 -11.47 -1.08
CA PRO A 44 3.65 -11.60 0.19
C PRO A 44 4.31 -12.54 1.20
N SER A 45 5.27 -13.30 0.75
CA SER A 45 5.93 -14.25 1.58
C SER A 45 7.07 -13.60 2.38
N LYS A 46 7.63 -12.51 1.84
CA LYS A 46 8.74 -11.87 2.47
C LYS A 46 8.28 -10.83 3.49
N PHE A 47 7.02 -10.49 3.43
CA PHE A 47 6.44 -9.57 4.41
C PHE A 47 5.25 -10.24 5.10
N PRO A 48 5.51 -11.15 6.04
CA PRO A 48 4.46 -11.96 6.68
C PRO A 48 3.67 -11.18 7.75
N ASN A 49 4.40 -10.45 8.56
CA ASN A 49 3.89 -9.73 9.71
C ASN A 49 3.02 -8.52 9.32
N LYS A 50 2.89 -8.23 8.05
CA LYS A 50 2.05 -7.14 7.61
C LYS A 50 0.71 -7.68 7.11
N ASN A 51 0.65 -9.01 7.01
CA ASN A 51 -0.48 -9.76 6.42
C ASN A 51 -0.79 -9.22 5.06
N LEU A 52 0.17 -9.32 4.20
CA LEU A 52 0.06 -8.77 2.88
C LEU A 52 -0.81 -9.70 2.02
N LYS A 53 -2.12 -9.58 2.17
CA LYS A 53 -3.03 -10.48 1.49
C LYS A 53 -4.01 -9.77 0.60
N LYS A 54 -4.44 -10.51 -0.42
CA LYS A 54 -5.36 -10.06 -1.45
C LYS A 54 -5.05 -8.65 -1.95
N ASN A 55 -6.07 -7.90 -2.23
CA ASN A 55 -5.97 -6.55 -2.73
C ASN A 55 -6.44 -5.59 -1.65
N TYR A 56 -6.19 -5.94 -0.42
CA TYR A 56 -6.62 -5.14 0.68
C TYR A 56 -5.57 -4.11 1.04
N CYS A 57 -6.01 -2.87 1.23
CA CYS A 57 -5.12 -1.74 1.50
C CYS A 57 -4.32 -1.98 2.75
N ARG A 58 -3.04 -1.89 2.64
CA ARG A 58 -2.18 -2.14 3.76
C ARG A 58 -1.17 -1.01 3.88
N ASN A 59 -0.45 -1.00 4.95
CA ASN A 59 0.66 -0.08 5.15
C ASN A 59 1.84 -0.89 5.67
N PRO A 60 2.54 -1.58 4.77
CA PRO A 60 3.66 -2.44 5.14
C PRO A 60 4.98 -1.68 5.20
N ASP A 61 5.11 -0.77 4.29
CA ASP A 61 6.29 0.00 4.01
C ASP A 61 6.47 1.15 4.95
N ARG A 62 5.42 1.49 5.63
CA ARG A 62 5.41 2.58 6.58
C ARG A 62 5.47 3.92 5.92
N ASP A 63 4.49 4.19 5.11
CA ASP A 63 4.28 5.51 4.60
C ASP A 63 3.38 6.22 5.63
N LEU A 64 2.74 7.31 5.27
CA LEU A 64 1.97 8.05 6.27
C LEU A 64 0.53 7.56 6.35
N ARG A 65 0.10 6.86 5.34
CA ARG A 65 -1.25 6.35 5.26
C ARG A 65 -1.27 5.09 4.41
N PRO A 66 -2.08 4.06 4.81
CA PRO A 66 -2.30 2.85 4.00
C PRO A 66 -2.67 3.18 2.58
N TRP A 67 -2.29 2.32 1.72
CA TRP A 67 -2.44 2.51 0.33
C TRP A 67 -2.61 1.16 -0.31
N CYS A 68 -2.71 1.12 -1.60
CA CYS A 68 -2.87 -0.12 -2.29
C CYS A 68 -2.54 0.12 -3.75
N PHE A 69 -2.17 -0.93 -4.46
CA PHE A 69 -1.86 -0.78 -5.87
C PHE A 69 -3.14 -0.73 -6.68
N THR A 70 -3.14 -0.01 -7.73
CA THR A 70 -4.30 0.09 -8.56
C THR A 70 -4.25 -0.89 -9.71
N THR A 71 -5.36 -1.51 -10.00
CA THR A 71 -5.43 -2.39 -11.12
C THR A 71 -5.82 -1.59 -12.37
N ASP A 72 -5.92 -0.26 -12.22
CA ASP A 72 -6.26 0.59 -13.31
C ASP A 72 -5.01 0.83 -14.10
N PRO A 73 -5.02 0.56 -15.41
CA PRO A 73 -3.82 0.65 -16.28
C PRO A 73 -3.04 1.96 -16.15
N ASN A 74 -3.71 3.03 -15.86
CA ASN A 74 -3.09 4.32 -15.77
C ASN A 74 -2.41 4.53 -14.44
N LYS A 75 -3.02 4.05 -13.38
CA LYS A 75 -2.53 4.35 -12.06
C LYS A 75 -1.66 3.23 -11.53
N ARG A 76 -0.49 3.55 -11.02
CA ARG A 76 0.37 2.50 -10.48
C ARG A 76 -0.10 2.15 -9.08
N TRP A 77 -0.27 3.17 -8.26
CA TRP A 77 -0.80 2.99 -6.92
C TRP A 77 -1.58 4.21 -6.47
N GLU A 78 -2.32 4.03 -5.41
CA GLU A 78 -3.15 5.08 -4.80
C GLU A 78 -3.18 4.89 -3.31
N TYR A 79 -3.52 5.95 -2.61
CA TYR A 79 -3.71 5.89 -1.19
C TYR A 79 -5.08 5.34 -0.92
N CYS A 80 -5.27 4.83 0.24
CA CYS A 80 -6.52 4.27 0.59
C CYS A 80 -7.13 5.13 1.68
N ASP A 81 -8.42 5.20 1.75
CA ASP A 81 -9.06 6.02 2.75
C ASP A 81 -9.76 5.14 3.72
N ILE A 82 -9.07 4.85 4.77
CA ILE A 82 -9.56 4.00 5.80
C ILE A 82 -10.12 4.87 6.90
N PRO A 83 -11.30 4.52 7.45
CA PRO A 83 -11.86 5.18 8.64
C PRO A 83 -10.80 5.35 9.74
N ARG A 84 -10.59 6.54 10.17
CA ARG A 84 -9.56 6.85 11.14
C ARG A 84 -10.17 7.50 12.36
N CYS A 85 -9.84 7.03 13.53
CA CYS A 85 -10.27 7.71 14.70
C CYS A 85 -9.27 8.78 15.02
N ALA A 86 -9.75 9.99 15.12
CA ALA A 86 -8.92 11.14 15.40
C ALA A 86 -9.51 11.91 16.56
N ALA A 87 -10.48 11.32 17.19
CA ALA A 87 -11.13 11.94 18.30
C ALA A 87 -10.87 11.12 19.52
N GLY B 1 19.00 7.21 1.41
CA GLY B 1 19.66 6.35 0.44
C GLY B 1 19.54 4.90 0.82
N SER B 2 18.84 4.15 0.01
CA SER B 2 18.66 2.74 0.23
C SER B 2 19.90 1.98 -0.25
N VAL B 3 20.82 1.71 0.64
CA VAL B 3 22.05 1.03 0.29
C VAL B 3 22.20 -0.27 1.05
N GLU B 4 21.16 -0.70 1.70
CA GLU B 4 21.21 -1.94 2.43
C GLU B 4 20.51 -3.03 1.63
N LYS B 5 19.17 -2.95 1.62
CA LYS B 5 18.28 -3.94 1.07
C LYS B 5 18.64 -5.33 1.60
N LEU B 6 18.61 -5.43 2.89
CA LEU B 6 18.84 -6.69 3.56
C LEU B 6 17.65 -7.02 4.43
N THR B 7 17.25 -6.08 5.24
CA THR B 7 16.08 -6.25 6.07
C THR B 7 14.80 -5.94 5.27
N ALA B 8 13.66 -6.25 5.84
CA ALA B 8 12.39 -6.02 5.20
C ALA B 8 12.16 -4.53 5.00
N ASP B 9 12.43 -3.76 6.02
CA ASP B 9 12.24 -2.31 5.98
C ASP B 9 13.20 -1.64 5.04
N ALA B 10 14.28 -2.31 4.72
CA ALA B 10 15.25 -1.79 3.78
C ALA B 10 14.71 -1.93 2.36
N GLU B 11 14.07 -3.06 2.13
CA GLU B 11 13.44 -3.36 0.86
C GLU B 11 12.25 -2.43 0.69
N LEU B 12 11.42 -2.39 1.73
CA LEU B 12 10.25 -1.54 1.81
C LEU B 12 10.62 -0.11 1.52
N GLN B 13 11.75 0.33 2.08
CA GLN B 13 12.24 1.68 1.92
C GLN B 13 12.51 2.00 0.46
N ARG B 14 13.25 1.14 -0.19
CA ARG B 14 13.63 1.32 -1.60
C ARG B 14 12.41 1.33 -2.46
N LEU B 15 11.56 0.39 -2.22
CA LEU B 15 10.30 0.28 -2.95
C LEU B 15 9.41 1.51 -2.72
N LYS B 16 9.42 2.02 -1.52
CA LYS B 16 8.62 3.17 -1.13
C LYS B 16 9.18 4.40 -1.82
N ASN B 17 10.49 4.49 -1.83
CA ASN B 17 11.23 5.54 -2.53
C ASN B 17 10.91 5.48 -4.02
N GLU B 18 10.85 4.26 -4.55
CA GLU B 18 10.48 4.00 -5.93
C GLU B 18 9.13 4.59 -6.23
N ARG B 19 8.14 4.13 -5.51
CA ARG B 19 6.75 4.60 -5.67
C ARG B 19 6.64 6.08 -5.44
N HIS B 20 7.47 6.60 -4.58
CA HIS B 20 7.50 8.01 -4.32
C HIS B 20 8.05 8.77 -5.46
N GLU B 21 9.07 8.24 -6.08
CA GLU B 21 9.55 8.80 -7.30
C GLU B 21 8.51 8.69 -8.37
N GLU B 22 7.91 7.51 -8.51
CA GLU B 22 6.83 7.24 -9.48
C GLU B 22 5.69 8.26 -9.38
N ALA B 23 5.23 8.49 -8.18
CA ALA B 23 4.12 9.39 -7.94
C ALA B 23 4.51 10.83 -8.19
N GLU B 24 5.69 11.21 -7.77
CA GLU B 24 6.16 12.56 -7.97
C GLU B 24 6.48 12.79 -9.43
N LEU B 25 7.03 11.78 -10.05
CA LEU B 25 7.36 11.76 -11.44
C LEU B 25 6.10 11.99 -12.23
N GLU B 26 5.10 11.21 -11.93
CA GLU B 26 3.80 11.28 -12.59
C GLU B 26 3.18 12.67 -12.38
N ARG B 27 3.26 13.13 -11.17
CA ARG B 27 2.76 14.42 -10.75
C ARG B 27 3.47 15.57 -11.48
N LEU B 28 4.74 15.41 -11.71
CA LEU B 28 5.56 16.47 -12.24
C LEU B 28 5.79 16.38 -13.76
N LYS B 29 5.88 15.16 -14.29
CA LYS B 29 6.37 14.94 -15.63
C LYS B 29 5.42 15.45 -16.71
N SER B 30 4.13 15.21 -16.52
CA SER B 30 3.09 15.58 -17.51
C SER B 30 3.24 14.77 -18.83
N GLU B 31 3.93 13.64 -18.72
CA GLU B 31 4.14 12.75 -19.85
C GLU B 31 3.33 11.50 -19.62
N TYR B 32 2.39 11.26 -20.50
CA TYR B 32 1.51 10.15 -20.41
C TYR B 32 1.99 9.10 -21.38
N TYR A 1 -27.11 5.97 11.36
CA TYR A 1 -28.33 6.46 10.73
C TYR A 1 -28.96 5.38 9.86
N VAL A 2 -28.17 4.80 8.96
CA VAL A 2 -28.67 3.71 8.11
C VAL A 2 -27.54 2.75 7.71
N GLU A 3 -26.34 3.27 7.53
CA GLU A 3 -25.19 2.46 7.18
C GLU A 3 -24.28 2.25 8.39
N PHE A 4 -23.36 1.33 8.29
CA PHE A 4 -22.43 1.04 9.36
C PHE A 4 -21.19 1.88 9.13
N SER A 5 -21.05 2.94 9.87
CA SER A 5 -20.00 3.89 9.65
C SER A 5 -18.83 3.74 10.63
N GLU A 6 -19.00 2.99 11.70
CA GLU A 6 -17.95 2.90 12.69
C GLU A 6 -16.98 1.77 12.39
N GLU A 7 -16.07 2.04 11.48
CA GLU A 7 -14.97 1.18 11.16
C GLU A 7 -13.73 2.02 11.08
N CYS A 8 -13.21 2.42 12.19
CA CYS A 8 -12.06 3.27 12.16
C CYS A 8 -10.87 2.52 12.56
N MET A 9 -9.82 2.86 11.93
CA MET A 9 -8.58 2.13 12.10
C MET A 9 -7.54 2.93 12.81
N HIS A 10 -6.59 2.22 13.37
CA HIS A 10 -5.57 2.79 14.22
C HIS A 10 -4.49 3.57 13.46
N GLY A 11 -4.64 4.86 13.47
CA GLY A 11 -3.67 5.79 12.95
C GLY A 11 -3.26 5.57 11.51
N SER A 12 -2.03 5.14 11.34
CA SER A 12 -1.43 5.00 10.03
C SER A 12 -1.78 3.68 9.35
N GLY A 13 -2.47 2.81 10.06
CA GLY A 13 -2.99 1.59 9.46
C GLY A 13 -1.96 0.54 9.07
N GLU A 14 -0.82 0.53 9.70
CA GLU A 14 0.14 -0.56 9.53
C GLU A 14 -0.47 -1.80 10.18
N ASN A 15 -1.22 -1.55 11.23
CA ASN A 15 -1.89 -2.58 12.02
C ASN A 15 -3.26 -2.92 11.42
N TYR A 16 -3.43 -2.57 10.16
CA TYR A 16 -4.69 -2.78 9.47
C TYR A 16 -4.78 -4.20 8.91
N ASP A 17 -5.64 -4.98 9.50
CA ASP A 17 -5.93 -6.34 9.04
C ASP A 17 -7.35 -6.37 8.48
N GLY A 18 -7.97 -5.20 8.43
CA GLY A 18 -9.32 -5.07 7.91
C GLY A 18 -9.39 -5.34 6.41
N LYS A 19 -10.58 -5.42 5.90
CA LYS A 19 -10.77 -5.85 4.53
C LYS A 19 -11.38 -4.76 3.62
N ILE A 20 -10.59 -3.75 3.33
CA ILE A 20 -10.95 -2.77 2.34
C ILE A 20 -10.13 -3.09 1.10
N SER A 21 -10.64 -2.83 -0.04
CA SER A 21 -9.92 -3.16 -1.24
C SER A 21 -9.98 -2.02 -2.25
N LYS A 22 -10.50 -0.89 -1.83
CA LYS A 22 -10.69 0.23 -2.72
C LYS A 22 -9.92 1.43 -2.21
N THR A 23 -9.46 2.27 -3.12
CA THR A 23 -8.58 3.35 -2.76
C THR A 23 -9.37 4.60 -2.36
N MET A 24 -8.67 5.73 -2.21
CA MET A 24 -9.28 7.01 -1.91
C MET A 24 -10.12 7.50 -3.11
N SER A 25 -9.74 7.06 -4.31
CA SER A 25 -10.50 7.34 -5.50
C SER A 25 -11.63 6.31 -5.64
N GLY A 26 -11.55 5.28 -4.82
CA GLY A 26 -12.52 4.22 -4.81
C GLY A 26 -12.22 3.21 -5.85
N LEU A 27 -11.03 3.25 -6.36
CA LEU A 27 -10.58 2.33 -7.34
C LEU A 27 -10.26 1.04 -6.69
N GLU A 28 -10.25 0.01 -7.45
CA GLU A 28 -10.01 -1.29 -6.90
C GLU A 28 -8.52 -1.53 -6.88
N CYS A 29 -8.06 -2.10 -5.81
CA CYS A 29 -6.67 -2.41 -5.68
C CYS A 29 -6.28 -3.65 -6.47
N GLN A 30 -5.04 -3.67 -6.82
CA GLN A 30 -4.41 -4.77 -7.50
C GLN A 30 -3.84 -5.70 -6.44
N ALA A 31 -4.15 -6.98 -6.54
CA ALA A 31 -3.71 -7.97 -5.57
C ALA A 31 -2.20 -7.98 -5.47
N TRP A 32 -1.73 -7.96 -4.24
CA TRP A 32 -0.31 -7.93 -3.91
C TRP A 32 0.47 -9.07 -4.59
N ASP A 33 -0.18 -10.21 -4.69
CA ASP A 33 0.43 -11.41 -5.30
C ASP A 33 0.61 -11.22 -6.80
N SER A 34 -0.21 -10.38 -7.37
CA SER A 34 -0.26 -10.20 -8.77
C SER A 34 0.69 -9.07 -9.20
N GLN A 35 1.45 -9.34 -10.25
CA GLN A 35 2.36 -8.36 -10.84
C GLN A 35 1.69 -7.77 -12.07
N SER A 36 0.41 -8.00 -12.19
CA SER A 36 -0.33 -7.57 -13.33
C SER A 36 -1.44 -6.62 -12.86
N PRO A 37 -1.46 -5.40 -13.39
CA PRO A 37 -0.57 -4.98 -14.52
C PRO A 37 0.75 -4.38 -14.01
N HIS A 38 0.70 -3.90 -12.80
CA HIS A 38 1.83 -3.21 -12.20
C HIS A 38 2.80 -4.16 -11.53
N ALA A 39 4.02 -4.14 -12.00
CA ALA A 39 5.07 -4.95 -11.46
C ALA A 39 5.56 -4.30 -10.17
N HIS A 40 5.63 -5.07 -9.11
CA HIS A 40 6.03 -4.51 -7.83
C HIS A 40 6.79 -5.51 -6.97
N GLY A 41 7.58 -4.99 -6.05
CA GLY A 41 8.29 -5.81 -5.12
C GLY A 41 7.48 -6.10 -3.88
N TYR A 42 6.22 -5.73 -3.88
CA TYR A 42 5.38 -5.98 -2.75
C TYR A 42 4.73 -7.29 -2.98
N ILE A 43 5.50 -8.30 -2.76
CA ILE A 43 5.06 -9.66 -2.90
C ILE A 43 4.83 -10.25 -1.51
N PRO A 44 3.62 -10.81 -1.26
CA PRO A 44 3.26 -11.43 0.04
C PRO A 44 4.21 -12.57 0.43
N SER A 45 4.86 -13.12 -0.56
CA SER A 45 5.74 -14.23 -0.40
C SER A 45 7.03 -13.79 0.28
N LYS A 46 7.38 -12.54 0.12
CA LYS A 46 8.59 -12.05 0.67
C LYS A 46 8.32 -11.26 1.95
N PHE A 47 7.11 -10.74 2.09
CA PHE A 47 6.73 -9.99 3.29
C PHE A 47 5.49 -10.60 3.91
N PRO A 48 5.65 -11.64 4.72
CA PRO A 48 4.52 -12.31 5.39
C PRO A 48 4.05 -11.53 6.63
N ASN A 49 4.99 -10.84 7.22
CA ASN A 49 4.85 -10.13 8.50
C ASN A 49 3.78 -9.03 8.49
N LYS A 50 3.53 -8.43 7.36
CA LYS A 50 2.59 -7.34 7.28
C LYS A 50 1.23 -7.80 6.74
N ASN A 51 1.03 -9.12 6.70
CA ASN A 51 -0.21 -9.77 6.19
C ASN A 51 -0.66 -9.16 4.86
N LEU A 52 0.23 -9.22 3.92
CA LEU A 52 0.01 -8.66 2.63
C LEU A 52 -0.87 -9.64 1.87
N LYS A 53 -2.16 -9.43 1.87
CA LYS A 53 -3.07 -10.41 1.27
C LYS A 53 -4.07 -9.75 0.39
N LYS A 54 -4.59 -10.57 -0.53
CA LYS A 54 -5.58 -10.17 -1.52
C LYS A 54 -5.19 -8.85 -2.17
N ASN A 55 -6.17 -8.05 -2.45
CA ASN A 55 -5.99 -6.73 -2.96
C ASN A 55 -6.50 -5.78 -1.88
N TYR A 56 -6.20 -6.16 -0.65
CA TYR A 56 -6.58 -5.42 0.52
C TYR A 56 -5.62 -4.31 0.79
N CYS A 57 -6.14 -3.14 1.12
CA CYS A 57 -5.28 -2.02 1.39
C CYS A 57 -4.49 -2.32 2.64
N ARG A 58 -3.22 -2.10 2.55
CA ARG A 58 -2.34 -2.38 3.61
C ARG A 58 -1.39 -1.24 3.77
N ASN A 59 -0.65 -1.25 4.82
CA ASN A 59 0.39 -0.28 5.03
C ASN A 59 1.58 -1.06 5.60
N PRO A 60 2.38 -1.67 4.73
CA PRO A 60 3.48 -2.56 5.16
C PRO A 60 4.77 -1.80 5.47
N ASP A 61 4.99 -0.77 4.74
CA ASP A 61 6.18 0.02 4.79
C ASP A 61 6.04 1.26 5.65
N ARG A 62 4.84 1.48 6.14
CA ARG A 62 4.51 2.62 6.99
C ARG A 62 4.58 3.93 6.23
N ASP A 63 3.75 4.02 5.22
CA ASP A 63 3.58 5.24 4.46
C ASP A 63 2.63 6.14 5.26
N LEU A 64 2.11 7.19 4.67
CA LEU A 64 1.26 8.14 5.37
C LEU A 64 -0.02 7.49 5.95
N ARG A 65 -0.54 6.53 5.25
CA ARG A 65 -1.70 5.78 5.67
C ARG A 65 -1.74 4.59 4.75
N PRO A 66 -2.63 3.58 4.97
CA PRO A 66 -2.74 2.45 4.06
C PRO A 66 -3.03 2.88 2.66
N TRP A 67 -2.65 2.07 1.79
CA TRP A 67 -2.63 2.36 0.41
C TRP A 67 -2.68 1.05 -0.30
N CYS A 68 -2.68 1.07 -1.59
CA CYS A 68 -2.72 -0.14 -2.33
C CYS A 68 -2.33 0.16 -3.75
N PHE A 69 -1.98 -0.85 -4.52
CA PHE A 69 -1.68 -0.65 -5.91
C PHE A 69 -2.97 -0.61 -6.67
N THR A 70 -3.05 0.24 -7.63
CA THR A 70 -4.25 0.39 -8.35
C THR A 70 -4.32 -0.64 -9.47
N THR A 71 -5.51 -1.08 -9.80
CA THR A 71 -5.68 -1.98 -10.90
C THR A 71 -5.87 -1.17 -12.21
N ASP A 72 -5.87 0.16 -12.10
CA ASP A 72 -6.01 1.01 -13.26
C ASP A 72 -4.63 1.21 -13.81
N PRO A 73 -4.36 0.83 -15.08
CA PRO A 73 -3.01 0.86 -15.67
C PRO A 73 -2.26 2.18 -15.48
N ASN A 74 -2.98 3.28 -15.57
CA ASN A 74 -2.40 4.62 -15.45
C ASN A 74 -1.89 4.87 -14.04
N LYS A 75 -2.61 4.39 -13.05
CA LYS A 75 -2.29 4.68 -11.68
C LYS A 75 -1.52 3.53 -11.08
N ARG A 76 -0.35 3.78 -10.57
CA ARG A 76 0.43 2.69 -10.02
C ARG A 76 -0.09 2.34 -8.66
N TRP A 77 -0.20 3.33 -7.82
CA TRP A 77 -0.73 3.15 -6.49
C TRP A 77 -1.50 4.36 -6.07
N GLU A 78 -2.29 4.19 -5.06
CA GLU A 78 -3.04 5.26 -4.44
C GLU A 78 -3.15 4.98 -2.97
N TYR A 79 -3.43 6.00 -2.21
CA TYR A 79 -3.69 5.82 -0.81
C TYR A 79 -5.09 5.33 -0.63
N CYS A 80 -5.32 4.65 0.42
CA CYS A 80 -6.60 4.17 0.75
C CYS A 80 -7.13 4.98 1.91
N ASP A 81 -8.29 5.56 1.75
CA ASP A 81 -8.85 6.40 2.79
C ASP A 81 -9.80 5.62 3.62
N ILE A 82 -9.29 5.13 4.69
CA ILE A 82 -10.03 4.36 5.62
C ILE A 82 -10.33 5.28 6.79
N PRO A 83 -11.55 5.23 7.37
CA PRO A 83 -11.88 5.96 8.59
C PRO A 83 -10.77 5.85 9.61
N ARG A 84 -10.26 6.96 10.00
CA ARG A 84 -9.10 7.01 10.82
C ARG A 84 -9.45 7.38 12.26
N CYS A 85 -9.04 6.54 13.15
CA CYS A 85 -9.11 6.80 14.54
C CYS A 85 -7.69 6.98 15.04
N ALA A 86 -7.45 7.97 15.86
CA ALA A 86 -6.10 8.23 16.37
C ALA A 86 -5.66 7.11 17.29
N ALA A 87 -6.61 6.58 17.99
CA ALA A 87 -6.39 5.48 18.87
C ALA A 87 -7.28 4.36 18.40
N GLY B 1 17.74 -10.03 -11.00
CA GLY B 1 17.32 -8.72 -10.49
C GLY B 1 17.55 -8.65 -9.02
N SER B 2 17.19 -7.55 -8.40
CA SER B 2 17.42 -7.40 -7.00
C SER B 2 16.31 -8.06 -6.19
N VAL B 3 16.69 -8.87 -5.23
CA VAL B 3 15.71 -9.54 -4.39
C VAL B 3 15.47 -8.76 -3.11
N GLU B 4 16.55 -8.32 -2.50
CA GLU B 4 16.53 -7.54 -1.31
C GLU B 4 17.90 -6.92 -1.21
N LYS B 5 18.01 -5.66 -1.56
CA LYS B 5 19.32 -5.01 -1.61
C LYS B 5 19.68 -4.43 -0.26
N LEU B 6 18.75 -4.55 0.62
CA LEU B 6 18.85 -4.13 1.98
C LEU B 6 18.28 -5.28 2.80
N THR B 7 17.73 -5.01 3.95
CA THR B 7 17.04 -6.04 4.72
C THR B 7 15.52 -5.94 4.45
N ALA B 8 14.71 -6.78 5.09
CA ALA B 8 13.26 -6.83 4.79
C ALA B 8 12.54 -5.48 4.97
N ASP B 9 12.67 -4.89 6.14
CA ASP B 9 12.00 -3.60 6.46
C ASP B 9 12.64 -2.51 5.65
N ALA B 10 13.90 -2.67 5.44
CA ALA B 10 14.69 -1.75 4.65
C ALA B 10 14.27 -1.77 3.17
N GLU B 11 14.02 -2.96 2.66
CA GLU B 11 13.55 -3.17 1.30
C GLU B 11 12.17 -2.54 1.18
N LEU B 12 11.36 -2.73 2.22
CA LEU B 12 10.05 -2.10 2.34
C LEU B 12 10.18 -0.57 2.27
N GLN B 13 11.12 -0.03 3.00
CA GLN B 13 11.44 1.40 2.98
C GLN B 13 11.82 1.84 1.56
N ARG B 14 12.67 1.06 0.94
CA ARG B 14 13.13 1.31 -0.42
C ARG B 14 11.99 1.26 -1.38
N LEU B 15 11.14 0.28 -1.23
CA LEU B 15 9.94 0.13 -2.05
C LEU B 15 9.02 1.33 -1.90
N LYS B 16 8.89 1.79 -0.67
CA LYS B 16 8.10 2.95 -0.36
C LYS B 16 8.69 4.14 -1.11
N ASN B 17 10.00 4.25 -0.99
CA ASN B 17 10.78 5.29 -1.65
C ASN B 17 10.68 5.17 -3.17
N GLU B 18 10.72 3.95 -3.67
CA GLU B 18 10.57 3.64 -5.09
C GLU B 18 9.29 4.24 -5.60
N ARG B 19 8.21 3.85 -4.96
CA ARG B 19 6.87 4.37 -5.26
C ARG B 19 6.82 5.88 -5.20
N HIS B 20 7.59 6.44 -4.31
CA HIS B 20 7.67 7.85 -4.11
C HIS B 20 8.43 8.54 -5.24
N GLU B 21 9.51 7.91 -5.70
CA GLU B 21 10.20 8.35 -6.91
C GLU B 21 9.27 8.27 -8.10
N GLU B 22 8.58 7.13 -8.22
CA GLU B 22 7.58 6.91 -9.28
C GLU B 22 6.52 8.00 -9.24
N ALA B 23 6.11 8.37 -8.05
CA ALA B 23 5.11 9.42 -7.85
C ALA B 23 5.62 10.76 -8.34
N GLU B 24 6.87 11.07 -8.06
CA GLU B 24 7.48 12.29 -8.52
C GLU B 24 7.66 12.26 -10.03
N LEU B 25 8.03 11.10 -10.53
CA LEU B 25 8.14 10.87 -11.98
C LEU B 25 6.78 11.00 -12.68
N GLU B 26 5.74 10.54 -12.02
CA GLU B 26 4.37 10.67 -12.49
C GLU B 26 4.03 12.15 -12.52
N ARG B 27 4.36 12.81 -11.43
CA ARG B 27 4.14 14.23 -11.26
C ARG B 27 4.92 15.00 -12.33
N LEU B 28 6.11 14.57 -12.62
CA LEU B 28 6.97 15.18 -13.64
C LEU B 28 6.36 14.98 -15.04
N LYS B 29 5.56 13.95 -15.18
CA LYS B 29 4.95 13.60 -16.43
C LYS B 29 3.68 14.43 -16.62
N SER B 30 2.93 14.59 -15.57
CA SER B 30 1.65 15.26 -15.64
C SER B 30 1.71 16.75 -15.29
N GLU B 31 2.68 17.15 -14.50
CA GLU B 31 2.80 18.53 -14.10
C GLU B 31 3.62 19.34 -15.03
N TYR B 32 2.98 20.27 -15.63
CA TYR B 32 3.55 21.27 -16.42
C TYR B 32 3.02 22.56 -15.89
N TYR A 1 -17.23 -8.99 10.17
CA TYR A 1 -16.15 -8.12 9.76
C TYR A 1 -16.66 -7.00 8.87
N VAL A 2 -17.14 -5.95 9.48
CA VAL A 2 -17.55 -4.75 8.76
C VAL A 2 -16.37 -3.81 8.79
N GLU A 3 -15.68 -3.84 9.91
CA GLU A 3 -14.49 -3.07 10.14
C GLU A 3 -13.38 -4.08 10.46
N PHE A 4 -12.20 -3.61 10.72
CA PHE A 4 -11.17 -4.46 11.22
C PHE A 4 -11.37 -4.59 12.72
N SER A 5 -11.17 -3.50 13.39
CA SER A 5 -11.34 -3.40 14.76
C SER A 5 -11.71 -1.96 15.07
N GLU A 6 -13.00 -1.74 15.22
CA GLU A 6 -13.58 -0.44 15.54
C GLU A 6 -13.61 0.52 14.35
N GLU A 7 -14.17 1.67 14.57
CA GLU A 7 -14.47 2.62 13.50
C GLU A 7 -13.30 3.55 13.18
N CYS A 8 -12.13 2.98 13.08
CA CYS A 8 -10.94 3.71 12.74
C CYS A 8 -9.83 2.75 12.43
N MET A 9 -8.67 3.25 12.07
CA MET A 9 -7.55 2.39 11.83
C MET A 9 -6.68 2.25 13.05
N HIS A 10 -5.94 1.19 13.07
CA HIS A 10 -5.09 0.86 14.18
C HIS A 10 -3.69 1.39 13.89
N GLY A 11 -3.33 2.45 14.59
CA GLY A 11 -2.02 3.05 14.43
C GLY A 11 -1.86 3.77 13.12
N SER A 12 -0.79 3.44 12.41
CA SER A 12 -0.49 4.02 11.11
C SER A 12 -1.22 3.25 10.00
N GLY A 13 -1.84 2.15 10.37
CA GLY A 13 -2.59 1.37 9.41
C GLY A 13 -1.81 0.19 8.89
N GLU A 14 -0.65 -0.05 9.48
CA GLU A 14 0.20 -1.19 9.12
C GLU A 14 -0.47 -2.45 9.66
N ASN A 15 -1.18 -2.27 10.73
CA ASN A 15 -1.85 -3.34 11.45
C ASN A 15 -3.28 -3.52 10.92
N TYR A 16 -3.68 -2.64 10.01
CA TYR A 16 -5.03 -2.62 9.47
C TYR A 16 -5.31 -3.86 8.64
N ASP A 17 -6.34 -4.60 9.03
CA ASP A 17 -6.76 -5.78 8.30
C ASP A 17 -8.23 -5.63 7.99
N GLY A 18 -8.51 -4.72 7.09
CA GLY A 18 -9.86 -4.43 6.70
C GLY A 18 -10.17 -4.90 5.30
N LYS A 19 -11.44 -5.14 5.03
CA LYS A 19 -11.94 -5.70 3.78
C LYS A 19 -12.09 -4.64 2.66
N ILE A 20 -11.41 -3.53 2.77
CA ILE A 20 -11.51 -2.51 1.76
C ILE A 20 -10.48 -2.79 0.66
N SER A 21 -10.88 -2.66 -0.59
CA SER A 21 -9.99 -2.95 -1.68
C SER A 21 -9.99 -1.82 -2.70
N LYS A 22 -10.60 -0.71 -2.34
CA LYS A 22 -10.72 0.39 -3.24
C LYS A 22 -9.96 1.57 -2.72
N THR A 23 -9.35 2.32 -3.60
CA THR A 23 -8.44 3.38 -3.22
C THR A 23 -9.23 4.64 -2.83
N MET A 24 -8.55 5.74 -2.57
CA MET A 24 -9.22 6.96 -2.19
C MET A 24 -10.07 7.54 -3.34
N SER A 25 -9.74 7.16 -4.56
CA SER A 25 -10.53 7.51 -5.70
C SER A 25 -11.56 6.41 -5.99
N GLY A 26 -11.45 5.32 -5.25
CA GLY A 26 -12.37 4.22 -5.40
C GLY A 26 -11.99 3.28 -6.51
N LEU A 27 -10.74 3.26 -6.85
CA LEU A 27 -10.25 2.35 -7.86
C LEU A 27 -10.04 1.02 -7.22
N GLU A 28 -9.99 0.00 -7.99
CA GLU A 28 -9.85 -1.32 -7.45
C GLU A 28 -8.37 -1.60 -7.27
N CYS A 29 -8.05 -2.23 -6.19
CA CYS A 29 -6.69 -2.53 -5.89
C CYS A 29 -6.21 -3.80 -6.56
N GLN A 30 -4.96 -3.77 -6.90
CA GLN A 30 -4.24 -4.89 -7.44
C GLN A 30 -3.75 -5.72 -6.28
N ALA A 31 -4.05 -6.99 -6.31
CA ALA A 31 -3.69 -7.91 -5.25
C ALA A 31 -2.19 -7.91 -5.02
N TRP A 32 -1.82 -7.91 -3.76
CA TRP A 32 -0.43 -7.88 -3.34
C TRP A 32 0.29 -9.13 -3.79
N ASP A 33 -0.47 -10.17 -3.97
CA ASP A 33 0.06 -11.45 -4.45
C ASP A 33 0.34 -11.35 -5.94
N SER A 34 -0.33 -10.44 -6.60
CA SER A 34 -0.24 -10.33 -8.01
C SER A 34 0.93 -9.41 -8.42
N GLN A 35 1.81 -9.96 -9.19
CA GLN A 35 3.01 -9.29 -9.68
C GLN A 35 2.70 -8.72 -11.09
N SER A 36 1.44 -8.50 -11.34
CA SER A 36 0.95 -8.02 -12.59
C SER A 36 -0.34 -7.26 -12.29
N PRO A 37 -0.59 -6.14 -12.98
CA PRO A 37 0.32 -5.63 -14.04
C PRO A 37 1.47 -4.83 -13.45
N HIS A 38 1.20 -4.16 -12.36
CA HIS A 38 2.13 -3.26 -11.75
C HIS A 38 3.18 -3.98 -10.95
N ALA A 39 4.40 -3.57 -11.17
CA ALA A 39 5.55 -4.17 -10.59
C ALA A 39 5.70 -3.77 -9.14
N HIS A 40 5.81 -4.75 -8.28
CA HIS A 40 6.08 -4.48 -6.90
C HIS A 40 6.93 -5.57 -6.33
N GLY A 41 7.52 -5.32 -5.20
CA GLY A 41 8.27 -6.34 -4.57
C GLY A 41 7.64 -6.70 -3.27
N TYR A 42 6.33 -6.43 -3.14
CA TYR A 42 5.67 -6.71 -1.90
C TYR A 42 5.05 -8.02 -2.02
N ILE A 43 5.86 -9.00 -1.92
CA ILE A 43 5.43 -10.32 -1.95
C ILE A 43 5.10 -10.69 -0.52
N PRO A 44 3.89 -11.18 -0.26
CA PRO A 44 3.45 -11.51 1.12
C PRO A 44 4.33 -12.57 1.81
N SER A 45 5.14 -13.25 1.04
CA SER A 45 5.99 -14.29 1.54
C SER A 45 7.26 -13.70 2.16
N LYS A 46 7.70 -12.56 1.64
CA LYS A 46 8.90 -11.96 2.11
C LYS A 46 8.60 -10.94 3.20
N PHE A 47 7.37 -10.45 3.23
CA PHE A 47 6.95 -9.53 4.27
C PHE A 47 5.74 -10.13 4.99
N PRO A 48 5.97 -10.98 6.01
CA PRO A 48 4.89 -11.70 6.70
C PRO A 48 4.02 -10.77 7.56
N ASN A 49 4.67 -9.91 8.29
CA ASN A 49 4.03 -9.02 9.25
C ASN A 49 3.27 -7.89 8.59
N LYS A 50 3.49 -7.68 7.33
CA LYS A 50 2.95 -6.55 6.65
C LYS A 50 1.56 -6.79 6.07
N ASN A 51 1.00 -7.94 6.44
CA ASN A 51 -0.40 -8.35 6.21
C ASN A 51 -0.88 -8.11 4.77
N LEU A 52 -0.13 -8.53 3.81
CA LEU A 52 -0.53 -8.38 2.46
C LEU A 52 -1.59 -9.39 2.07
N LYS A 53 -2.83 -9.03 2.29
CA LYS A 53 -3.92 -9.91 1.98
C LYS A 53 -4.69 -9.36 0.84
N LYS A 54 -5.02 -10.25 -0.04
CA LYS A 54 -5.74 -10.03 -1.26
C LYS A 54 -5.33 -8.75 -1.97
N ASN A 55 -6.23 -7.83 -2.06
CA ASN A 55 -6.03 -6.56 -2.67
C ASN A 55 -6.61 -5.53 -1.72
N TYR A 56 -6.49 -5.85 -0.47
CA TYR A 56 -7.01 -5.03 0.57
C TYR A 56 -6.02 -3.97 0.95
N CYS A 57 -6.52 -2.79 1.32
CA CYS A 57 -5.64 -1.66 1.58
C CYS A 57 -4.82 -1.94 2.81
N ARG A 58 -3.55 -1.84 2.66
CA ARG A 58 -2.63 -2.13 3.71
C ARG A 58 -1.59 -1.03 3.74
N ASN A 59 -0.80 -1.03 4.75
CA ASN A 59 0.32 -0.12 4.85
C ASN A 59 1.51 -0.98 5.20
N PRO A 60 2.11 -1.62 4.19
CA PRO A 60 3.19 -2.56 4.41
C PRO A 60 4.53 -1.88 4.52
N ASP A 61 4.77 -0.98 3.64
CA ASP A 61 6.02 -0.30 3.53
C ASP A 61 6.19 0.79 4.56
N ARG A 62 5.12 1.06 5.26
CA ARG A 62 5.09 2.00 6.36
C ARG A 62 5.25 3.43 5.90
N ASP A 63 4.31 3.85 5.08
CA ASP A 63 4.21 5.22 4.63
C ASP A 63 3.31 6.00 5.62
N LEU A 64 2.79 7.14 5.21
CA LEU A 64 2.03 8.04 6.07
C LEU A 64 0.58 7.58 6.24
N ARG A 65 0.08 6.85 5.28
CA ARG A 65 -1.31 6.38 5.30
C ARG A 65 -1.38 5.09 4.49
N PRO A 66 -2.22 4.11 4.88
CA PRO A 66 -2.44 2.89 4.11
C PRO A 66 -2.87 3.19 2.68
N TRP A 67 -2.59 2.27 1.83
CA TRP A 67 -2.77 2.46 0.43
C TRP A 67 -2.92 1.13 -0.25
N CYS A 68 -2.96 1.12 -1.56
CA CYS A 68 -3.07 -0.11 -2.28
C CYS A 68 -2.66 0.14 -3.74
N PHE A 69 -2.29 -0.90 -4.45
CA PHE A 69 -1.92 -0.76 -5.86
C PHE A 69 -3.17 -0.69 -6.69
N THR A 70 -3.13 -0.04 -7.78
CA THR A 70 -4.28 0.06 -8.62
C THR A 70 -4.26 -0.96 -9.74
N THR A 71 -5.43 -1.32 -10.19
CA THR A 71 -5.56 -2.14 -11.35
C THR A 71 -5.50 -1.27 -12.60
N ASP A 72 -5.77 0.05 -12.43
CA ASP A 72 -5.77 0.99 -13.53
C ASP A 72 -4.38 1.12 -14.07
N PRO A 73 -4.18 0.90 -15.38
CA PRO A 73 -2.86 0.94 -15.99
C PRO A 73 -2.06 2.21 -15.70
N ASN A 74 -2.71 3.35 -15.74
CA ASN A 74 -2.04 4.62 -15.55
C ASN A 74 -1.61 4.80 -14.10
N LYS A 75 -2.46 4.42 -13.20
CA LYS A 75 -2.20 4.63 -11.81
C LYS A 75 -1.27 3.51 -11.35
N ARG A 76 -0.22 3.81 -10.66
CA ARG A 76 0.64 2.73 -10.20
C ARG A 76 0.10 2.25 -8.89
N TRP A 77 -0.20 3.20 -8.06
CA TRP A 77 -0.78 2.96 -6.77
C TRP A 77 -1.52 4.18 -6.33
N GLU A 78 -2.23 4.05 -5.26
CA GLU A 78 -2.95 5.17 -4.71
C GLU A 78 -3.18 4.92 -3.23
N TYR A 79 -3.38 5.99 -2.48
CA TYR A 79 -3.69 5.88 -1.09
C TYR A 79 -5.08 5.36 -0.93
N CYS A 80 -5.34 4.81 0.20
CA CYS A 80 -6.63 4.33 0.49
C CYS A 80 -7.16 5.21 1.58
N ASP A 81 -8.41 5.47 1.58
CA ASP A 81 -8.97 6.35 2.56
C ASP A 81 -9.56 5.55 3.68
N ILE A 82 -8.72 5.27 4.62
CA ILE A 82 -9.06 4.50 5.77
C ILE A 82 -9.51 5.44 6.88
N PRO A 83 -10.57 5.06 7.61
CA PRO A 83 -11.02 5.76 8.82
C PRO A 83 -9.84 6.07 9.77
N ARG A 84 -9.78 7.27 10.27
CA ARG A 84 -8.69 7.71 11.13
C ARG A 84 -9.12 7.57 12.54
N CYS A 85 -8.20 7.32 13.41
CA CYS A 85 -8.53 7.17 14.79
C CYS A 85 -7.94 8.33 15.57
N ALA A 86 -8.44 8.53 16.78
CA ALA A 86 -7.95 9.60 17.67
C ALA A 86 -6.75 9.09 18.46
N ALA A 87 -6.02 8.21 17.83
CA ALA A 87 -4.88 7.55 18.35
C ALA A 87 -4.05 7.11 17.16
N GLY B 1 26.33 6.38 2.67
CA GLY B 1 26.50 4.93 2.62
C GLY B 1 25.18 4.24 2.73
N SER B 2 24.93 3.30 1.86
CA SER B 2 23.70 2.57 1.91
C SER B 2 23.75 1.58 3.07
N VAL B 3 24.76 0.69 3.01
CA VAL B 3 25.10 -0.33 4.04
C VAL B 3 23.98 -1.38 4.22
N GLU B 4 22.84 -0.92 4.56
CA GLU B 4 21.72 -1.73 4.86
C GLU B 4 20.61 -1.41 3.89
N LYS B 5 20.68 -2.03 2.75
CA LYS B 5 19.68 -1.82 1.71
C LYS B 5 19.22 -3.17 1.18
N LEU B 6 19.68 -4.24 1.82
CA LEU B 6 19.41 -5.60 1.36
C LEU B 6 18.47 -6.34 2.30
N THR B 7 18.23 -5.79 3.46
CA THR B 7 17.37 -6.41 4.43
C THR B 7 15.91 -6.15 4.07
N ALA B 8 15.02 -7.02 4.52
CA ALA B 8 13.59 -6.96 4.16
C ALA B 8 12.98 -5.61 4.41
N ASP B 9 13.08 -5.11 5.62
CA ASP B 9 12.47 -3.83 5.97
C ASP B 9 13.15 -2.65 5.28
N ALA B 10 14.36 -2.85 4.81
CA ALA B 10 15.07 -1.80 4.10
C ALA B 10 14.69 -1.84 2.63
N GLU B 11 14.50 -3.04 2.11
CA GLU B 11 14.09 -3.25 0.74
C GLU B 11 12.71 -2.67 0.54
N LEU B 12 11.83 -3.02 1.46
CA LEU B 12 10.49 -2.56 1.58
C LEU B 12 10.45 -1.02 1.60
N GLN B 13 11.32 -0.44 2.38
CA GLN B 13 11.42 1.01 2.50
C GLN B 13 11.89 1.65 1.18
N ARG B 14 12.92 1.07 0.59
CA ARG B 14 13.50 1.52 -0.70
C ARG B 14 12.47 1.44 -1.81
N LEU B 15 11.79 0.32 -1.85
CA LEU B 15 10.73 0.08 -2.83
C LEU B 15 9.59 1.09 -2.67
N LYS B 16 9.29 1.44 -1.45
CA LYS B 16 8.29 2.44 -1.13
C LYS B 16 8.75 3.77 -1.66
N ASN B 17 9.98 4.06 -1.36
CA ASN B 17 10.66 5.28 -1.77
C ASN B 17 10.69 5.41 -3.29
N GLU B 18 10.83 4.28 -3.96
CA GLU B 18 10.74 4.18 -5.42
C GLU B 18 9.41 4.73 -5.88
N ARG B 19 8.37 4.12 -5.38
CA ARG B 19 7.00 4.55 -5.62
C ARG B 19 6.70 5.94 -5.14
N HIS B 20 7.49 6.44 -4.24
CA HIS B 20 7.33 7.78 -3.77
C HIS B 20 7.95 8.75 -4.74
N GLU B 21 9.03 8.34 -5.36
CA GLU B 21 9.56 9.08 -6.48
C GLU B 21 8.56 9.05 -7.62
N GLU B 22 7.98 7.87 -7.85
CA GLU B 22 6.91 7.66 -8.84
C GLU B 22 5.73 8.57 -8.57
N ALA B 23 5.41 8.78 -7.30
CA ALA B 23 4.32 9.65 -6.88
C ALA B 23 4.62 11.08 -7.28
N GLU B 24 5.86 11.50 -7.07
CA GLU B 24 6.30 12.83 -7.45
C GLU B 24 6.18 12.95 -8.97
N LEU B 25 6.66 11.94 -9.63
CA LEU B 25 6.66 11.82 -11.08
C LEU B 25 5.23 11.81 -11.65
N GLU B 26 4.33 11.19 -10.95
CA GLU B 26 2.92 11.17 -11.31
C GLU B 26 2.32 12.56 -11.10
N ARG B 27 2.67 13.16 -9.99
CA ARG B 27 2.18 14.49 -9.63
C ARG B 27 2.59 15.51 -10.68
N LEU B 28 3.83 15.40 -11.11
CA LEU B 28 4.39 16.26 -12.14
C LEU B 28 3.67 16.04 -13.47
N LYS B 29 3.19 14.83 -13.67
CA LYS B 29 2.50 14.47 -14.88
C LYS B 29 1.03 14.88 -14.83
N SER B 30 0.54 15.10 -13.63
CA SER B 30 -0.85 15.47 -13.38
C SER B 30 -1.00 17.00 -13.48
N GLU B 31 -0.24 17.61 -14.36
CA GLU B 31 -0.29 19.02 -14.59
C GLU B 31 -1.56 19.37 -15.34
N TYR B 32 -2.10 20.51 -15.05
CA TYR B 32 -3.28 20.97 -15.71
C TYR B 32 -2.96 22.29 -16.36
#